data_7EGK
#
_entry.id   7EGK
#
_cell.length_a   1.00
_cell.length_b   1.00
_cell.length_c   1.00
_cell.angle_alpha   90.00
_cell.angle_beta   90.00
_cell.angle_gamma   90.00
#
_symmetry.space_group_name_H-M   'P 1'
#
loop_
_entity.id
_entity.type
_entity.pdbx_description
1 polymer 'Sodium-dependent bicarbonate transporter SbtA'
2 polymer 'Membrane-associated protein SbtB'
3 non-polymer 'SODIUM ION'
4 non-polymer 'ADENOSINE MONOPHOSPHATE'
#
loop_
_entity_poly.entity_id
_entity_poly.type
_entity_poly.pdbx_seq_one_letter_code
_entity_poly.pdbx_strand_id
1 'polypeptide(L)'
;MDFLSNFLTDFVGQLQSPTLAFLIGGMVIAALGTQLVIPEAISTIIVFMLLTKIGLTGGMAIRNSNLTEMLLPVAFSVIL
GILIVFIARFTLAKLPNVRTVDALATGGLFGAVSGSTMAAALTTLEESKISYEAWAGALYPFMDIPALVTAIVVANIYLN
KRKRKSAAASIEESFSKQPVAAGDYGDQTDYPRTRQEYLSQQEPEDNRVKIWPIIEESLQGPALSAMLLGLALGIFTKPE
SVYEGFYDPLFRGLLSILMLIMGMEAWSRIGELRKVAQWYVVYSLIAPIVHGFIAFGLGMIAHYATGFSLGGVVVLAVIA
ASSSDISGPPTLRAGIPSANPSAYIGSSTAIGTPIAIGVCIPLFIGLAQTLGAG
;
A,C,E
2 'polypeptide(L)'
;MAKPANKLVIVTEKILLKKIAKIIDESGAKGYTVMNTGGKGSRNVRSSGQPNTSDIEANIKFEILTETREMAEEIADRVA
VKYFNDYAGIIYICSAEVLYGHTFCGPEGC
;
D,F,B
#
loop_
_chem_comp.id
_chem_comp.type
_chem_comp.name
_chem_comp.formula
AMP non-polymer 'ADENOSINE MONOPHOSPHATE' 'C10 H14 N5 O7 P'
NA non-polymer 'SODIUM ION' 'Na 1'
#
# COMPACT_ATOMS: atom_id res chain seq x y z
N ASP A 2 38.55 24.69 -16.04
CA ASP A 2 37.85 25.97 -16.07
C ASP A 2 36.42 25.80 -15.53
N PHE A 3 35.46 26.42 -16.22
CA PHE A 3 34.05 26.34 -15.83
C PHE A 3 33.31 25.29 -16.65
N LEU A 4 33.29 25.47 -17.98
CA LEU A 4 32.63 24.50 -18.84
C LEU A 4 33.46 23.25 -19.07
N SER A 5 34.76 23.30 -18.78
CA SER A 5 35.55 22.08 -18.74
C SER A 5 35.20 21.25 -17.51
N ASN A 6 34.82 21.93 -16.42
CA ASN A 6 34.43 21.23 -15.20
C ASN A 6 33.03 20.66 -15.32
N PHE A 7 32.15 21.33 -16.09
CA PHE A 7 30.73 20.97 -16.09
C PHE A 7 30.46 19.70 -16.87
N LEU A 8 31.10 19.53 -18.03
CA LEU A 8 30.71 18.45 -18.94
C LEU A 8 31.16 17.09 -18.41
N THR A 9 32.33 17.04 -17.75
CA THR A 9 32.73 15.79 -17.10
C THR A 9 32.01 15.59 -15.77
N ASP A 10 31.38 16.62 -15.24
CA ASP A 10 30.47 16.44 -14.12
C ASP A 10 29.08 16.02 -14.60
N PHE A 11 28.77 16.29 -15.87
CA PHE A 11 27.46 15.91 -16.39
C PHE A 11 27.41 14.43 -16.72
N VAL A 12 28.45 13.90 -17.35
CA VAL A 12 28.50 12.48 -17.66
C VAL A 12 28.91 11.72 -16.41
N GLY A 13 29.52 12.41 -15.45
CA GLY A 13 29.87 11.81 -14.19
C GLY A 13 28.65 11.54 -13.32
N GLN A 14 27.60 12.35 -13.50
CA GLN A 14 26.37 12.10 -12.78
C GLN A 14 25.41 11.18 -13.52
N LEU A 15 25.51 11.10 -14.84
CA LEU A 15 24.79 10.08 -15.57
C LEU A 15 25.35 8.68 -15.35
N GLN A 16 26.61 8.57 -14.94
CA GLN A 16 27.25 7.31 -14.63
C GLN A 16 27.15 7.02 -13.14
N SER A 17 26.06 7.44 -12.54
CA SER A 17 25.85 7.31 -11.10
C SER A 17 24.35 7.12 -10.89
N PRO A 18 23.94 6.66 -9.69
CA PRO A 18 22.50 6.70 -9.39
C PRO A 18 22.00 8.11 -9.18
N THR A 19 20.72 8.25 -8.86
CA THR A 19 19.94 9.47 -8.57
C THR A 19 19.69 10.29 -9.84
N LEU A 20 20.34 9.98 -10.96
CA LEU A 20 19.99 10.60 -12.22
C LEU A 20 19.68 9.48 -13.20
N ALA A 21 20.34 8.34 -13.04
CA ALA A 21 20.08 7.19 -13.89
C ALA A 21 18.70 6.60 -13.64
N PHE A 22 18.24 6.62 -12.39
CA PHE A 22 16.88 6.17 -12.11
C PHE A 22 15.86 7.18 -12.58
N LEU A 23 16.25 8.46 -12.68
CA LEU A 23 15.39 9.46 -13.31
C LEU A 23 15.26 9.20 -14.82
N ILE A 24 16.38 8.95 -15.48
CA ILE A 24 16.36 8.63 -16.91
C ILE A 24 15.74 7.25 -17.13
N GLY A 25 16.02 6.30 -16.24
CA GLY A 25 15.52 4.95 -16.42
C GLY A 25 14.01 4.85 -16.25
N GLY A 26 13.45 5.66 -15.37
CA GLY A 26 12.00 5.76 -15.27
C GLY A 26 11.37 6.48 -16.43
N MET A 27 12.11 7.38 -17.07
CA MET A 27 11.58 8.13 -18.19
C MET A 27 11.62 7.30 -19.46
N VAL A 28 12.57 6.37 -19.56
CA VAL A 28 12.67 5.52 -20.74
C VAL A 28 11.62 4.42 -20.72
N ILE A 29 11.41 3.78 -19.58
CA ILE A 29 10.45 2.67 -19.53
C ILE A 29 9.03 3.19 -19.60
N ALA A 30 8.80 4.44 -19.19
CA ALA A 30 7.47 5.03 -19.38
C ALA A 30 7.24 5.39 -20.83
N ALA A 31 8.30 5.75 -21.55
CA ALA A 31 8.16 6.04 -22.99
C ALA A 31 7.96 4.75 -23.77
N LEU A 32 8.53 3.64 -23.31
CA LEU A 32 8.32 2.35 -23.95
C LEU A 32 7.01 1.71 -23.54
N GLY A 33 6.26 2.32 -22.63
CA GLY A 33 4.90 1.90 -22.33
C GLY A 33 4.78 0.77 -21.34
N THR A 34 5.53 0.80 -20.26
CA THR A 34 5.51 -0.29 -19.29
C THR A 34 4.22 -0.27 -18.48
N GLN A 35 3.85 -1.45 -17.98
CA GLN A 35 2.76 -1.56 -17.02
C GLN A 35 3.27 -1.61 -15.59
N LEU A 36 4.58 -1.43 -15.40
CA LEU A 36 5.13 -1.33 -14.06
C LEU A 36 4.68 -0.03 -13.41
N VAL A 37 4.02 -0.15 -12.26
CA VAL A 37 3.65 1.01 -11.47
C VAL A 37 4.21 0.82 -10.07
N ILE A 38 4.58 1.91 -9.43
CA ILE A 38 4.93 1.90 -8.02
C ILE A 38 3.65 2.27 -7.29
N PRO A 39 3.22 1.52 -6.28
CA PRO A 39 1.94 1.81 -5.64
C PRO A 39 1.97 3.12 -4.84
N GLU A 40 0.79 3.68 -4.66
CA GLU A 40 0.65 5.00 -4.05
C GLU A 40 0.96 4.95 -2.56
N ALA A 41 0.77 3.78 -1.94
CA ALA A 41 1.15 3.60 -0.55
C ALA A 41 2.66 3.58 -0.37
N ILE A 42 3.39 3.07 -1.36
CA ILE A 42 4.85 3.08 -1.28
C ILE A 42 5.40 4.48 -1.54
N SER A 43 4.75 5.25 -2.42
CA SER A 43 5.22 6.59 -2.73
C SER A 43 4.97 7.54 -1.55
N THR A 44 3.95 7.28 -0.75
CA THR A 44 3.67 8.11 0.41
C THR A 44 4.66 7.85 1.54
N ILE A 45 5.05 6.60 1.76
CA ILE A 45 5.96 6.30 2.85
C ILE A 45 7.40 6.63 2.48
N ILE A 46 7.71 6.77 1.18
CA ILE A 46 9.07 7.12 0.80
C ILE A 46 9.32 8.60 1.05
N VAL A 47 8.35 9.45 0.69
CA VAL A 47 8.45 10.88 0.94
C VAL A 47 8.48 11.17 2.45
N PHE A 48 7.74 10.37 3.22
CA PHE A 48 7.82 10.48 4.67
C PHE A 48 9.21 10.12 5.19
N MET A 49 9.81 9.06 4.64
CA MET A 49 11.09 8.59 5.16
C MET A 49 12.24 9.52 4.78
N LEU A 50 12.16 10.14 3.60
CA LEU A 50 13.23 11.03 3.18
C LEU A 50 13.16 12.36 3.91
N LEU A 51 11.95 12.88 4.11
CA LEU A 51 11.81 14.21 4.70
C LEU A 51 11.91 14.17 6.22
N THR A 52 11.68 13.01 6.84
CA THR A 52 11.94 12.90 8.27
C THR A 52 13.43 12.84 8.54
N LYS A 53 14.20 12.19 7.67
CA LYS A 53 15.64 12.12 7.85
C LYS A 53 16.29 13.48 7.67
N ILE A 54 15.82 14.25 6.68
CA ILE A 54 16.33 15.61 6.47
C ILE A 54 15.96 16.49 7.65
N GLY A 55 14.78 16.29 8.22
CA GLY A 55 14.39 17.05 9.39
C GLY A 55 15.16 16.67 10.65
N LEU A 56 15.54 15.40 10.76
CA LEU A 56 16.26 14.96 11.96
C LEU A 56 17.67 15.52 12.00
N THR A 57 18.33 15.60 10.85
CA THR A 57 19.65 16.22 10.79
C THR A 57 19.55 17.72 10.98
N GLY A 58 18.57 18.34 10.34
CA GLY A 58 18.34 19.75 10.50
C GLY A 58 17.56 20.01 11.77
N GLY A 59 18.24 20.03 12.90
CA GLY A 59 17.59 20.07 14.18
C GLY A 59 18.38 19.32 15.21
N MET A 60 19.14 18.32 14.78
CA MET A 60 20.27 17.88 15.58
C MET A 60 21.45 18.83 15.44
N ALA A 61 21.42 19.70 14.42
CA ALA A 61 22.41 20.74 14.22
C ALA A 61 21.92 22.10 14.67
N ILE A 62 20.60 22.29 14.79
CA ILE A 62 20.05 23.58 15.19
C ILE A 62 20.29 23.81 16.68
N ARG A 63 20.16 22.77 17.50
CA ARG A 63 20.38 22.91 18.93
C ARG A 63 21.84 23.13 19.29
N ASN A 64 22.77 22.87 18.37
CA ASN A 64 24.16 23.27 18.52
C ASN A 64 24.45 24.62 17.90
N SER A 65 23.54 25.14 17.06
CA SER A 65 23.81 26.32 16.27
C SER A 65 23.62 27.60 17.09
N ASN A 66 23.95 28.72 16.45
CA ASN A 66 23.92 30.03 17.10
C ASN A 66 22.63 30.80 16.83
N LEU A 67 21.85 30.36 15.83
CA LEU A 67 20.62 31.00 15.34
C LEU A 67 20.84 32.41 14.82
N THR A 68 22.07 32.78 14.50
CA THR A 68 22.36 33.97 13.71
C THR A 68 23.07 33.62 12.41
N GLU A 69 23.63 32.41 12.31
CA GLU A 69 24.13 31.92 11.03
C GLU A 69 22.99 31.59 10.08
N MET A 70 21.84 31.21 10.62
CA MET A 70 20.66 30.88 9.84
C MET A 70 19.67 32.03 9.87
N LEU A 71 20.18 33.26 9.80
CA LEU A 71 19.34 34.44 9.71
C LEU A 71 19.27 35.00 8.29
N LEU A 72 20.42 35.14 7.65
CA LEU A 72 20.46 35.57 6.25
C LEU A 72 20.06 34.51 5.24
N PRO A 73 20.37 33.21 5.40
CA PRO A 73 19.78 32.23 4.46
C PRO A 73 18.27 32.08 4.60
N VAL A 74 17.71 32.28 5.79
CA VAL A 74 16.26 32.25 5.91
C VAL A 74 15.64 33.51 5.32
N ALA A 75 16.32 34.66 5.45
CA ALA A 75 15.84 35.89 4.84
C ALA A 75 15.96 35.85 3.33
N PHE A 76 17.02 35.20 2.81
CA PHE A 76 17.22 35.18 1.37
C PHE A 76 16.33 34.17 0.68
N SER A 77 15.94 33.11 1.37
CA SER A 77 15.08 32.12 0.75
C SER A 77 13.62 32.54 0.79
N VAL A 78 13.26 33.50 1.65
CA VAL A 78 11.93 34.09 1.59
C VAL A 78 11.84 35.04 0.41
N ILE A 79 12.90 35.83 0.18
CA ILE A 79 12.93 36.78 -0.92
C ILE A 79 12.92 36.07 -2.27
N LEU A 80 13.61 34.94 -2.35
CA LEU A 80 13.67 34.18 -3.60
C LEU A 80 12.32 33.57 -3.95
N GLY A 81 11.53 33.20 -2.94
CA GLY A 81 10.20 32.71 -3.21
C GLY A 81 9.28 33.76 -3.78
N ILE A 82 9.46 35.01 -3.36
CA ILE A 82 8.63 36.10 -3.86
C ILE A 82 9.14 36.59 -5.21
N LEU A 83 10.46 36.60 -5.40
CA LEU A 83 11.05 37.17 -6.61
C LEU A 83 10.81 36.29 -7.83
N ILE A 84 10.74 34.98 -7.64
CA ILE A 84 10.57 34.06 -8.77
C ILE A 84 9.19 34.21 -9.39
N VAL A 85 8.16 34.38 -8.55
CA VAL A 85 6.82 34.64 -9.06
C VAL A 85 6.74 36.00 -9.77
N PHE A 86 7.50 36.98 -9.30
CA PHE A 86 7.51 38.28 -9.94
C PHE A 86 8.34 38.30 -11.21
N ILE A 87 9.25 37.36 -11.39
CA ILE A 87 9.97 37.25 -12.66
C ILE A 87 9.06 36.69 -13.74
N ALA A 88 8.25 35.69 -13.39
CA ALA A 88 7.32 35.11 -14.36
C ALA A 88 6.16 36.04 -14.67
N ARG A 89 5.88 37.03 -13.82
CA ARG A 89 4.85 38.02 -14.12
C ARG A 89 5.31 38.96 -15.23
N PHE A 90 6.59 39.29 -15.29
CA PHE A 90 7.08 40.29 -16.23
C PHE A 90 7.80 39.72 -17.44
N THR A 91 8.08 38.42 -17.48
CA THR A 91 8.71 37.80 -18.64
C THR A 91 7.78 36.83 -19.34
N LEU A 92 7.26 35.83 -18.63
CA LEU A 92 6.42 34.81 -19.25
C LEU A 92 5.05 35.35 -19.63
N ALA A 93 4.48 36.24 -18.84
CA ALA A 93 3.14 36.74 -19.11
C ALA A 93 3.10 37.84 -20.16
N LYS A 94 4.26 38.32 -20.63
CA LYS A 94 4.33 39.33 -21.67
C LYS A 94 4.54 38.72 -23.05
N LEU A 95 4.26 37.43 -23.17
CA LEU A 95 4.40 36.66 -24.39
C LEU A 95 3.03 36.53 -25.06
N PRO A 96 3.00 36.27 -26.41
CA PRO A 96 1.73 36.32 -27.17
C PRO A 96 0.55 35.48 -26.70
N ASN A 97 0.68 34.17 -26.58
CA ASN A 97 -0.47 33.32 -26.28
C ASN A 97 -0.35 32.74 -24.88
N VAL A 98 0.17 33.52 -23.94
CA VAL A 98 0.28 33.10 -22.55
C VAL A 98 -0.71 33.94 -21.75
N ARG A 99 -1.67 33.27 -21.11
CA ARG A 99 -2.57 33.96 -20.21
C ARG A 99 -1.81 34.38 -18.95
N THR A 100 -2.20 35.54 -18.40
CA THR A 100 -1.50 36.08 -17.25
C THR A 100 -1.77 35.26 -15.99
N VAL A 101 -2.95 34.66 -15.91
CA VAL A 101 -3.29 33.87 -14.73
C VAL A 101 -2.66 32.50 -14.80
N ASP A 102 -2.21 32.09 -16.00
CA ASP A 102 -1.48 30.83 -16.14
C ASP A 102 0.00 31.02 -15.87
N ALA A 103 0.53 32.20 -16.16
CA ALA A 103 1.94 32.46 -15.91
C ALA A 103 2.21 32.67 -14.42
N LEU A 104 1.24 33.25 -13.70
CA LEU A 104 1.42 33.46 -12.27
C LEU A 104 1.30 32.14 -11.51
N ALA A 105 0.53 31.20 -12.05
CA ALA A 105 0.47 29.88 -11.43
C ALA A 105 1.71 29.06 -11.77
N THR A 106 2.29 29.28 -12.94
CA THR A 106 3.53 28.57 -13.29
C THR A 106 4.70 29.11 -12.49
N GLY A 107 4.77 30.42 -12.31
CA GLY A 107 5.84 30.99 -11.50
C GLY A 107 5.71 30.67 -10.03
N GLY A 108 4.50 30.36 -9.57
CA GLY A 108 4.31 29.91 -8.20
C GLY A 108 4.82 28.51 -7.98
N LEU A 109 4.77 27.66 -9.01
CA LEU A 109 5.31 26.32 -8.86
C LEU A 109 6.83 26.31 -8.98
N PHE A 110 7.38 27.22 -9.79
CA PHE A 110 8.84 27.29 -9.91
C PHE A 110 9.48 28.03 -8.75
N GLY A 111 8.69 28.73 -7.94
CA GLY A 111 9.23 29.28 -6.71
C GLY A 111 9.16 28.30 -5.58
N ALA A 112 8.16 27.42 -5.60
CA ALA A 112 8.04 26.36 -4.60
C ALA A 112 9.12 25.32 -4.81
N VAL A 113 9.32 24.48 -3.81
CA VAL A 113 10.44 23.57 -3.78
C VAL A 113 9.94 22.14 -3.95
N SER A 114 10.70 21.35 -4.70
CA SER A 114 10.53 19.91 -4.78
C SER A 114 11.40 19.27 -3.71
N GLY A 115 10.79 18.50 -2.81
CA GLY A 115 11.57 17.74 -1.85
C GLY A 115 12.32 16.59 -2.48
N SER A 116 11.87 16.17 -3.67
CA SER A 116 12.55 15.08 -4.41
C SER A 116 13.86 15.62 -4.99
N THR A 117 13.87 16.89 -5.40
CA THR A 117 15.07 17.50 -5.95
C THR A 117 16.04 17.92 -4.86
N MET A 118 15.51 18.35 -3.70
CA MET A 118 16.37 18.74 -2.60
C MET A 118 17.09 17.53 -2.00
N ALA A 119 16.41 16.39 -1.94
CA ALA A 119 17.04 15.17 -1.44
C ALA A 119 18.07 14.65 -2.43
N ALA A 120 17.87 14.90 -3.71
CA ALA A 120 18.85 14.52 -4.72
C ALA A 120 20.08 15.40 -4.68
N ALA A 121 19.97 16.62 -4.15
CA ALA A 121 21.12 17.50 -4.07
C ALA A 121 21.98 17.22 -2.86
N LEU A 122 21.37 16.74 -1.78
CA LEU A 122 22.14 16.44 -0.57
C LEU A 122 22.96 15.17 -0.75
N THR A 123 22.43 14.20 -1.50
CA THR A 123 23.18 12.96 -1.71
C THR A 123 24.32 13.16 -2.70
N THR A 124 24.16 14.07 -3.65
CA THR A 124 25.24 14.33 -4.58
C THR A 124 26.35 15.13 -3.91
N LEU A 125 26.00 15.95 -2.92
CA LEU A 125 27.01 16.68 -2.17
C LEU A 125 27.81 15.75 -1.26
N GLU A 126 27.17 14.68 -0.78
CA GLU A 126 27.86 13.74 0.09
C GLU A 126 28.90 12.94 -0.68
N GLU A 127 28.53 12.43 -1.86
CA GLU A 127 29.50 11.63 -2.61
C GLU A 127 30.37 12.47 -3.53
N SER A 128 30.22 13.79 -3.53
CA SER A 128 31.24 14.67 -4.06
C SER A 128 32.13 15.21 -2.96
N LYS A 129 31.85 14.83 -1.71
CA LYS A 129 32.61 15.19 -0.51
C LYS A 129 32.71 16.70 -0.33
N ILE A 130 31.55 17.33 -0.29
CA ILE A 130 31.43 18.76 0.00
C ILE A 130 30.60 18.90 1.26
N SER A 131 31.15 19.57 2.26
CA SER A 131 30.44 19.76 3.51
C SER A 131 29.42 20.88 3.37
N TYR A 132 28.26 20.68 4.00
CA TYR A 132 27.22 21.68 3.99
C TYR A 132 26.63 21.77 5.39
N GLU A 133 25.94 22.87 5.66
CA GLU A 133 25.23 23.02 6.92
C GLU A 133 24.08 22.05 6.99
N ALA A 134 23.96 21.33 8.09
CA ALA A 134 22.97 20.27 8.19
C ALA A 134 21.55 20.80 8.33
N TRP A 135 21.40 22.06 8.74
CA TRP A 135 20.09 22.68 8.82
C TRP A 135 19.64 23.29 7.50
N ALA A 136 20.38 23.10 6.42
CA ALA A 136 20.03 23.73 5.15
C ALA A 136 18.80 23.09 4.53
N GLY A 137 18.44 21.88 4.95
CA GLY A 137 17.17 21.31 4.55
C GLY A 137 15.97 21.99 5.16
N ALA A 138 16.16 22.70 6.27
CA ALA A 138 15.09 23.45 6.91
C ALA A 138 14.80 24.78 6.23
N LEU A 139 15.52 25.12 5.16
CA LEU A 139 15.16 26.24 4.30
C LEU A 139 14.04 25.89 3.34
N TYR A 140 13.63 24.63 3.28
CA TYR A 140 12.58 24.17 2.37
C TYR A 140 11.21 24.81 2.60
N PRO A 141 10.67 24.96 3.83
CA PRO A 141 9.40 25.68 3.94
C PRO A 141 9.52 27.18 3.78
N PHE A 142 10.70 27.76 3.94
CA PHE A 142 10.84 29.20 3.85
C PHE A 142 10.87 29.72 2.42
N MET A 143 11.00 28.86 1.43
CA MET A 143 10.83 29.24 0.03
C MET A 143 9.54 28.72 -0.57
N ASP A 144 9.11 27.53 -0.15
CA ASP A 144 7.94 26.90 -0.72
C ASP A 144 6.67 27.69 -0.41
N ILE A 145 6.51 28.11 0.84
CA ILE A 145 5.30 28.78 1.31
C ILE A 145 5.21 30.24 0.86
N PRO A 146 6.25 31.10 0.92
CA PRO A 146 6.06 32.46 0.39
C PRO A 146 5.91 32.52 -1.13
N ALA A 147 6.25 31.46 -1.85
CA ALA A 147 6.03 31.46 -3.30
C ALA A 147 4.60 31.12 -3.64
N LEU A 148 4.01 30.15 -2.93
CA LEU A 148 2.62 29.79 -3.18
C LEU A 148 1.66 30.86 -2.68
N VAL A 149 2.05 31.59 -1.64
CA VAL A 149 1.20 32.68 -1.15
C VAL A 149 1.24 33.86 -2.12
N THR A 150 2.42 34.17 -2.66
CA THR A 150 2.56 35.30 -3.58
C THR A 150 1.85 35.04 -4.90
N ALA A 151 1.83 33.80 -5.37
CA ALA A 151 1.14 33.49 -6.61
C ALA A 151 -0.36 33.62 -6.47
N ILE A 152 -0.89 33.24 -5.31
CA ILE A 152 -2.34 33.32 -5.09
C ILE A 152 -2.78 34.76 -4.86
N VAL A 153 -1.95 35.53 -4.15
CA VAL A 153 -2.30 36.91 -3.82
C VAL A 153 -2.24 37.79 -5.07
N VAL A 154 -1.18 37.66 -5.87
CA VAL A 154 -1.01 38.51 -7.03
C VAL A 154 -2.02 38.16 -8.13
N ALA A 155 -2.35 36.88 -8.29
CA ALA A 155 -3.34 36.49 -9.30
C ALA A 155 -4.74 36.95 -8.92
N ASN A 156 -5.07 36.94 -7.63
CA ASN A 156 -6.39 37.40 -7.21
C ASN A 156 -6.52 38.90 -7.29
N ILE A 157 -5.41 39.64 -7.24
CA ILE A 157 -5.46 41.07 -7.49
C ILE A 157 -5.72 41.34 -8.96
N TYR A 158 -5.11 40.53 -9.84
CA TYR A 158 -5.26 40.70 -11.27
C TYR A 158 -6.67 40.36 -11.73
N LEU A 159 -7.31 39.38 -11.08
CA LEU A 159 -8.67 39.03 -11.48
C LEU A 159 -9.67 40.07 -11.03
N ASN A 160 -9.36 40.82 -9.97
CA ASN A 160 -10.24 41.89 -9.55
C ASN A 160 -10.01 43.16 -10.35
N LYS A 161 -8.78 43.34 -10.86
CA LYS A 161 -8.52 44.45 -11.77
C LYS A 161 -9.27 44.26 -13.09
N ARG A 162 -9.30 43.04 -13.60
CA ARG A 162 -9.97 42.77 -14.87
C ARG A 162 -11.48 42.79 -14.73
N LYS A 163 -12.01 42.53 -13.53
CA LYS A 163 -13.44 42.63 -13.33
C LYS A 163 -13.90 44.07 -13.29
N ARG A 164 -13.05 44.98 -12.81
CA ARG A 164 -13.39 46.39 -12.73
C ARG A 164 -12.61 47.19 -13.77
N ARG A 208 -7.74 41.27 -0.41
CA ARG A 208 -9.04 40.69 -0.12
C ARG A 208 -8.92 39.23 0.27
N VAL A 209 -7.94 38.56 -0.30
CA VAL A 209 -7.73 37.13 -0.10
C VAL A 209 -7.13 36.89 1.29
N LYS A 210 -7.57 35.82 1.95
CA LYS A 210 -7.11 35.48 3.29
C LYS A 210 -5.78 34.74 3.20
N ILE A 211 -4.73 35.36 3.73
CA ILE A 211 -3.38 34.82 3.59
C ILE A 211 -3.13 33.65 4.53
N TRP A 212 -3.59 33.75 5.79
CA TRP A 212 -3.25 32.74 6.79
C TRP A 212 -3.83 31.35 6.52
N PRO A 213 -5.06 31.16 6.00
CA PRO A 213 -5.46 29.80 5.58
C PRO A 213 -4.60 29.20 4.48
N ILE A 214 -3.96 30.00 3.64
CA ILE A 214 -3.02 29.43 2.67
C ILE A 214 -1.77 28.91 3.36
N ILE A 215 -1.27 29.62 4.37
CA ILE A 215 -0.12 29.16 5.14
C ILE A 215 -0.50 27.96 6.01
N GLU A 216 -1.75 27.90 6.44
CA GLU A 216 -2.18 26.78 7.27
C GLU A 216 -2.31 25.49 6.46
N GLU A 217 -2.74 25.59 5.20
CA GLU A 217 -2.84 24.42 4.35
C GLU A 217 -1.47 23.90 3.95
N SER A 218 -0.50 24.81 3.79
CA SER A 218 0.83 24.41 3.37
C SER A 218 1.61 23.77 4.51
N LEU A 219 1.41 24.24 5.74
CA LEU A 219 2.05 23.63 6.89
C LEU A 219 1.49 22.26 7.20
N GLN A 220 0.24 22.00 6.86
CA GLN A 220 -0.42 20.76 7.18
C GLN A 220 -0.32 19.72 6.06
N GLY A 221 0.44 20.01 5.00
CA GLY A 221 0.63 19.06 3.93
C GLY A 221 1.49 17.91 4.38
N PRO A 222 1.35 16.75 3.71
CA PRO A 222 2.03 15.54 4.20
C PRO A 222 3.54 15.58 4.06
N ALA A 223 4.05 16.34 3.10
CA ALA A 223 5.49 16.47 2.92
C ALA A 223 6.09 17.37 3.99
N LEU A 224 5.49 18.55 4.19
CA LEU A 224 6.11 19.54 5.06
C LEU A 224 5.83 19.24 6.53
N SER A 225 4.80 18.44 6.83
CA SER A 225 4.57 18.04 8.21
C SER A 225 5.57 16.97 8.65
N ALA A 226 6.08 16.19 7.71
CA ALA A 226 7.07 15.17 8.04
C ALA A 226 8.41 15.80 8.37
N MET A 227 8.74 16.91 7.71
CA MET A 227 10.00 17.60 8.00
C MET A 227 9.92 18.33 9.33
N LEU A 228 8.80 18.99 9.60
CA LEU A 228 8.62 19.72 10.84
C LEU A 228 8.57 18.78 12.04
N LEU A 229 8.04 17.58 11.83
CA LEU A 229 8.12 16.55 12.86
C LEU A 229 9.57 16.15 13.12
N GLY A 230 10.34 15.97 12.07
CA GLY A 230 11.75 15.68 12.19
C GLY A 230 12.59 16.79 12.79
N LEU A 231 12.28 18.06 12.48
CA LEU A 231 12.91 19.20 13.12
C LEU A 231 12.67 19.24 14.61
N ALA A 232 11.44 18.98 15.05
CA ALA A 232 11.12 19.04 16.46
C ALA A 232 11.73 17.88 17.23
N LEU A 233 11.82 16.70 16.61
CA LEU A 233 12.43 15.56 17.29
C LEU A 233 13.94 15.68 17.30
N GLY A 234 14.51 16.44 16.38
CA GLY A 234 15.94 16.67 16.42
C GLY A 234 16.34 17.65 17.51
N ILE A 235 15.52 18.67 17.74
CA ILE A 235 15.90 19.72 18.68
C ILE A 235 15.64 19.28 20.11
N PHE A 236 14.42 18.86 20.42
CA PHE A 236 14.00 18.65 21.79
C PHE A 236 14.29 17.25 22.31
N THR A 237 14.70 16.33 21.46
CA THR A 237 14.82 14.91 21.81
C THR A 237 16.22 14.45 21.39
N LYS A 238 16.54 13.19 21.63
CA LYS A 238 17.80 12.57 21.22
C LYS A 238 17.49 11.37 20.33
N PRO A 239 17.24 11.61 19.04
CA PRO A 239 16.84 10.52 18.14
C PRO A 239 17.99 9.82 17.44
N GLU A 240 19.22 9.95 17.94
CA GLU A 240 20.41 9.47 17.25
C GLU A 240 20.43 7.96 17.05
N SER A 241 19.74 7.21 17.89
CA SER A 241 19.77 5.75 17.77
C SER A 241 18.91 5.27 16.61
N VAL A 242 17.71 5.85 16.45
CA VAL A 242 16.86 5.45 15.34
C VAL A 242 17.31 6.12 14.05
N TYR A 243 18.08 7.19 14.13
CA TYR A 243 18.56 7.87 12.93
C TYR A 243 19.69 7.08 12.29
N GLU A 244 20.65 6.62 13.09
CA GLU A 244 21.80 5.92 12.54
C GLU A 244 21.46 4.49 12.11
N GLY A 245 20.35 3.95 12.59
CA GLY A 245 20.00 2.59 12.27
C GLY A 245 18.97 2.44 11.17
N PHE A 246 18.08 3.42 11.04
CA PHE A 246 16.96 3.32 10.10
C PHE A 246 16.94 4.40 9.05
N TYR A 247 16.93 5.67 9.44
CA TYR A 247 16.61 6.73 8.50
C TYR A 247 17.80 7.10 7.63
N ASP A 248 19.00 7.01 8.17
CA ASP A 248 20.21 7.26 7.40
C ASP A 248 20.66 6.12 6.49
N PRO A 249 20.66 4.82 6.89
CA PRO A 249 21.10 3.81 5.93
C PRO A 249 20.09 3.51 4.83
N LEU A 250 18.84 3.92 4.99
CA LEU A 250 17.82 3.69 3.98
C LEU A 250 17.58 4.89 3.08
N PHE A 251 18.42 5.93 3.17
CA PHE A 251 18.13 7.18 2.47
C PHE A 251 18.40 7.07 0.98
N ARG A 252 19.61 6.63 0.61
CA ARG A 252 20.02 6.64 -0.79
C ARG A 252 19.29 5.58 -1.60
N GLY A 253 18.83 4.51 -0.97
CA GLY A 253 18.12 3.50 -1.69
C GLY A 253 16.66 3.84 -1.91
N LEU A 254 16.02 4.46 -0.93
CA LEU A 254 14.65 4.91 -1.10
C LEU A 254 14.57 6.10 -2.05
N LEU A 255 15.65 6.85 -2.17
CA LEU A 255 15.67 7.97 -3.11
C LEU A 255 15.75 7.49 -4.54
N SER A 256 16.40 6.35 -4.77
CA SER A 256 16.49 5.81 -6.13
C SER A 256 15.15 5.29 -6.62
N ILE A 257 14.27 4.87 -5.71
CA ILE A 257 12.92 4.51 -6.12
C ILE A 257 12.10 5.76 -6.40
N LEU A 258 12.28 6.81 -5.60
CA LEU A 258 11.59 8.07 -5.85
C LEU A 258 12.09 8.75 -7.12
N MET A 259 13.37 8.57 -7.43
CA MET A 259 13.89 9.03 -8.71
C MET A 259 13.28 8.26 -9.87
N LEU A 260 12.89 7.01 -9.65
CA LEU A 260 12.19 6.26 -10.68
C LEU A 260 10.77 6.78 -10.87
N ILE A 261 10.11 7.14 -9.77
CA ILE A 261 8.74 7.63 -9.82
C ILE A 261 8.69 8.99 -10.51
N MET A 262 9.52 9.92 -10.04
CA MET A 262 9.67 11.21 -10.70
C MET A 262 10.48 11.00 -11.97
N GLY A 263 9.80 10.87 -13.10
CA GLY A 263 10.46 10.47 -14.33
C GLY A 263 9.54 9.54 -15.08
N MET A 264 8.83 8.68 -14.36
CA MET A 264 7.58 8.17 -14.91
C MET A 264 6.49 9.23 -14.81
N GLU A 265 6.62 10.11 -13.83
CA GLU A 265 5.76 11.28 -13.75
C GLU A 265 6.02 12.25 -14.89
N ALA A 266 7.29 12.37 -15.30
CA ALA A 266 7.67 13.35 -16.30
C ALA A 266 7.15 12.98 -17.67
N TRP A 267 7.17 11.69 -18.01
CA TRP A 267 6.67 11.26 -19.31
C TRP A 267 5.15 11.34 -19.37
N SER A 268 4.46 11.14 -18.25
CA SER A 268 3.00 11.16 -18.28
C SER A 268 2.45 12.58 -18.37
N ARG A 269 3.28 13.60 -18.17
CA ARG A 269 2.84 14.99 -18.24
C ARG A 269 3.28 15.69 -19.51
N ILE A 270 3.94 14.99 -20.44
CA ILE A 270 4.36 15.61 -21.69
C ILE A 270 3.16 15.87 -22.60
N GLY A 271 2.16 15.00 -22.57
CA GLY A 271 0.96 15.22 -23.36
C GLY A 271 0.14 16.41 -22.91
N GLU A 272 0.26 16.80 -21.64
CA GLU A 272 -0.41 18.02 -21.18
C GLU A 272 0.28 19.26 -21.71
N LEU A 273 1.53 19.14 -22.14
CA LEU A 273 2.31 20.28 -22.56
C LEU A 273 2.11 20.61 -24.03
N ARG A 274 1.43 19.75 -24.79
CA ARG A 274 1.14 20.04 -26.19
C ARG A 274 -0.09 20.93 -26.35
N LYS A 275 -0.79 21.23 -25.27
CA LYS A 275 -2.09 21.90 -25.35
C LYS A 275 -2.07 23.32 -24.80
N VAL A 276 -0.89 23.92 -24.60
CA VAL A 276 -0.87 25.25 -23.99
C VAL A 276 -0.19 26.28 -24.89
N ALA A 277 1.11 26.14 -25.13
CA ALA A 277 1.91 27.07 -25.93
C ALA A 277 3.30 26.47 -26.12
N GLN A 278 4.10 27.05 -27.01
CA GLN A 278 5.48 26.59 -27.13
C GLN A 278 6.39 27.42 -26.23
N TRP A 279 5.86 28.48 -25.62
CA TRP A 279 6.65 29.29 -24.71
C TRP A 279 6.74 28.71 -23.31
N TYR A 280 5.92 27.73 -22.96
CA TYR A 280 6.11 27.05 -21.69
C TYR A 280 7.25 26.06 -21.76
N VAL A 281 7.59 25.60 -22.97
CA VAL A 281 8.76 24.75 -23.14
C VAL A 281 10.03 25.56 -23.01
N VAL A 282 10.04 26.77 -23.58
CA VAL A 282 11.22 27.63 -23.49
C VAL A 282 11.39 28.16 -22.07
N TYR A 283 10.29 28.41 -21.37
CA TYR A 283 10.38 28.86 -19.99
C TYR A 283 10.90 27.76 -19.08
N SER A 284 10.39 26.54 -19.24
CA SER A 284 10.76 25.47 -18.33
C SER A 284 12.18 24.96 -18.55
N LEU A 285 12.81 25.32 -19.66
CA LEU A 285 14.17 24.86 -19.90
C LEU A 285 15.20 25.81 -19.30
N ILE A 286 14.91 27.12 -19.29
CA ILE A 286 15.94 28.09 -18.92
C ILE A 286 15.64 28.77 -17.59
N ALA A 287 14.40 28.74 -17.13
CA ALA A 287 14.11 29.34 -15.83
C ALA A 287 14.65 28.57 -14.62
N PRO A 288 14.76 27.22 -14.60
CA PRO A 288 15.52 26.60 -13.51
C PRO A 288 16.98 27.01 -13.45
N ILE A 289 17.60 27.32 -14.59
CA ILE A 289 18.99 27.75 -14.56
C ILE A 289 19.11 29.21 -14.09
N VAL A 290 18.16 30.05 -14.48
CA VAL A 290 18.22 31.46 -14.11
C VAL A 290 17.90 31.63 -12.62
N HIS A 291 16.91 30.90 -12.11
CA HIS A 291 16.57 30.99 -10.69
C HIS A 291 17.67 30.42 -9.80
N GLY A 292 18.46 29.50 -10.32
CA GLY A 292 19.58 28.98 -9.57
C GLY A 292 20.75 29.95 -9.55
N PHE A 293 20.90 30.74 -10.61
CA PHE A 293 22.01 31.68 -10.65
C PHE A 293 21.74 32.91 -9.80
N ILE A 294 20.47 33.30 -9.65
CA ILE A 294 20.14 34.38 -8.73
C ILE A 294 20.32 33.92 -7.29
N ALA A 295 19.98 32.67 -7.01
CA ALA A 295 20.15 32.13 -5.66
C ALA A 295 21.61 31.90 -5.32
N PHE A 296 22.44 31.60 -6.32
CA PHE A 296 23.85 31.41 -6.05
C PHE A 296 24.51 32.74 -5.74
N GLY A 297 24.07 33.80 -6.40
CA GLY A 297 24.58 35.12 -6.08
C GLY A 297 24.12 35.61 -4.73
N LEU A 298 22.91 35.25 -4.33
CA LEU A 298 22.43 35.62 -3.01
C LEU A 298 23.11 34.79 -1.92
N GLY A 299 23.49 33.55 -2.26
CA GLY A 299 24.20 32.72 -1.31
C GLY A 299 25.63 33.16 -1.08
N MET A 300 26.25 33.77 -2.09
CA MET A 300 27.61 34.27 -1.92
C MET A 300 27.66 35.54 -1.08
N ILE A 301 26.54 36.25 -0.94
CA ILE A 301 26.46 37.34 0.01
C ILE A 301 26.49 36.83 1.43
N ALA A 302 25.75 35.76 1.72
CA ALA A 302 25.77 35.15 3.05
C ALA A 302 27.08 34.44 3.34
N HIS A 303 27.79 33.98 2.31
CA HIS A 303 29.09 33.34 2.53
C HIS A 303 30.14 34.34 2.96
N TYR A 304 30.07 35.57 2.48
CA TYR A 304 31.04 36.60 2.80
C TYR A 304 30.67 37.38 4.05
N ALA A 305 29.53 37.08 4.68
CA ALA A 305 29.05 37.87 5.78
C ALA A 305 28.89 37.07 7.07
N THR A 306 28.39 35.84 6.98
CA THR A 306 28.17 35.01 8.15
C THR A 306 28.89 33.67 8.06
N GLY A 307 29.71 33.46 7.04
CA GLY A 307 30.42 32.21 6.90
C GLY A 307 29.56 31.04 6.48
N PHE A 308 28.43 31.30 5.84
CA PHE A 308 27.58 30.26 5.25
C PHE A 308 28.35 29.50 4.19
N SER A 309 28.55 28.20 4.41
CA SER A 309 29.51 27.41 3.66
C SER A 309 29.09 27.25 2.19
N LEU A 310 30.09 26.91 1.36
CA LEU A 310 29.85 26.81 -0.08
C LEU A 310 29.01 25.60 -0.43
N GLY A 311 29.00 24.57 0.42
CA GLY A 311 28.04 23.51 0.23
C GLY A 311 26.62 23.90 0.53
N GLY A 312 26.43 24.95 1.36
CA GLY A 312 25.10 25.42 1.64
C GLY A 312 24.53 26.34 0.59
N VAL A 313 25.38 27.00 -0.18
CA VAL A 313 24.87 27.86 -1.24
C VAL A 313 24.52 27.03 -2.47
N VAL A 314 25.03 25.80 -2.54
CA VAL A 314 24.57 24.86 -3.56
C VAL A 314 23.19 24.34 -3.20
N VAL A 315 22.94 24.10 -1.92
CA VAL A 315 21.61 23.72 -1.45
C VAL A 315 20.62 24.85 -1.71
N LEU A 316 21.06 26.10 -1.52
CA LEU A 316 20.18 27.23 -1.78
C LEU A 316 19.91 27.41 -3.27
N ALA A 317 20.86 27.05 -4.12
CA ALA A 317 20.66 27.23 -5.55
C ALA A 317 19.78 26.15 -6.14
N VAL A 318 19.91 24.90 -5.67
CA VAL A 318 19.11 23.82 -6.22
C VAL A 318 17.67 23.91 -5.72
N ILE A 319 17.47 24.35 -4.48
CA ILE A 319 16.13 24.59 -3.94
C ILE A 319 15.41 25.68 -4.74
N ALA A 320 16.19 26.67 -5.19
CA ALA A 320 15.66 27.78 -6.02
C ALA A 320 15.46 27.33 -7.47
N ALA A 321 16.08 26.22 -7.88
CA ALA A 321 15.94 25.71 -9.23
C ALA A 321 14.81 24.69 -9.35
N SER A 322 14.44 24.07 -8.23
CA SER A 322 13.41 23.00 -8.25
C SER A 322 11.99 23.57 -8.33
N SER A 323 11.07 22.76 -8.85
CA SER A 323 9.66 23.08 -8.96
C SER A 323 8.85 21.93 -8.36
N SER A 324 7.71 22.28 -7.76
CA SER A 324 7.11 21.52 -6.66
C SER A 324 6.65 20.10 -7.05
N ASP A 325 5.70 20.02 -7.99
CA ASP A 325 5.13 18.81 -8.62
C ASP A 325 4.21 17.96 -7.75
N ILE A 326 4.28 18.10 -6.43
CA ILE A 326 3.46 17.19 -5.58
C ILE A 326 2.50 17.98 -4.69
N SER A 327 3.03 18.80 -3.79
CA SER A 327 2.21 19.56 -2.81
C SER A 327 1.73 20.88 -3.41
N GLY A 328 2.51 21.42 -4.34
CA GLY A 328 2.20 22.67 -5.01
C GLY A 328 0.88 22.72 -5.77
N PRO A 329 0.69 21.87 -6.79
CA PRO A 329 -0.51 21.97 -7.64
C PRO A 329 -1.84 21.76 -6.93
N PRO A 330 -1.94 20.99 -5.82
CA PRO A 330 -3.20 21.06 -5.07
C PRO A 330 -3.43 22.38 -4.36
N THR A 331 -2.37 23.07 -3.94
CA THR A 331 -2.55 24.37 -3.30
C THR A 331 -2.93 25.44 -4.30
N LEU A 332 -2.33 25.40 -5.50
CA LEU A 332 -2.61 26.40 -6.51
C LEU A 332 -3.93 26.15 -7.21
N ARG A 333 -4.44 24.93 -7.16
CA ARG A 333 -5.75 24.65 -7.74
C ARG A 333 -6.85 25.29 -6.92
N ALA A 334 -6.76 25.19 -5.60
CA ALA A 334 -7.75 25.80 -4.73
C ALA A 334 -7.58 27.31 -4.68
N GLY A 335 -6.33 27.78 -4.74
CA GLY A 335 -6.10 29.21 -4.64
C GLY A 335 -6.40 29.94 -5.94
N ILE A 336 -5.91 29.41 -7.06
CA ILE A 336 -6.17 29.98 -8.37
C ILE A 336 -6.95 28.96 -9.19
N PRO A 337 -8.28 28.89 -9.07
CA PRO A 337 -9.03 27.88 -9.82
C PRO A 337 -9.20 28.21 -11.29
N SER A 338 -9.01 29.46 -11.69
CA SER A 338 -9.17 29.87 -13.08
C SER A 338 -7.96 29.55 -13.94
N ALA A 339 -6.89 29.02 -13.37
CA ALA A 339 -5.70 28.72 -14.14
C ALA A 339 -5.84 27.36 -14.82
N ASN A 340 -5.26 27.26 -16.02
CA ASN A 340 -5.27 26.01 -16.77
C ASN A 340 -4.28 25.05 -16.14
N PRO A 341 -4.72 23.91 -15.62
CA PRO A 341 -3.78 23.02 -14.92
C PRO A 341 -2.85 22.28 -15.86
N SER A 342 -3.12 22.28 -17.16
CA SER A 342 -2.15 21.72 -18.10
C SER A 342 -0.95 22.63 -18.27
N ALA A 343 -1.08 23.91 -17.92
CA ALA A 343 0.01 24.86 -18.12
C ALA A 343 1.08 24.70 -17.06
N TYR A 344 0.70 24.73 -15.78
CA TYR A 344 1.71 24.74 -14.74
C TYR A 344 2.12 23.35 -14.27
N ILE A 345 1.24 22.35 -14.37
CA ILE A 345 1.69 20.99 -14.06
C ILE A 345 2.55 20.44 -15.18
N GLY A 346 2.18 20.73 -16.43
CA GLY A 346 2.98 20.26 -17.55
C GLY A 346 4.34 20.92 -17.64
N SER A 347 4.43 22.17 -17.20
CA SER A 347 5.72 22.87 -17.24
C SER A 347 6.64 22.38 -16.14
N SER A 348 6.12 22.23 -14.93
CA SER A 348 6.97 21.99 -13.78
C SER A 348 7.37 20.53 -13.66
N THR A 349 6.51 19.61 -14.09
CA THR A 349 6.77 18.19 -13.90
C THR A 349 7.46 17.56 -15.11
N ALA A 350 7.06 17.91 -16.33
CA ALA A 350 7.60 17.23 -17.49
C ALA A 350 9.01 17.72 -17.84
N ILE A 351 9.30 18.99 -17.62
CA ILE A 351 10.58 19.57 -17.99
C ILE A 351 11.35 20.10 -16.78
N GLY A 352 10.66 20.80 -15.88
CA GLY A 352 11.36 21.59 -14.87
C GLY A 352 12.08 20.75 -13.82
N THR A 353 11.54 19.60 -13.49
CA THR A 353 12.19 18.69 -12.55
C THR A 353 13.32 17.87 -13.20
N PRO A 354 13.20 17.34 -14.44
CA PRO A 354 14.41 16.74 -15.04
C PRO A 354 15.52 17.73 -15.35
N ILE A 355 15.20 19.00 -15.58
CA ILE A 355 16.25 19.99 -15.80
C ILE A 355 16.96 20.31 -14.49
N ALA A 356 16.21 20.39 -13.39
CA ALA A 356 16.81 20.72 -12.10
C ALA A 356 17.65 19.58 -11.55
N ILE A 357 17.27 18.34 -11.83
CA ILE A 357 18.09 17.22 -11.38
C ILE A 357 19.19 16.92 -12.38
N GLY A 358 18.87 16.92 -13.67
CA GLY A 358 19.83 16.57 -14.69
C GLY A 358 20.88 17.61 -14.99
N VAL A 359 20.48 18.87 -15.07
CA VAL A 359 21.39 19.92 -15.52
C VAL A 359 21.84 20.78 -14.34
N CYS A 360 20.90 21.22 -13.51
CA CYS A 360 21.22 22.22 -12.49
C CYS A 360 22.01 21.66 -11.32
N ILE A 361 21.84 20.39 -10.96
CA ILE A 361 22.61 19.82 -9.87
C ILE A 361 24.09 19.67 -10.25
N PRO A 362 24.49 19.09 -11.41
CA PRO A 362 25.94 19.09 -11.70
C PRO A 362 26.48 20.43 -12.16
N LEU A 363 25.63 21.42 -12.43
CA LEU A 363 26.14 22.74 -12.79
C LEU A 363 26.59 23.51 -11.56
N PHE A 364 25.75 23.57 -10.52
CA PHE A 364 26.06 24.37 -9.35
C PHE A 364 27.00 23.65 -8.39
N ILE A 365 27.07 22.33 -8.45
CA ILE A 365 28.10 21.60 -7.71
C ILE A 365 29.45 21.84 -8.35
N GLY A 366 29.51 21.76 -9.68
CA GLY A 366 30.74 22.03 -10.40
C GLY A 366 31.14 23.50 -10.36
N LEU A 367 30.20 24.38 -10.08
CA LEU A 367 30.54 25.78 -9.89
C LEU A 367 31.22 26.00 -8.55
N ALA A 368 30.84 25.22 -7.54
CA ALA A 368 31.45 25.33 -6.22
C ALA A 368 32.74 24.54 -6.11
N GLN A 369 33.21 23.91 -7.18
CA GLN A 369 34.58 23.41 -7.20
C GLN A 369 35.53 24.51 -7.67
N THR A 370 35.02 25.42 -8.51
CA THR A 370 35.83 26.54 -8.97
C THR A 370 36.11 27.51 -7.84
N LEU A 371 35.06 28.02 -7.22
CA LEU A 371 35.18 28.84 -6.02
C LEU A 371 35.36 27.89 -4.84
N GLY A 372 36.47 28.01 -4.14
CA GLY A 372 36.77 27.10 -3.05
C GLY A 372 38.00 26.27 -3.36
N ALA A 373 38.81 26.76 -4.30
CA ALA A 373 40.11 26.17 -4.62
C ALA A 373 41.24 27.01 -4.04
N GLY A 374 40.98 27.67 -2.91
CA GLY A 374 41.96 28.51 -2.26
C GLY A 374 41.33 29.65 -1.47
N ALA B 2 -32.02 18.75 -16.00
CA ALA B 2 -33.15 17.87 -16.25
C ALA B 2 -33.14 17.40 -17.69
N LYS B 3 -32.13 16.61 -18.03
CA LYS B 3 -32.03 15.98 -19.33
C LYS B 3 -32.02 14.48 -19.14
N PRO B 4 -32.95 13.73 -19.74
CA PRO B 4 -33.05 12.30 -19.45
C PRO B 4 -31.91 11.51 -20.07
N ALA B 5 -31.50 10.46 -19.37
CA ALA B 5 -30.35 9.68 -19.78
C ALA B 5 -30.58 8.22 -19.42
N ASN B 6 -29.68 7.37 -19.90
CA ASN B 6 -29.67 5.95 -19.57
C ASN B 6 -28.33 5.63 -18.92
N LYS B 7 -28.37 4.93 -17.80
CA LYS B 7 -27.17 4.58 -17.06
C LYS B 7 -26.86 3.12 -17.32
N LEU B 8 -25.87 2.86 -18.17
CA LEU B 8 -25.42 1.50 -18.45
C LEU B 8 -24.32 1.11 -17.47
N VAL B 9 -24.46 -0.09 -16.89
CA VAL B 9 -23.49 -0.60 -15.93
C VAL B 9 -22.94 -1.92 -16.43
N ILE B 10 -21.62 -2.02 -16.53
CA ILE B 10 -20.93 -3.25 -16.90
C ILE B 10 -20.08 -3.67 -15.72
N VAL B 11 -20.32 -4.87 -15.19
CA VAL B 11 -19.49 -5.45 -14.15
C VAL B 11 -18.80 -6.68 -14.73
N THR B 12 -17.47 -6.68 -14.73
CA THR B 12 -16.72 -7.75 -15.38
C THR B 12 -15.38 -7.90 -14.68
N GLU B 13 -14.50 -8.73 -15.24
CA GLU B 13 -13.20 -8.99 -14.65
C GLU B 13 -12.26 -7.80 -14.82
N LYS B 14 -11.30 -7.69 -13.92
CA LYS B 14 -10.38 -6.57 -13.87
C LYS B 14 -9.45 -6.49 -15.07
N ILE B 15 -9.15 -7.64 -15.69
CA ILE B 15 -8.23 -7.70 -16.82
C ILE B 15 -8.76 -6.99 -18.06
N LEU B 16 -10.07 -6.77 -18.16
CA LEU B 16 -10.68 -6.17 -19.34
C LEU B 16 -10.83 -4.67 -19.23
N LEU B 17 -10.02 -4.01 -18.39
CA LEU B 17 -10.13 -2.57 -18.20
C LEU B 17 -9.68 -1.82 -19.45
N LYS B 18 -8.64 -2.34 -20.11
CA LYS B 18 -8.11 -1.65 -21.27
C LYS B 18 -8.98 -1.83 -22.50
N LYS B 19 -9.63 -2.99 -22.62
CA LYS B 19 -10.33 -3.33 -23.84
C LYS B 19 -11.74 -2.75 -23.87
N ILE B 20 -12.37 -2.63 -22.70
CA ILE B 20 -13.74 -2.14 -22.65
C ILE B 20 -13.77 -0.63 -22.72
N ALA B 21 -12.75 0.04 -22.16
CA ALA B 21 -12.65 1.49 -22.30
C ALA B 21 -12.38 1.89 -23.75
N LYS B 22 -11.81 0.99 -24.55
CA LYS B 22 -11.67 1.26 -25.97
C LYS B 22 -13.01 1.21 -26.68
N ILE B 23 -13.88 0.27 -26.29
CA ILE B 23 -15.17 0.10 -26.96
C ILE B 23 -16.09 1.28 -26.66
N ILE B 24 -16.02 1.81 -25.44
CA ILE B 24 -16.86 2.95 -25.06
C ILE B 24 -16.44 4.20 -25.82
N ASP B 25 -15.14 4.35 -26.07
CA ASP B 25 -14.66 5.54 -26.77
C ASP B 25 -14.88 5.45 -28.28
N GLU B 26 -15.18 4.26 -28.79
CA GLU B 26 -15.51 4.08 -30.20
C GLU B 26 -16.98 4.32 -30.50
N SER B 27 -17.85 4.29 -29.50
CA SER B 27 -19.28 4.35 -29.73
C SER B 27 -19.85 5.77 -29.68
N GLY B 28 -19.05 6.75 -29.28
CA GLY B 28 -19.54 8.11 -29.19
C GLY B 28 -20.04 8.50 -27.83
N ALA B 29 -19.81 7.68 -26.81
CA ALA B 29 -20.14 8.06 -25.45
C ALA B 29 -19.15 9.11 -24.95
N LYS B 30 -19.68 10.06 -24.19
CA LYS B 30 -18.88 11.20 -23.74
C LYS B 30 -17.95 10.87 -22.59
N GLY B 31 -18.18 9.78 -21.88
CA GLY B 31 -17.32 9.44 -20.78
C GLY B 31 -17.81 8.19 -20.08
N TYR B 32 -17.13 7.85 -19.00
CA TYR B 32 -17.47 6.68 -18.20
C TYR B 32 -16.87 6.86 -16.82
N THR B 33 -17.23 5.96 -15.91
CA THR B 33 -16.72 5.92 -14.56
C THR B 33 -16.37 4.49 -14.23
N VAL B 34 -15.21 4.26 -13.60
CA VAL B 34 -14.77 2.92 -13.25
C VAL B 34 -14.51 2.82 -11.75
N MET B 35 -14.86 1.69 -11.16
CA MET B 35 -14.56 1.36 -9.79
C MET B 35 -13.89 0.01 -9.74
N ASN B 36 -13.08 -0.23 -8.73
CA ASN B 36 -12.62 -1.59 -8.43
C ASN B 36 -13.57 -2.19 -7.40
N THR B 37 -14.22 -3.29 -7.76
CA THR B 37 -15.21 -3.93 -6.91
C THR B 37 -14.83 -5.39 -6.71
N GLY B 38 -15.48 -6.02 -5.73
CA GLY B 38 -15.48 -7.45 -5.59
C GLY B 38 -16.82 -8.04 -5.98
N GLY B 39 -17.00 -9.30 -5.61
CA GLY B 39 -18.29 -9.93 -5.82
C GLY B 39 -18.14 -11.38 -6.21
N LYS B 40 -19.28 -12.07 -6.24
CA LYS B 40 -19.34 -13.50 -6.49
C LYS B 40 -20.38 -13.78 -7.57
N GLY B 41 -20.14 -14.83 -8.34
CA GLY B 41 -21.06 -15.24 -9.38
C GLY B 41 -20.85 -16.69 -9.78
N SER B 42 -20.85 -16.98 -11.07
CA SER B 42 -20.57 -18.32 -11.57
C SER B 42 -19.10 -18.53 -11.90
N ARG B 43 -18.53 -17.67 -12.73
CA ARG B 43 -17.10 -17.71 -13.08
C ARG B 43 -16.36 -16.88 -12.05
N ASN B 44 -15.94 -17.53 -10.96
CA ASN B 44 -15.32 -16.79 -9.86
C ASN B 44 -13.79 -16.77 -9.93
N VAL B 45 -13.18 -17.54 -10.82
CA VAL B 45 -11.72 -17.59 -10.89
C VAL B 45 -11.19 -16.38 -11.62
N ARG B 46 -10.15 -15.76 -11.05
CA ARG B 46 -9.57 -14.53 -11.59
C ARG B 46 -8.07 -14.71 -11.78
N SER B 47 -7.50 -13.83 -12.61
CA SER B 47 -6.06 -13.75 -12.78
C SER B 47 -5.76 -12.31 -13.19
N SER B 48 -5.32 -11.50 -12.24
CA SER B 48 -5.17 -10.07 -12.43
C SER B 48 -3.72 -9.63 -12.56
N GLY B 49 -2.76 -10.52 -12.38
CA GLY B 49 -1.36 -10.13 -12.35
C GLY B 49 -0.83 -9.82 -10.97
N GLN B 50 -1.64 -10.01 -9.95
CA GLN B 50 -1.25 -9.84 -8.54
C GLN B 50 -1.64 -11.11 -7.81
N PRO B 51 -1.13 -11.31 -6.59
CA PRO B 51 -1.56 -12.47 -5.79
C PRO B 51 -3.05 -12.48 -5.51
N ASN B 52 -3.66 -13.65 -5.72
CA ASN B 52 -5.11 -13.82 -5.57
C ASN B 52 -5.54 -13.67 -4.11
N THR B 53 -4.67 -14.04 -3.17
CA THR B 53 -5.02 -13.97 -1.76
C THR B 53 -5.15 -12.53 -1.27
N SER B 54 -4.44 -11.59 -1.90
CA SER B 54 -4.58 -10.17 -1.61
C SER B 54 -5.49 -9.46 -2.59
N ASP B 55 -6.12 -10.18 -3.50
CA ASP B 55 -6.97 -9.59 -4.53
C ASP B 55 -8.42 -9.71 -4.08
N ILE B 56 -8.81 -8.81 -3.18
CA ILE B 56 -10.15 -8.86 -2.64
C ILE B 56 -11.14 -8.13 -3.54
N GLU B 57 -10.68 -7.18 -4.33
CA GLU B 57 -11.52 -6.46 -5.28
C GLU B 57 -10.95 -6.73 -6.67
N ALA B 58 -11.49 -7.73 -7.34
CA ALA B 58 -10.96 -8.21 -8.61
C ALA B 58 -11.86 -7.93 -9.80
N ASN B 59 -12.85 -7.06 -9.65
CA ASN B 59 -13.76 -6.70 -10.72
C ASN B 59 -13.67 -5.21 -11.03
N ILE B 60 -14.20 -4.82 -12.18
CA ILE B 60 -14.47 -3.41 -12.51
C ILE B 60 -15.96 -3.21 -12.64
N LYS B 61 -16.44 -2.05 -12.24
CA LYS B 61 -17.80 -1.61 -12.51
C LYS B 61 -17.70 -0.37 -13.39
N PHE B 62 -18.14 -0.49 -14.64
CA PHE B 62 -18.26 0.64 -15.53
C PHE B 62 -19.60 1.31 -15.34
N GLU B 63 -19.65 2.62 -15.51
CA GLU B 63 -20.89 3.37 -15.46
C GLU B 63 -20.88 4.39 -16.58
N ILE B 64 -21.73 4.18 -17.58
CA ILE B 64 -21.76 5.03 -18.77
C ILE B 64 -23.13 5.67 -18.87
N LEU B 65 -23.15 6.99 -18.98
CA LEU B 65 -24.39 7.73 -19.17
C LEU B 65 -24.50 8.15 -20.63
N THR B 66 -25.57 7.70 -21.28
CA THR B 66 -25.80 8.01 -22.69
C THR B 66 -27.12 8.76 -22.81
N GLU B 67 -27.22 9.62 -23.82
CA GLU B 67 -28.47 10.32 -24.05
C GLU B 67 -29.54 9.40 -24.60
N THR B 68 -29.17 8.46 -25.47
CA THR B 68 -30.13 7.59 -26.12
C THR B 68 -30.02 6.18 -25.59
N ARG B 69 -31.16 5.49 -25.58
CA ARG B 69 -31.23 4.08 -25.22
C ARG B 69 -30.52 3.22 -26.26
N GLU B 70 -30.52 3.66 -27.52
CA GLU B 70 -30.01 2.82 -28.59
C GLU B 70 -28.49 2.77 -28.58
N MET B 71 -27.86 3.82 -28.05
CA MET B 71 -26.40 3.82 -27.93
C MET B 71 -25.95 2.90 -26.82
N ALA B 72 -26.68 2.89 -25.70
CA ALA B 72 -26.28 2.08 -24.55
C ALA B 72 -26.47 0.59 -24.83
N GLU B 73 -27.45 0.25 -25.65
CA GLU B 73 -27.57 -1.14 -26.11
C GLU B 73 -26.53 -1.49 -27.15
N GLU B 74 -25.91 -0.50 -27.80
CA GLU B 74 -24.93 -0.81 -28.83
C GLU B 74 -23.55 -1.03 -28.21
N ILE B 75 -23.28 -0.40 -27.07
CA ILE B 75 -22.06 -0.72 -26.32
C ILE B 75 -22.19 -2.09 -25.68
N ALA B 76 -23.37 -2.41 -25.17
CA ALA B 76 -23.58 -3.68 -24.48
C ALA B 76 -23.57 -4.86 -25.44
N ASP B 77 -24.04 -4.65 -26.67
CA ASP B 77 -23.98 -5.72 -27.66
C ASP B 77 -22.54 -5.97 -28.12
N ARG B 78 -21.71 -4.93 -28.13
CA ARG B 78 -20.34 -5.09 -28.59
C ARG B 78 -19.47 -5.74 -27.53
N VAL B 79 -19.77 -5.49 -26.26
CA VAL B 79 -18.97 -6.05 -25.18
C VAL B 79 -19.34 -7.52 -24.97
N ALA B 80 -20.63 -7.82 -24.97
CA ALA B 80 -21.09 -9.16 -24.61
C ALA B 80 -20.81 -10.17 -25.71
N VAL B 81 -20.78 -9.73 -26.97
CA VAL B 81 -20.40 -10.63 -28.06
C VAL B 81 -18.90 -10.91 -28.01
N LYS B 82 -18.10 -9.90 -27.70
CA LYS B 82 -16.65 -10.03 -27.77
C LYS B 82 -16.09 -10.82 -26.59
N TYR B 83 -16.55 -10.53 -25.37
CA TYR B 83 -15.87 -11.03 -24.18
C TYR B 83 -16.71 -11.93 -23.29
N PHE B 84 -18.03 -11.92 -23.41
CA PHE B 84 -18.82 -12.60 -22.39
C PHE B 84 -19.03 -14.08 -22.67
N ASN B 85 -18.44 -14.62 -23.73
CA ASN B 85 -18.40 -16.07 -23.88
C ASN B 85 -17.27 -16.67 -23.06
N ASP B 86 -16.21 -15.89 -22.80
CA ASP B 86 -15.02 -16.39 -22.13
C ASP B 86 -14.77 -15.74 -20.77
N TYR B 87 -15.29 -14.54 -20.54
CA TYR B 87 -15.06 -13.82 -19.30
C TYR B 87 -16.34 -13.70 -18.51
N ALA B 88 -16.19 -13.48 -17.21
CA ALA B 88 -17.31 -13.26 -16.32
C ALA B 88 -17.89 -11.87 -16.52
N GLY B 89 -19.20 -11.76 -16.36
CA GLY B 89 -19.80 -10.46 -16.56
C GLY B 89 -21.31 -10.34 -16.46
N ILE B 90 -21.77 -9.15 -16.10
CA ILE B 90 -23.18 -8.79 -16.13
C ILE B 90 -23.29 -7.37 -16.65
N ILE B 91 -24.36 -7.10 -17.39
CA ILE B 91 -24.64 -5.79 -17.96
C ILE B 91 -26.09 -5.46 -17.69
N TYR B 92 -26.34 -4.36 -16.98
CA TYR B 92 -27.70 -3.89 -16.77
C TYR B 92 -27.78 -2.40 -17.05
N ILE B 93 -29.01 -1.90 -17.14
CA ILE B 93 -29.24 -0.51 -17.53
C ILE B 93 -30.38 0.04 -16.68
N CYS B 94 -30.16 1.21 -16.10
CA CYS B 94 -31.16 1.94 -15.34
C CYS B 94 -31.39 3.29 -16.00
N SER B 95 -32.42 4.00 -15.55
CA SER B 95 -32.77 5.28 -16.13
C SER B 95 -32.48 6.41 -15.15
N ALA B 96 -31.86 7.47 -15.64
CA ALA B 96 -31.45 8.58 -14.78
C ALA B 96 -31.78 9.89 -15.48
N GLU B 97 -31.50 10.99 -14.79
CA GLU B 97 -31.65 12.33 -15.32
C GLU B 97 -30.44 13.15 -14.96
N VAL B 98 -29.75 13.68 -15.95
CA VAL B 98 -28.54 14.46 -15.73
C VAL B 98 -28.92 15.90 -15.45
N LEU B 99 -28.44 16.43 -14.32
CA LEU B 99 -28.74 17.81 -13.94
C LEU B 99 -27.63 18.76 -14.37
N TYR B 100 -26.39 18.32 -14.35
CA TYR B 100 -25.25 19.16 -14.69
C TYR B 100 -24.18 18.31 -15.36
N GLY B 101 -23.31 18.97 -16.10
CA GLY B 101 -22.28 18.30 -16.85
C GLY B 101 -22.04 19.00 -18.16
N HIS B 102 -20.78 19.29 -18.46
CA HIS B 102 -20.48 20.19 -19.57
C HIS B 102 -20.49 19.48 -20.93
N THR B 103 -19.97 18.26 -21.00
CA THR B 103 -19.95 17.58 -22.28
C THR B 103 -21.22 16.78 -22.55
N PHE B 104 -22.01 16.52 -21.52
CA PHE B 104 -23.27 15.82 -21.71
C PHE B 104 -24.35 16.79 -22.15
N CYS B 105 -24.62 17.80 -21.33
CA CYS B 105 -25.71 18.72 -21.62
C CYS B 105 -25.31 19.74 -22.68
N GLY B 106 -24.01 19.94 -22.87
CA GLY B 106 -23.52 20.94 -23.79
C GLY B 106 -23.28 22.25 -23.10
N PRO B 107 -22.81 23.25 -23.84
CA PRO B 107 -22.63 24.59 -23.26
C PRO B 107 -23.93 25.34 -23.06
N GLU B 108 -25.02 24.87 -23.69
CA GLU B 108 -26.32 25.51 -23.55
C GLU B 108 -26.87 25.29 -22.15
N GLY B 109 -26.71 24.09 -21.59
CA GLY B 109 -27.14 23.82 -20.23
C GLY B 109 -28.33 22.88 -20.17
N CYS B 110 -28.57 22.37 -18.96
CA CYS B 110 -29.67 21.45 -18.72
C CYS B 110 -30.19 21.59 -17.30
N ASP C 2 26.33 -40.68 -2.30
CA ASP C 2 25.87 -41.00 -3.65
C ASP C 2 24.96 -39.91 -4.19
N PHE C 3 23.86 -40.32 -4.83
CA PHE C 3 22.90 -39.37 -5.38
C PHE C 3 21.69 -39.19 -4.45
N LEU C 4 21.00 -40.28 -4.14
CA LEU C 4 19.86 -40.19 -3.24
C LEU C 4 20.28 -40.12 -1.77
N SER C 5 21.53 -40.48 -1.46
CA SER C 5 22.06 -40.20 -0.14
C SER C 5 22.33 -38.71 0.02
N ASN C 6 22.68 -38.04 -1.08
CA ASN C 6 22.94 -36.61 -1.03
C ASN C 6 21.64 -35.83 -0.99
N PHE C 7 20.57 -36.36 -1.61
CA PHE C 7 19.35 -35.58 -1.80
C PHE C 7 18.55 -35.44 -0.51
N LEU C 8 18.44 -36.53 0.26
CA LEU C 8 17.50 -36.53 1.39
C LEU C 8 18.00 -35.66 2.53
N THR C 9 19.31 -35.63 2.75
CA THR C 9 19.86 -34.71 3.75
C THR C 9 19.95 -33.29 3.22
N ASP C 10 19.84 -33.11 1.91
CA ASP C 10 19.66 -31.78 1.36
C ASP C 10 18.20 -31.34 1.39
N PHE C 11 17.28 -32.31 1.51
CA PHE C 11 15.86 -31.97 1.56
C PHE C 11 15.47 -31.48 2.94
N VAL C 12 15.93 -32.16 3.99
CA VAL C 12 15.64 -31.73 5.36
C VAL C 12 16.56 -30.58 5.71
N GLY C 13 17.67 -30.45 4.99
CA GLY C 13 18.57 -29.33 5.19
C GLY C 13 18.00 -28.03 4.70
N GLN C 14 17.12 -28.11 3.69
CA GLN C 14 16.46 -26.90 3.22
C GLN C 14 15.15 -26.62 3.94
N LEU C 15 14.51 -27.64 4.51
CA LEU C 15 13.39 -27.39 5.41
C LEU C 15 13.82 -26.80 6.73
N GLN C 16 15.07 -26.96 7.12
CA GLN C 16 15.63 -26.40 8.35
C GLN C 16 16.32 -25.08 8.04
N SER C 17 15.77 -24.35 7.07
CA SER C 17 16.36 -23.10 6.61
C SER C 17 15.21 -22.20 6.18
N PRO C 18 15.45 -20.88 6.01
CA PRO C 18 14.43 -20.05 5.37
C PRO C 18 14.30 -20.36 3.89
N THR C 19 13.40 -19.64 3.21
CA THR C 19 13.07 -19.67 1.78
C THR C 19 12.26 -20.92 1.42
N LEU C 20 12.17 -21.91 2.30
CA LEU C 20 11.27 -23.04 2.10
C LEU C 20 10.35 -23.11 3.30
N ALA C 21 10.86 -22.71 4.46
CA ALA C 21 10.04 -22.70 5.67
C ALA C 21 8.96 -21.64 5.60
N PHE C 22 9.25 -20.50 4.99
CA PHE C 22 8.22 -19.49 4.81
C PHE C 22 7.22 -19.89 3.74
N LEU C 23 7.64 -20.75 2.80
CA LEU C 23 6.70 -21.34 1.86
C LEU C 23 5.76 -22.31 2.56
N ILE C 24 6.31 -23.18 3.41
CA ILE C 24 5.47 -24.11 4.18
C ILE C 24 4.68 -23.35 5.23
N GLY C 25 5.28 -22.33 5.84
CA GLY C 25 4.61 -21.60 6.90
C GLY C 25 3.43 -20.79 6.39
N GLY C 26 3.54 -20.25 5.18
CA GLY C 26 2.40 -19.61 4.56
C GLY C 26 1.33 -20.58 4.13
N MET C 27 1.71 -21.81 3.82
CA MET C 27 0.75 -22.80 3.38
C MET C 27 -0.02 -23.39 4.56
N VAL C 28 0.62 -23.42 5.73
CA VAL C 28 -0.03 -23.96 6.92
C VAL C 28 -1.03 -22.97 7.49
N ILE C 29 -0.66 -21.70 7.58
CA ILE C 29 -1.55 -20.71 8.18
C ILE C 29 -2.73 -20.41 7.26
N ALA C 30 -2.56 -20.61 5.95
CA ALA C 30 -3.69 -20.46 5.05
C ALA C 30 -4.63 -21.65 5.15
N ALA C 31 -4.10 -22.82 5.47
CA ALA C 31 -4.94 -24.00 5.67
C ALA C 31 -5.70 -23.90 7.00
N LEU C 32 -5.09 -23.26 8.00
CA LEU C 32 -5.76 -23.04 9.27
C LEU C 32 -6.72 -21.85 9.22
N GLY C 33 -6.77 -21.12 8.12
CA GLY C 33 -7.79 -20.12 7.90
C GLY C 33 -7.50 -18.75 8.49
N THR C 34 -6.27 -18.26 8.34
CA THR C 34 -5.91 -16.99 8.95
C THR C 34 -6.54 -15.83 8.20
N GLN C 35 -6.71 -14.72 8.90
CA GLN C 35 -7.11 -13.47 8.29
C GLN C 35 -5.92 -12.57 8.02
N LEU C 36 -4.70 -13.06 8.24
CA LEU C 36 -3.51 -12.32 7.89
C LEU C 36 -3.39 -12.26 6.37
N VAL C 37 -3.33 -11.05 5.84
CA VAL C 37 -3.07 -10.84 4.43
C VAL C 37 -1.87 -9.91 4.31
N ILE C 38 -1.09 -10.11 3.26
CA ILE C 38 -0.03 -9.18 2.90
C ILE C 38 -0.66 -8.25 1.86
N PRO C 39 -0.55 -6.93 2.02
CA PRO C 39 -1.24 -6.03 1.09
C PRO C 39 -0.63 -6.07 -0.30
N GLU C 40 -1.46 -5.69 -1.28
CA GLU C 40 -1.09 -5.81 -2.68
C GLU C 40 -0.03 -4.77 -3.05
N ALA C 41 0.01 -3.65 -2.33
CA ALA C 41 1.06 -2.66 -2.52
C ALA C 41 2.41 -3.17 -2.05
N ILE C 42 2.43 -3.99 -0.99
CA ILE C 42 3.68 -4.56 -0.52
C ILE C 42 4.16 -5.67 -1.45
N SER C 43 3.24 -6.43 -2.03
CA SER C 43 3.63 -7.50 -2.93
C SER C 43 4.17 -6.97 -4.25
N THR C 44 3.72 -5.78 -4.66
CA THR C 44 4.22 -5.18 -5.89
C THR C 44 5.62 -4.61 -5.72
N ILE C 45 5.91 -4.00 -4.57
CA ILE C 45 7.22 -3.42 -4.38
C ILE C 45 8.26 -4.48 -4.02
N ILE C 46 7.84 -5.66 -3.58
CA ILE C 46 8.80 -6.72 -3.27
C ILE C 46 9.32 -7.35 -4.56
N VAL C 47 8.42 -7.61 -5.51
CA VAL C 47 8.81 -8.15 -6.81
C VAL C 47 9.68 -7.15 -7.57
N PHE C 48 9.39 -5.86 -7.41
CA PHE C 48 10.26 -4.83 -7.98
C PHE C 48 11.65 -4.85 -7.36
N MET C 49 11.73 -5.03 -6.04
CA MET C 49 13.01 -4.96 -5.36
C MET C 49 13.88 -6.18 -5.64
N LEU C 50 13.25 -7.35 -5.79
CA LEU C 50 14.02 -8.57 -6.04
C LEU C 50 14.51 -8.61 -7.49
N LEU C 51 13.68 -8.19 -8.43
CA LEU C 51 14.04 -8.31 -9.84
C LEU C 51 14.94 -7.18 -10.30
N THR C 52 14.94 -6.05 -9.59
CA THR C 52 15.91 -5.01 -9.90
C THR C 52 17.30 -5.42 -9.43
N LYS C 53 17.38 -6.09 -8.28
CA LYS C 53 18.68 -6.54 -7.78
C LYS C 53 19.28 -7.61 -8.67
N ILE C 54 18.45 -8.54 -9.16
CA ILE C 54 18.91 -9.56 -10.08
C ILE C 54 19.36 -8.94 -11.39
N GLY C 55 18.65 -7.89 -11.83
CA GLY C 55 19.05 -7.20 -13.04
C GLY C 55 20.32 -6.39 -12.88
N LEU C 56 20.56 -5.84 -11.69
CA LEU C 56 21.75 -5.03 -11.47
C LEU C 56 23.01 -5.86 -11.48
N THR C 57 22.96 -7.07 -10.91
CA THR C 57 24.10 -7.98 -10.97
C THR C 57 24.29 -8.51 -12.38
N GLY C 58 23.20 -8.89 -13.03
CA GLY C 58 23.25 -9.35 -14.39
C GLY C 58 23.33 -8.17 -15.34
N GLY C 59 24.51 -7.60 -15.49
CA GLY C 59 24.65 -6.36 -16.22
C GLY C 59 25.80 -5.55 -15.65
N MET C 60 26.08 -5.74 -14.37
CA MET C 60 27.39 -5.39 -13.87
C MET C 60 28.41 -6.46 -14.24
N ALA C 61 27.94 -7.64 -14.64
CA ALA C 61 28.78 -8.72 -15.12
C ALA C 61 28.78 -8.81 -16.64
N ILE C 62 27.76 -8.26 -17.30
CA ILE C 62 27.68 -8.33 -18.75
C ILE C 62 28.71 -7.41 -19.39
N ARG C 63 28.93 -6.22 -18.83
CA ARG C 63 29.90 -5.29 -19.37
C ARG C 63 31.34 -5.75 -19.17
N ASN C 64 31.57 -6.72 -18.30
CA ASN C 64 32.86 -7.40 -18.21
C ASN C 64 32.92 -8.65 -19.07
N SER C 65 31.77 -9.15 -19.54
CA SER C 65 31.72 -10.43 -20.21
C SER C 65 32.16 -10.35 -21.67
N ASN C 66 32.21 -11.52 -22.31
CA ASN C 66 32.70 -11.64 -23.67
C ASN C 66 31.56 -11.66 -24.69
N LEU C 67 30.33 -11.88 -24.24
CA LEU C 67 29.11 -12.02 -25.05
C LEU C 67 29.17 -13.20 -26.03
N THR C 68 30.08 -14.15 -25.81
CA THR C 68 30.02 -15.46 -26.46
C THR C 68 29.87 -16.58 -25.44
N GLU C 69 30.14 -16.32 -24.17
CA GLU C 69 29.81 -17.27 -23.12
C GLU C 69 28.31 -17.35 -22.90
N MET C 70 27.60 -16.25 -23.16
CA MET C 70 26.15 -16.20 -23.01
C MET C 70 25.48 -16.31 -24.37
N LEU C 71 26.02 -17.17 -25.24
CA LEU C 71 25.40 -17.44 -26.52
C LEU C 71 24.66 -18.77 -26.54
N LEU C 72 25.28 -19.83 -26.03
CA LEU C 72 24.61 -21.11 -25.91
C LEU C 72 23.60 -21.20 -24.76
N PRO C 73 23.79 -20.59 -23.57
CA PRO C 73 22.67 -20.58 -22.61
C PRO C 73 21.47 -19.77 -23.05
N VAL C 74 21.67 -18.71 -23.84
CA VAL C 74 20.52 -17.97 -24.37
C VAL C 74 19.84 -18.77 -25.48
N ALA C 75 20.61 -19.51 -26.27
CA ALA C 75 20.03 -20.36 -27.30
C ALA C 75 19.31 -21.56 -26.69
N PHE C 76 19.83 -22.10 -25.59
CA PHE C 76 19.22 -23.28 -24.99
C PHE C 76 17.98 -22.93 -24.19
N SER C 77 17.91 -21.72 -23.64
CA SER C 77 16.74 -21.35 -22.87
C SER C 77 15.59 -20.90 -23.75
N VAL C 78 15.87 -20.55 -25.00
CA VAL C 78 14.80 -20.31 -25.97
C VAL C 78 14.20 -21.64 -26.43
N ILE C 79 15.05 -22.64 -26.64
CA ILE C 79 14.60 -23.96 -27.08
C ILE C 79 13.77 -24.64 -26.00
N LEU C 80 14.18 -24.46 -24.74
CA LEU C 80 13.46 -25.08 -23.62
C LEU C 80 12.08 -24.47 -23.44
N GLY C 81 11.92 -23.19 -23.76
CA GLY C 81 10.60 -22.58 -23.69
C GLY C 81 9.66 -23.12 -24.74
N ILE C 82 10.19 -23.49 -25.91
CA ILE C 82 9.34 -24.04 -26.97
C ILE C 82 9.10 -25.52 -26.75
N LEU C 83 10.10 -26.25 -26.23
CA LEU C 83 9.99 -27.68 -26.10
C LEU C 83 9.04 -28.10 -24.99
N ILE C 84 8.92 -27.30 -23.93
CA ILE C 84 8.07 -27.64 -22.80
C ILE C 84 6.59 -27.59 -23.20
N VAL C 85 6.21 -26.60 -24.00
CA VAL C 85 4.84 -26.54 -24.51
C VAL C 85 4.56 -27.69 -25.48
N PHE C 86 5.56 -28.13 -26.23
CA PHE C 86 5.37 -29.26 -27.13
C PHE C 86 5.38 -30.60 -26.41
N ILE C 87 5.94 -30.67 -25.20
CA ILE C 87 5.84 -31.90 -24.41
C ILE C 87 4.43 -32.06 -23.87
N ALA C 88 3.83 -30.97 -23.40
CA ALA C 88 2.46 -31.03 -22.90
C ALA C 88 1.43 -31.21 -24.00
N ARG C 89 1.79 -30.92 -25.24
CA ARG C 89 0.88 -31.19 -26.36
C ARG C 89 0.76 -32.68 -26.64
N PHE C 90 1.84 -33.44 -26.45
CA PHE C 90 1.87 -34.85 -26.82
C PHE C 90 1.74 -35.81 -25.64
N THR C 91 1.79 -35.33 -24.40
CA THR C 91 1.62 -36.19 -23.25
C THR C 91 0.34 -35.87 -22.47
N LEU C 92 0.19 -34.62 -22.05
CA LEU C 92 -0.97 -34.25 -21.23
C LEU C 92 -2.26 -34.21 -22.05
N ALA C 93 -2.19 -33.78 -23.30
CA ALA C 93 -3.40 -33.65 -24.12
C ALA C 93 -3.86 -34.98 -24.71
N LYS C 94 -3.10 -36.06 -24.56
CA LYS C 94 -3.49 -37.36 -25.05
C LYS C 94 -4.12 -38.22 -23.96
N LEU C 95 -4.57 -37.57 -22.90
CA LEU C 95 -5.21 -38.20 -21.75
C LEU C 95 -6.73 -38.06 -21.88
N PRO C 96 -7.52 -38.96 -21.19
CA PRO C 96 -8.98 -39.01 -21.42
C PRO C 96 -9.81 -37.75 -21.27
N ASN C 97 -9.79 -37.09 -20.12
CA ASN C 97 -10.69 -35.95 -19.89
C ASN C 97 -9.90 -34.65 -19.83
N VAL C 98 -8.86 -34.53 -20.66
CA VAL C 98 -8.07 -33.31 -20.75
C VAL C 98 -8.37 -32.68 -22.10
N ARG C 99 -8.89 -31.46 -22.09
CA ARG C 99 -9.08 -30.72 -23.32
C ARG C 99 -7.72 -30.28 -23.86
N THR C 100 -7.60 -30.26 -25.19
CA THR C 100 -6.33 -29.93 -25.82
C THR C 100 -5.98 -28.46 -25.63
N VAL C 101 -6.98 -27.60 -25.56
CA VAL C 101 -6.72 -26.17 -25.42
C VAL C 101 -6.40 -25.84 -23.97
N ASP C 102 -6.72 -26.74 -23.04
CA ASP C 102 -6.34 -26.56 -21.65
C ASP C 102 -4.94 -27.08 -21.37
N ALA C 103 -4.51 -28.10 -22.11
CA ALA C 103 -3.17 -28.63 -21.93
C ALA C 103 -2.12 -27.71 -22.54
N LEU C 104 -2.47 -27.04 -23.63
CA LEU C 104 -1.53 -26.11 -24.26
C LEU C 104 -1.37 -24.84 -23.43
N ALA C 105 -2.41 -24.47 -22.67
CA ALA C 105 -2.28 -23.34 -21.77
C ALA C 105 -1.53 -23.72 -20.50
N THR C 106 -1.65 -24.98 -20.08
CA THR C 106 -0.90 -25.44 -18.92
C THR C 106 0.58 -25.59 -19.25
N GLY C 107 0.89 -26.11 -20.43
CA GLY C 107 2.29 -26.23 -20.84
C GLY C 107 2.93 -24.89 -21.12
N GLY C 108 2.13 -23.88 -21.43
CA GLY C 108 2.67 -22.54 -21.59
C GLY C 108 3.05 -21.90 -20.26
N LEU C 109 2.35 -22.26 -19.19
CA LEU C 109 2.71 -21.74 -17.88
C LEU C 109 3.92 -22.48 -17.31
N PHE C 110 4.05 -23.76 -17.61
CA PHE C 110 5.20 -24.51 -17.12
C PHE C 110 6.45 -24.25 -17.94
N GLY C 111 6.31 -23.65 -19.12
CA GLY C 111 7.49 -23.19 -19.84
C GLY C 111 7.93 -21.82 -19.41
N ALA C 112 6.98 -20.98 -18.99
CA ALA C 112 7.30 -19.67 -18.47
C ALA C 112 7.97 -19.80 -17.10
N VAL C 113 8.56 -18.70 -16.65
CA VAL C 113 9.42 -18.72 -15.47
C VAL C 113 8.74 -17.95 -14.34
N SER C 114 8.86 -18.48 -13.13
CA SER C 114 8.52 -17.76 -11.91
C SER C 114 9.74 -17.01 -11.44
N GLY C 115 9.62 -15.69 -11.29
CA GLY C 115 10.70 -14.93 -10.70
C GLY C 115 10.86 -15.17 -9.22
N SER C 116 9.79 -15.68 -8.59
CA SER C 116 9.83 -16.02 -7.15
C SER C 116 10.67 -17.28 -6.95
N THR C 117 10.60 -18.21 -7.91
CA THR C 117 11.38 -19.45 -7.82
C THR C 117 12.82 -19.23 -8.24
N MET C 118 13.06 -18.32 -9.19
CA MET C 118 14.42 -18.03 -9.61
C MET C 118 15.19 -17.31 -8.52
N ALA C 119 14.52 -16.41 -7.79
CA ALA C 119 15.18 -15.72 -6.69
C ALA C 119 15.44 -16.66 -5.53
N ALA C 120 14.61 -17.68 -5.36
CA ALA C 120 14.84 -18.69 -4.34
C ALA C 120 15.99 -19.61 -4.69
N ALA C 121 16.33 -19.74 -5.96
CA ALA C 121 17.44 -20.61 -6.36
C ALA C 121 18.77 -19.90 -6.25
N LEU C 122 18.79 -18.59 -6.41
CA LEU C 122 20.04 -17.85 -6.31
C LEU C 122 20.48 -17.72 -4.85
N THR C 123 19.53 -17.60 -3.93
CA THR C 123 19.89 -17.48 -2.52
C THR C 123 20.32 -18.82 -1.95
N THR C 124 19.78 -19.92 -2.46
CA THR C 124 20.21 -21.22 -1.98
C THR C 124 21.59 -21.57 -2.52
N LEU C 125 21.94 -21.06 -3.71
CA LEU C 125 23.27 -21.28 -4.25
C LEU C 125 24.31 -20.46 -3.48
N GLU C 126 23.92 -19.31 -2.95
CA GLU C 126 24.86 -18.49 -2.18
C GLU C 126 25.20 -19.14 -0.85
N GLU C 127 24.20 -19.63 -0.13
CA GLU C 127 24.50 -20.24 1.16
C GLU C 127 24.83 -21.73 1.06
N SER C 128 24.86 -22.29 -0.14
CA SER C 128 25.54 -23.56 -0.35
C SER C 128 26.93 -23.35 -0.90
N LYS C 129 27.33 -22.10 -1.11
CA LYS C 129 28.66 -21.68 -1.56
C LYS C 129 29.01 -22.32 -2.91
N ILE C 130 28.14 -22.09 -3.88
CA ILE C 130 28.37 -22.50 -5.26
C ILE C 130 28.38 -21.26 -6.12
N SER C 131 29.46 -21.04 -6.86
CA SER C 131 29.56 -19.88 -7.71
C SER C 131 28.77 -20.09 -8.99
N TYR C 132 28.12 -19.01 -9.44
CA TYR C 132 27.36 -19.05 -10.68
C TYR C 132 27.64 -17.78 -11.45
N GLU C 133 27.34 -17.81 -12.74
CA GLU C 133 27.46 -16.61 -13.57
C GLU C 133 26.41 -15.59 -13.15
N ALA C 134 26.83 -14.35 -12.94
CA ALA C 134 25.93 -13.34 -12.40
C ALA C 134 24.89 -12.89 -13.42
N TRP C 135 25.13 -13.11 -14.71
CA TRP C 135 24.15 -12.78 -15.74
C TRP C 135 23.15 -13.89 -15.97
N ALA C 136 23.15 -14.96 -15.15
CA ALA C 136 22.25 -16.07 -15.38
C ALA C 136 20.81 -15.72 -15.04
N GLY C 137 20.60 -14.66 -14.26
CA GLY C 137 19.25 -14.15 -14.07
C GLY C 137 18.67 -13.50 -15.30
N ALA C 138 19.51 -13.06 -16.23
CA ALA C 138 19.05 -12.48 -17.49
C ALA C 138 18.61 -13.52 -18.50
N LEU C 139 18.65 -14.80 -18.17
CA LEU C 139 18.02 -15.84 -18.96
C LEU C 139 16.53 -15.93 -18.73
N TYR C 140 16.02 -15.19 -17.75
CA TYR C 140 14.59 -15.22 -17.40
C TYR C 140 13.65 -14.77 -18.52
N PRO C 141 13.89 -13.67 -19.26
CA PRO C 141 12.97 -13.38 -20.38
C PRO C 141 13.16 -14.28 -21.58
N PHE C 142 14.30 -14.95 -21.72
CA PHE C 142 14.54 -15.76 -22.90
C PHE C 142 13.86 -17.13 -22.84
N MET C 143 13.32 -17.52 -21.70
CA MET C 143 12.47 -18.71 -21.60
C MET C 143 11.01 -18.36 -21.39
N ASP C 144 10.74 -17.29 -20.66
CA ASP C 144 9.38 -16.91 -20.32
C ASP C 144 8.58 -16.51 -21.55
N ILE C 145 9.18 -15.69 -22.41
CA ILE C 145 8.50 -15.14 -23.59
C ILE C 145 8.36 -16.13 -24.74
N PRO C 146 9.35 -16.95 -25.14
CA PRO C 146 9.06 -17.94 -26.19
C PRO C 146 8.13 -19.06 -25.77
N ALA C 147 7.90 -19.25 -24.48
CA ALA C 147 6.94 -20.26 -24.05
C ALA C 147 5.52 -19.74 -24.14
N LEU C 148 5.30 -18.48 -23.76
CA LEU C 148 3.96 -17.91 -23.84
C LEU C 148 3.56 -17.63 -25.27
N VAL C 149 4.53 -17.35 -26.14
CA VAL C 149 4.21 -17.14 -27.55
C VAL C 149 3.86 -18.46 -28.22
N THR C 150 4.59 -19.53 -27.88
CA THR C 150 4.35 -20.83 -28.50
C THR C 150 3.01 -21.41 -28.06
N ALA C 151 2.59 -21.17 -26.82
CA ALA C 151 1.32 -21.69 -26.36
C ALA C 151 0.16 -20.99 -27.06
N ILE C 152 0.29 -19.69 -27.32
CA ILE C 152 -0.79 -18.94 -27.96
C ILE C 152 -0.86 -19.27 -29.45
N VAL C 153 0.30 -19.45 -30.09
CA VAL C 153 0.35 -19.71 -31.52
C VAL C 153 -0.16 -21.12 -31.83
N VAL C 154 0.27 -22.12 -31.06
CA VAL C 154 -0.11 -23.50 -31.34
C VAL C 154 -1.58 -23.74 -30.99
N ALA C 155 -2.10 -23.10 -29.95
CA ALA C 155 -3.51 -23.26 -29.61
C ALA C 155 -4.43 -22.59 -30.63
N ASN C 156 -4.00 -21.45 -31.18
CA ASN C 156 -4.82 -20.79 -32.19
C ASN C 156 -4.80 -21.52 -33.52
N ILE C 157 -3.76 -22.31 -33.79
CA ILE C 157 -3.76 -23.17 -34.96
C ILE C 157 -4.75 -24.32 -34.76
N TYR C 158 -4.80 -24.85 -33.54
CA TYR C 158 -5.68 -25.97 -33.25
C TYR C 158 -7.15 -25.56 -33.28
N LEU C 159 -7.45 -24.32 -32.88
CA LEU C 159 -8.83 -23.86 -32.91
C LEU C 159 -9.31 -23.59 -34.32
N ASN C 160 -8.39 -23.28 -35.23
CA ASN C 160 -8.77 -23.08 -36.62
C ASN C 160 -8.85 -24.41 -37.37
N LYS C 161 -8.09 -25.41 -36.91
CA LYS C 161 -8.23 -26.76 -37.46
C LYS C 161 -9.58 -27.36 -37.11
N ARG C 162 -10.04 -27.15 -35.86
CA ARG C 162 -11.31 -27.71 -35.43
C ARG C 162 -12.49 -26.96 -36.03
N LYS C 163 -12.31 -25.69 -36.41
CA LYS C 163 -13.39 -24.96 -37.06
C LYS C 163 -13.58 -25.44 -38.50
N ARG C 164 -12.50 -25.87 -39.14
CA ARG C 164 -12.57 -26.34 -40.52
C ARG C 164 -12.40 -27.85 -40.59
N ARG C 208 -1.81 -16.87 -38.40
CA ARG C 208 -2.81 -15.82 -38.47
C ARG C 208 -2.67 -14.86 -37.29
N VAL C 209 -2.23 -15.40 -36.16
CA VAL C 209 -2.13 -14.64 -34.92
C VAL C 209 -0.90 -13.73 -34.98
N LYS C 210 -1.04 -12.53 -34.44
CA LYS C 210 0.02 -11.53 -34.44
C LYS C 210 1.00 -11.81 -33.32
N ILE C 211 2.24 -12.15 -33.67
CA ILE C 211 3.22 -12.59 -32.68
C ILE C 211 3.80 -11.41 -31.90
N TRP C 212 4.11 -10.29 -32.59
CA TRP C 212 4.81 -9.19 -31.95
C TRP C 212 4.02 -8.48 -30.84
N PRO C 213 2.70 -8.25 -30.93
CA PRO C 213 1.97 -7.75 -29.74
C PRO C 213 2.01 -8.66 -28.53
N ILE C 214 2.20 -9.97 -28.70
CA ILE C 214 2.39 -10.84 -27.55
C ILE C 214 3.74 -10.61 -26.90
N ILE C 215 4.79 -10.39 -27.69
CA ILE C 215 6.11 -10.06 -27.16
C ILE C 215 6.12 -8.66 -26.55
N GLU C 216 5.29 -7.77 -27.08
CA GLU C 216 5.24 -6.41 -26.56
C GLU C 216 4.56 -6.35 -25.21
N GLU C 217 3.53 -7.17 -25.01
CA GLU C 217 2.85 -7.22 -23.72
C GLU C 217 3.72 -7.88 -22.65
N SER C 218 4.53 -8.85 -23.04
CA SER C 218 5.37 -9.54 -22.07
C SER C 218 6.56 -8.69 -21.65
N LEU C 219 7.11 -7.90 -22.55
CA LEU C 219 8.21 -7.00 -22.21
C LEU C 219 7.75 -5.85 -21.33
N GLN C 220 6.48 -5.46 -21.41
CA GLN C 220 5.95 -4.34 -20.67
C GLN C 220 5.32 -4.73 -19.35
N GLY C 221 5.41 -6.00 -18.96
CA GLY C 221 4.87 -6.45 -17.71
C GLY C 221 5.69 -5.93 -16.56
N PRO C 222 5.09 -5.81 -15.37
CA PRO C 222 5.78 -5.15 -14.24
C PRO C 222 6.97 -5.92 -13.72
N ALA C 223 6.95 -7.25 -13.85
CA ALA C 223 8.08 -8.06 -13.39
C ALA C 223 9.26 -7.93 -14.35
N LEU C 224 9.01 -8.08 -15.64
CA LEU C 224 10.10 -8.16 -16.59
C LEU C 224 10.64 -6.78 -16.94
N SER C 225 9.84 -5.73 -16.72
CA SER C 225 10.35 -4.37 -16.93
C SER C 225 11.30 -3.95 -15.81
N ALA C 226 11.12 -4.51 -14.61
CA ALA C 226 12.00 -4.19 -13.51
C ALA C 226 13.37 -4.82 -13.69
N MET C 227 13.42 -6.00 -14.31
CA MET C 227 14.72 -6.64 -14.57
C MET C 227 15.45 -5.96 -15.69
N LEU C 228 14.74 -5.58 -16.76
CA LEU C 228 15.35 -4.91 -17.90
C LEU C 228 15.85 -3.52 -17.52
N LEU C 229 15.15 -2.87 -16.58
CA LEU C 229 15.65 -1.62 -16.02
C LEU C 229 16.95 -1.85 -15.26
N GLY C 230 17.01 -2.90 -14.47
CA GLY C 230 18.21 -3.27 -13.76
C GLY C 230 19.36 -3.71 -14.64
N LEU C 231 19.08 -4.42 -15.73
CA LEU C 231 20.09 -4.75 -16.74
C LEU C 231 20.71 -3.53 -17.37
N ALA C 232 19.89 -2.54 -17.74
CA ALA C 232 20.39 -1.35 -18.39
C ALA C 232 21.18 -0.47 -17.44
N LEU C 233 20.78 -0.41 -16.17
CA LEU C 233 21.51 0.40 -15.21
C LEU C 233 22.79 -0.30 -14.77
N GLY C 234 22.86 -1.62 -14.91
CA GLY C 234 24.10 -2.31 -14.62
C GLY C 234 25.13 -2.12 -15.71
N ILE C 235 24.70 -2.08 -16.98
CA ILE C 235 25.65 -2.03 -18.09
C ILE C 235 26.16 -0.61 -18.29
N PHE C 236 25.25 0.35 -18.47
CA PHE C 236 25.62 1.68 -18.91
C PHE C 236 25.97 2.63 -17.77
N THR C 237 25.75 2.24 -16.53
CA THR C 237 25.87 3.14 -15.39
C THR C 237 26.76 2.44 -14.34
N LYS C 238 27.01 3.10 -13.21
CA LYS C 238 27.77 2.54 -12.10
C LYS C 238 26.88 2.56 -10.85
N PRO C 239 25.99 1.58 -10.69
CA PRO C 239 25.05 1.59 -9.58
C PRO C 239 25.54 0.89 -8.31
N GLU C 240 26.86 0.69 -8.17
CA GLU C 240 27.42 -0.12 -7.09
C GLU C 240 27.15 0.43 -5.71
N SER C 241 26.95 1.75 -5.59
CA SER C 241 26.73 2.34 -4.27
C SER C 241 25.33 2.05 -3.76
N VAL C 242 24.31 2.17 -4.62
CA VAL C 242 22.96 1.87 -4.18
C VAL C 242 22.71 0.37 -4.15
N TYR C 243 23.53 -0.41 -4.85
CA TYR C 243 23.36 -1.86 -4.85
C TYR C 243 23.86 -2.46 -3.53
N GLU C 244 25.03 -2.03 -3.08
CA GLU C 244 25.62 -2.60 -1.87
C GLU C 244 24.92 -2.10 -0.61
N GLY C 245 24.20 -1.00 -0.69
CA GLY C 245 23.56 -0.44 0.48
C GLY C 245 22.10 -0.77 0.62
N PHE C 246 21.40 -0.97 -0.49
CA PHE C 246 19.96 -1.14 -0.46
C PHE C 246 19.49 -2.47 -1.03
N TYR C 247 19.84 -2.78 -2.28
CA TYR C 247 19.20 -3.87 -2.99
C TYR C 247 19.77 -5.22 -2.59
N ASP C 248 21.05 -5.27 -2.28
CA ASP C 248 21.67 -6.50 -1.81
C ASP C 248 21.41 -6.85 -0.32
N PRO C 249 21.48 -5.91 0.65
CA PRO C 249 21.20 -6.35 2.03
C PRO C 249 19.74 -6.60 2.32
N LEU C 250 18.83 -6.16 1.46
CA LEU C 250 17.41 -6.38 1.66
C LEU C 250 16.87 -7.54 0.85
N PHE C 251 17.72 -8.33 0.21
CA PHE C 251 17.26 -9.34 -0.74
C PHE C 251 16.66 -10.55 -0.02
N ARG C 252 17.43 -11.13 0.92
CA ARG C 252 17.00 -12.38 1.53
C ARG C 252 15.83 -12.19 2.49
N GLY C 253 15.67 -11.00 3.03
CA GLY C 253 14.56 -10.75 3.91
C GLY C 253 13.26 -10.47 3.19
N LEU C 254 13.35 -9.74 2.08
CA LEU C 254 12.16 -9.49 1.27
C LEU C 254 11.72 -10.75 0.54
N LEU C 255 12.65 -11.68 0.30
CA LEU C 255 12.29 -12.94 -0.33
C LEU C 255 11.52 -13.84 0.62
N SER C 256 11.81 -13.75 1.92
CA SER C 256 11.08 -14.56 2.89
C SER C 256 9.64 -14.11 3.04
N ILE C 257 9.35 -12.84 2.78
CA ILE C 257 7.96 -12.40 2.77
C ILE C 257 7.27 -12.87 1.49
N LEU C 258 7.98 -12.84 0.36
CA LEU C 258 7.42 -13.33 -0.89
C LEU C 258 7.23 -14.84 -0.86
N MET C 259 8.11 -15.56 -0.14
CA MET C 259 7.90 -16.97 0.09
C MET C 259 6.67 -17.23 0.94
N LEU C 260 6.33 -16.29 1.82
CA LEU C 260 5.09 -16.43 2.59
C LEU C 260 3.87 -16.21 1.71
N ILE C 261 3.96 -15.25 0.78
CA ILE C 261 2.84 -14.94 -0.12
C ILE C 261 2.59 -16.10 -1.07
N MET C 262 3.64 -16.55 -1.75
CA MET C 262 3.56 -17.74 -2.59
C MET C 262 3.53 -18.96 -1.68
N GLY C 263 2.35 -19.47 -1.41
CA GLY C 263 2.17 -20.49 -0.39
C GLY C 263 0.89 -20.23 0.35
N MET C 264 0.58 -18.96 0.59
CA MET C 264 -0.82 -18.60 0.79
C MET C 264 -1.54 -18.57 -0.54
N GLU C 265 -0.80 -18.30 -1.61
CA GLU C 265 -1.33 -18.43 -2.96
C GLU C 265 -1.61 -19.88 -3.30
N ALA C 266 -0.76 -20.79 -2.82
CA ALA C 266 -0.88 -22.19 -3.19
C ALA C 266 -2.09 -22.84 -2.57
N TRP C 267 -2.41 -22.49 -1.32
CA TRP C 267 -3.58 -23.05 -0.67
C TRP C 267 -4.87 -22.50 -1.25
N SER C 268 -4.86 -21.24 -1.71
CA SER C 268 -6.09 -20.66 -2.23
C SER C 268 -6.43 -21.17 -3.64
N ARG C 269 -5.51 -21.86 -4.30
CA ARG C 269 -5.75 -22.40 -5.63
C ARG C 269 -5.98 -23.90 -5.65
N ILE C 270 -6.03 -24.55 -4.47
CA ILE C 270 -6.27 -25.98 -4.43
C ILE C 270 -7.73 -26.29 -4.75
N GLY C 271 -8.65 -25.42 -4.36
CA GLY C 271 -10.06 -25.62 -4.69
C GLY C 271 -10.36 -25.49 -6.17
N GLU C 272 -9.52 -24.77 -6.91
CA GLU C 272 -9.69 -24.72 -8.36
C GLU C 272 -9.25 -26.01 -9.03
N LEU C 273 -8.46 -26.81 -8.33
CA LEU C 273 -7.91 -28.02 -8.91
C LEU C 273 -8.82 -29.22 -8.74
N ARG C 274 -9.90 -29.09 -7.97
CA ARG C 274 -10.87 -30.17 -7.84
C ARG C 274 -11.87 -30.20 -8.97
N LYS C 275 -11.84 -29.22 -9.87
CA LYS C 275 -12.88 -29.05 -10.87
C LYS C 275 -12.40 -29.33 -12.28
N VAL C 276 -11.25 -29.96 -12.47
CA VAL C 276 -10.74 -30.15 -13.82
C VAL C 276 -10.53 -31.62 -14.17
N ALA C 277 -9.60 -32.30 -13.51
CA ALA C 277 -9.25 -33.70 -13.75
C ALA C 277 -8.28 -34.15 -12.68
N GLN C 278 -8.02 -35.45 -12.59
CA GLN C 278 -6.98 -35.91 -11.67
C GLN C 278 -5.64 -36.01 -12.39
N TRP C 279 -5.63 -35.82 -13.70
CA TRP C 279 -4.38 -35.86 -14.44
C TRP C 279 -3.62 -34.55 -14.41
N TYR C 280 -4.23 -33.46 -13.96
CA TYR C 280 -3.47 -32.24 -13.74
C TYR C 280 -2.67 -32.32 -12.46
N VAL C 281 -3.10 -33.16 -11.52
CA VAL C 281 -2.32 -33.38 -10.31
C VAL C 281 -1.10 -34.22 -10.61
N VAL C 282 -1.24 -35.24 -11.47
CA VAL C 282 -0.11 -36.08 -11.83
C VAL C 282 0.86 -35.33 -12.72
N TYR C 283 0.35 -34.44 -13.57
CA TYR C 283 1.23 -33.64 -14.42
C TYR C 283 2.02 -32.64 -13.60
N SER C 284 1.36 -31.95 -12.66
CA SER C 284 2.03 -30.90 -11.92
C SER C 284 3.04 -31.43 -10.91
N LEU C 285 3.01 -32.72 -10.60
CA LEU C 285 3.97 -33.27 -9.65
C LEU C 285 5.25 -33.71 -10.33
N ILE C 286 5.18 -34.21 -11.56
CA ILE C 286 6.34 -34.83 -12.17
C ILE C 286 6.89 -34.02 -13.34
N ALA C 287 6.10 -33.11 -13.90
CA ALA C 287 6.64 -32.29 -14.98
C ALA C 287 7.65 -31.22 -14.55
N PRO C 288 7.58 -30.61 -13.35
CA PRO C 288 8.75 -29.80 -12.92
C PRO C 288 10.03 -30.58 -12.79
N ILE C 289 9.98 -31.86 -12.44
CA ILE C 289 11.20 -32.64 -12.34
C ILE C 289 11.72 -33.03 -13.73
N VAL C 290 10.82 -33.34 -14.66
CA VAL C 290 11.25 -33.75 -15.99
C VAL C 290 11.80 -32.56 -16.77
N HIS C 291 11.17 -31.39 -16.66
CA HIS C 291 11.66 -30.21 -17.36
C HIS C 291 12.99 -29.73 -16.79
N GLY C 292 13.25 -30.00 -15.52
CA GLY C 292 14.54 -29.67 -14.95
C GLY C 292 15.63 -30.62 -15.39
N PHE C 293 15.28 -31.88 -15.64
CA PHE C 293 16.30 -32.84 -16.06
C PHE C 293 16.67 -32.66 -17.52
N ILE C 294 15.75 -32.18 -18.36
CA ILE C 294 16.09 -31.86 -19.73
C ILE C 294 16.96 -30.62 -19.77
N ALA C 295 16.69 -29.65 -18.90
CA ALA C 295 17.49 -28.44 -18.85
C ALA C 295 18.87 -28.69 -18.26
N PHE C 296 18.98 -29.66 -17.35
CA PHE C 296 20.28 -29.97 -16.78
C PHE C 296 21.17 -30.65 -17.82
N GLY C 297 20.56 -31.48 -18.67
CA GLY C 297 21.31 -32.10 -19.74
C GLY C 297 21.72 -31.10 -20.81
N LEU C 298 20.88 -30.10 -21.06
CA LEU C 298 21.25 -29.06 -22.01
C LEU C 298 22.30 -28.13 -21.43
N GLY C 299 22.28 -27.95 -20.10
CA GLY C 299 23.29 -27.12 -19.47
C GLY C 299 24.66 -27.77 -19.44
N MET C 300 24.70 -29.10 -19.38
CA MET C 300 25.99 -29.80 -19.41
C MET C 300 26.62 -29.78 -20.78
N ILE C 301 25.85 -29.55 -21.84
CA ILE C 301 26.44 -29.32 -23.15
C ILE C 301 27.17 -27.98 -23.20
N ALA C 302 26.59 -26.94 -22.63
CA ALA C 302 27.24 -25.64 -22.56
C ALA C 302 28.40 -25.62 -21.58
N HIS C 303 28.40 -26.51 -20.57
CA HIS C 303 29.51 -26.58 -19.64
C HIS C 303 30.74 -27.18 -20.29
N TYR C 304 30.56 -28.12 -21.21
CA TYR C 304 31.67 -28.77 -21.87
C TYR C 304 32.13 -28.04 -23.11
N ALA C 305 31.49 -26.93 -23.47
CA ALA C 305 31.78 -26.25 -24.72
C ALA C 305 32.25 -24.82 -24.53
N THR C 306 31.62 -24.08 -23.62
CA THR C 306 31.99 -22.69 -23.38
C THR C 306 32.38 -22.43 -21.92
N GLY C 307 32.48 -23.46 -21.10
CA GLY C 307 32.85 -23.26 -19.71
C GLY C 307 31.77 -22.65 -18.86
N PHE C 308 30.51 -22.78 -19.26
CA PHE C 308 29.37 -22.36 -18.45
C PHE C 308 29.34 -23.15 -17.14
N SER C 309 29.47 -22.44 -16.02
CA SER C 309 29.77 -23.05 -14.73
C SER C 309 28.62 -23.92 -14.23
N LEU C 310 28.95 -24.82 -13.30
CA LEU C 310 27.96 -25.77 -12.78
C LEU C 310 26.92 -25.09 -11.90
N GLY C 311 27.25 -23.94 -11.32
CA GLY C 311 26.23 -23.16 -10.66
C GLY C 311 25.26 -22.51 -11.60
N GLY C 312 25.66 -22.31 -12.85
CA GLY C 312 24.77 -21.73 -13.84
C GLY C 312 23.84 -22.75 -14.47
N VAL C 313 24.22 -24.03 -14.48
CA VAL C 313 23.31 -25.03 -15.04
C VAL C 313 22.26 -25.42 -14.00
N VAL C 314 22.49 -25.09 -12.73
CA VAL C 314 21.45 -25.23 -11.72
C VAL C 314 20.43 -24.11 -11.87
N VAL C 315 20.90 -22.90 -12.20
CA VAL C 315 19.99 -21.81 -12.51
C VAL C 315 19.16 -22.12 -13.75
N LEU C 316 19.77 -22.76 -14.75
CA LEU C 316 19.04 -23.12 -15.95
C LEU C 316 18.03 -24.23 -15.68
N ALA C 317 18.32 -25.11 -14.72
CA ALA C 317 17.40 -26.22 -14.45
C ALA C 317 16.22 -25.77 -13.61
N VAL C 318 16.44 -24.86 -12.66
CA VAL C 318 15.34 -24.41 -11.80
C VAL C 318 14.43 -23.47 -12.56
N ILE C 319 14.99 -22.64 -13.45
CA ILE C 319 14.19 -21.77 -14.32
C ILE C 319 13.29 -22.60 -15.22
N ALA C 320 13.77 -23.74 -15.72
CA ALA C 320 12.91 -24.60 -16.52
C ALA C 320 11.96 -25.43 -15.67
N ALA C 321 12.21 -25.55 -14.37
CA ALA C 321 11.30 -26.27 -13.51
C ALA C 321 10.17 -25.39 -12.98
N SER C 322 10.40 -24.08 -12.95
CA SER C 322 9.39 -23.16 -12.38
C SER C 322 8.23 -22.91 -13.34
N SER C 323 7.10 -22.48 -12.77
CA SER C 323 5.91 -22.11 -13.52
C SER C 323 5.42 -20.75 -13.01
N SER C 324 4.84 -19.97 -13.93
CA SER C 324 4.84 -18.51 -13.85
C SER C 324 4.08 -17.94 -12.65
N ASP C 325 2.79 -18.27 -12.54
CA ASP C 325 1.99 -17.85 -11.36
C ASP C 325 1.30 -16.49 -11.54
N ILE C 326 2.07 -15.40 -11.57
CA ILE C 326 1.46 -14.04 -11.61
C ILE C 326 1.48 -13.41 -13.01
N SER C 327 2.65 -13.19 -13.59
CA SER C 327 2.79 -12.49 -14.90
C SER C 327 2.32 -13.34 -16.09
N GLY C 328 2.19 -14.66 -15.93
CA GLY C 328 1.80 -15.52 -17.06
C GLY C 328 0.30 -15.57 -17.32
N PRO C 329 -0.52 -16.03 -16.37
CA PRO C 329 -1.99 -16.22 -16.56
C PRO C 329 -2.72 -15.00 -17.11
N PRO C 330 -2.31 -13.74 -16.86
CA PRO C 330 -2.94 -12.65 -17.63
C PRO C 330 -2.59 -12.65 -19.11
N THR C 331 -1.40 -13.12 -19.48
CA THR C 331 -1.05 -13.18 -20.89
C THR C 331 -1.78 -14.30 -21.60
N LEU C 332 -1.93 -15.45 -20.94
CA LEU C 332 -2.59 -16.58 -21.56
C LEU C 332 -4.11 -16.44 -21.55
N ARG C 333 -4.65 -15.58 -20.69
CA ARG C 333 -6.09 -15.33 -20.71
C ARG C 333 -6.48 -14.54 -21.94
N ALA C 334 -5.70 -13.52 -22.27
CA ALA C 334 -5.99 -12.73 -23.46
C ALA C 334 -5.64 -13.50 -24.73
N GLY C 335 -4.58 -14.30 -24.69
CA GLY C 335 -4.16 -15.02 -25.88
C GLY C 335 -5.02 -16.23 -26.17
N ILE C 336 -5.28 -17.04 -25.14
CA ILE C 336 -6.15 -18.20 -25.26
C ILE C 336 -7.36 -18.00 -24.37
N PRO C 337 -8.40 -17.31 -24.81
CA PRO C 337 -9.56 -17.08 -23.94
C PRO C 337 -10.45 -18.30 -23.76
N SER C 338 -10.36 -19.27 -24.65
CA SER C 338 -11.20 -20.47 -24.58
C SER C 338 -10.70 -21.50 -23.57
N ALA C 339 -9.56 -21.26 -22.93
CA ALA C 339 -9.02 -22.22 -21.98
C ALA C 339 -9.67 -22.02 -20.61
N ASN C 340 -9.85 -23.13 -19.90
CA ASN C 340 -10.41 -23.11 -18.56
C ASN C 340 -9.35 -22.58 -17.60
N PRO C 341 -9.57 -21.45 -16.95
CA PRO C 341 -8.52 -20.89 -16.08
C PRO C 341 -8.33 -21.65 -14.79
N SER C 342 -9.27 -22.52 -14.42
CA SER C 342 -9.04 -23.39 -13.28
C SER C 342 -8.02 -24.47 -13.59
N ALA C 343 -7.79 -24.77 -14.86
CA ALA C 343 -6.88 -25.84 -15.24
C ALA C 343 -5.42 -25.41 -15.09
N TYR C 344 -5.05 -24.29 -15.69
CA TYR C 344 -3.64 -23.92 -15.73
C TYR C 344 -3.21 -23.07 -14.54
N ILE C 345 -4.11 -22.31 -13.93
CA ILE C 345 -3.74 -21.59 -12.71
C ILE C 345 -3.70 -22.56 -11.54
N GLY C 346 -4.64 -23.50 -11.48
CA GLY C 346 -4.64 -24.46 -10.39
C GLY C 346 -3.48 -25.43 -10.47
N SER C 347 -3.01 -25.74 -11.67
CA SER C 347 -1.89 -26.65 -11.81
C SER C 347 -0.57 -25.97 -11.45
N SER C 348 -0.38 -24.75 -11.93
CA SER C 348 0.93 -24.12 -11.82
C SER C 348 1.15 -23.51 -10.45
N THR C 349 0.09 -23.02 -9.81
CA THR C 349 0.24 -22.30 -8.55
C THR C 349 0.10 -23.22 -7.34
N ALA C 350 -0.85 -24.15 -7.36
CA ALA C 350 -1.11 -24.94 -6.17
C ALA C 350 -0.07 -26.05 -5.97
N ILE C 351 0.45 -26.61 -7.05
CA ILE C 351 1.37 -27.73 -6.98
C ILE C 351 2.73 -27.39 -7.58
N GLY C 352 2.73 -26.73 -8.75
CA GLY C 352 3.95 -26.64 -9.55
C GLY C 352 5.01 -25.75 -8.95
N THR C 353 4.60 -24.71 -8.25
CA THR C 353 5.54 -23.84 -7.56
C THR C 353 6.04 -24.42 -6.23
N PRO C 354 5.21 -25.05 -5.37
CA PRO C 354 5.82 -25.74 -4.22
C PRO C 354 6.70 -26.92 -4.57
N ILE C 355 6.46 -27.59 -5.71
CA ILE C 355 7.33 -28.68 -6.12
C ILE C 355 8.67 -28.14 -6.60
N ALA C 356 8.64 -27.01 -7.33
CA ALA C 356 9.88 -26.45 -7.86
C ALA C 356 10.74 -25.84 -6.77
N ILE C 357 10.13 -25.29 -5.72
CA ILE C 357 10.91 -24.75 -4.61
C ILE C 357 11.26 -25.85 -3.62
N GLY C 358 10.30 -26.70 -3.29
CA GLY C 358 10.51 -27.71 -2.29
C GLY C 358 11.34 -28.90 -2.72
N VAL C 359 11.12 -29.40 -3.93
CA VAL C 359 11.76 -30.63 -4.36
C VAL C 359 12.87 -30.34 -5.36
N CYS C 360 12.59 -29.51 -6.36
CA CYS C 360 13.52 -29.34 -7.47
C CYS C 360 14.74 -28.52 -7.13
N ILE C 361 14.64 -27.56 -6.21
CA ILE C 361 15.82 -26.79 -5.83
C ILE C 361 16.82 -27.64 -5.04
N PRO C 362 16.46 -28.41 -3.99
CA PRO C 362 17.50 -29.26 -3.38
C PRO C 362 17.87 -30.49 -4.18
N LEU C 363 17.14 -30.80 -5.26
CA LEU C 363 17.52 -31.93 -6.09
C LEU C 363 18.65 -31.56 -7.04
N PHE C 364 18.51 -30.44 -7.74
CA PHE C 364 19.51 -30.06 -8.74
C PHE C 364 20.72 -29.38 -8.13
N ILE C 365 20.59 -28.81 -6.93
CA ILE C 365 21.75 -28.34 -6.20
C ILE C 365 22.56 -29.53 -5.70
N GLY C 366 21.89 -30.53 -5.15
CA GLY C 366 22.56 -31.74 -4.71
C GLY C 366 23.09 -32.58 -5.84
N LEU C 367 22.56 -32.39 -7.05
CA LEU C 367 23.11 -33.08 -8.21
C LEU C 367 24.42 -32.45 -8.63
N ALA C 368 24.56 -31.13 -8.45
CA ALA C 368 25.79 -30.43 -8.78
C ALA C 368 26.85 -30.52 -7.69
N GLN C 369 26.58 -31.23 -6.59
CA GLN C 369 27.65 -31.60 -5.68
C GLN C 369 28.31 -32.89 -6.14
N THR C 370 27.55 -33.75 -6.81
CA THR C 370 28.11 -35.00 -7.34
C THR C 370 29.06 -34.71 -8.48
N LEU C 371 28.59 -34.04 -9.51
CA LEU C 371 29.44 -33.56 -10.59
C LEU C 371 30.10 -32.27 -10.13
N GLY C 372 31.43 -32.28 -10.08
CA GLY C 372 32.15 -31.15 -9.56
C GLY C 372 32.91 -31.51 -8.31
N ALA C 373 33.14 -32.80 -8.12
CA ALA C 373 33.97 -33.32 -7.04
C ALA C 373 35.33 -33.77 -7.57
N GLY C 374 35.80 -33.11 -8.63
CA GLY C 374 37.07 -33.44 -9.25
C GLY C 374 37.10 -33.11 -10.73
N ALA D 2 -33.02 -7.55 -21.92
CA ALA D 2 -34.20 -6.84 -21.47
C ALA D 2 -35.04 -7.71 -20.56
N LYS D 3 -34.48 -8.02 -19.39
CA LYS D 3 -35.17 -8.75 -18.35
C LYS D 3 -35.25 -7.88 -17.12
N PRO D 4 -36.43 -7.59 -16.59
CA PRO D 4 -36.52 -6.63 -15.49
C PRO D 4 -36.01 -7.21 -14.18
N ALA D 5 -35.41 -6.34 -13.38
CA ALA D 5 -34.78 -6.77 -12.14
C ALA D 5 -34.95 -5.69 -11.09
N ASN D 6 -34.56 -6.03 -9.87
CA ASN D 6 -34.54 -5.09 -8.75
C ASN D 6 -33.12 -5.02 -8.22
N LYS D 7 -32.63 -3.81 -8.02
CA LYS D 7 -31.27 -3.60 -7.55
C LYS D 7 -31.32 -3.22 -6.07
N LEU D 8 -30.99 -4.18 -5.21
CA LEU D 8 -30.93 -3.91 -3.78
C LEU D 8 -29.55 -3.45 -3.38
N VAL D 9 -29.48 -2.38 -2.61
CA VAL D 9 -28.21 -1.82 -2.15
C VAL D 9 -28.19 -1.79 -0.64
N ILE D 10 -27.16 -2.39 -0.04
CA ILE D 10 -26.94 -2.36 1.40
C ILE D 10 -25.63 -1.63 1.65
N VAL D 11 -25.68 -0.54 2.41
CA VAL D 11 -24.50 0.17 2.85
C VAL D 11 -24.39 0.03 4.35
N THR D 12 -23.29 -0.54 4.83
CA THR D 12 -23.14 -0.84 6.25
C THR D 12 -21.67 -0.81 6.61
N GLU D 13 -21.35 -1.21 7.83
CA GLU D 13 -19.97 -1.19 8.32
C GLU D 13 -19.16 -2.30 7.68
N LYS D 14 -17.85 -2.08 7.62
CA LYS D 14 -16.92 -2.98 6.94
C LYS D 14 -16.80 -4.33 7.63
N ILE D 15 -17.02 -4.38 8.95
CA ILE D 15 -16.87 -5.62 9.72
C ILE D 15 -17.90 -6.68 9.35
N LEU D 16 -19.02 -6.30 8.74
CA LEU D 16 -20.09 -7.22 8.42
C LEU D 16 -19.98 -7.80 7.01
N LEU D 17 -18.77 -7.83 6.45
CA LEU D 17 -18.60 -8.32 5.09
C LEU D 17 -18.80 -9.83 5.04
N LYS D 18 -18.37 -10.54 6.08
CA LYS D 18 -18.47 -11.99 6.07
C LYS D 18 -19.89 -12.46 6.36
N LYS D 19 -20.63 -11.71 7.17
CA LYS D 19 -21.92 -12.18 7.65
C LYS D 19 -23.03 -11.87 6.66
N ILE D 20 -22.91 -10.77 5.93
CA ILE D 20 -23.96 -10.37 5.01
C ILE D 20 -23.84 -11.14 3.70
N ALA D 21 -22.61 -11.48 3.28
CA ALA D 21 -22.44 -12.34 2.11
C ALA D 21 -22.94 -13.75 2.37
N LYS D 22 -23.01 -14.17 3.63
CA LYS D 22 -23.64 -15.45 3.94
C LYS D 22 -25.15 -15.38 3.76
N ILE D 23 -25.77 -14.26 4.14
CA ILE D 23 -27.23 -14.13 4.06
C ILE D 23 -27.69 -14.09 2.61
N ILE D 24 -26.90 -13.43 1.74
CA ILE D 24 -27.24 -13.33 0.32
C ILE D 24 -27.17 -14.70 -0.35
N ASP D 25 -26.21 -15.53 0.06
CA ASP D 25 -26.05 -16.84 -0.54
C ASP D 25 -27.06 -17.86 -0.01
N GLU D 26 -27.74 -17.53 1.09
CA GLU D 26 -28.79 -18.37 1.62
C GLU D 26 -30.16 -18.09 1.01
N SER D 27 -30.33 -16.94 0.37
CA SER D 27 -31.64 -16.54 -0.12
C SER D 27 -31.91 -16.94 -1.56
N GLY D 28 -30.92 -17.45 -2.27
CA GLY D 28 -31.11 -17.83 -3.65
C GLY D 28 -30.74 -16.77 -4.65
N ALA D 29 -30.09 -15.70 -4.22
CA ALA D 29 -29.58 -14.70 -5.13
C ALA D 29 -28.37 -15.24 -5.87
N LYS D 30 -28.27 -14.91 -7.15
CA LYS D 30 -27.23 -15.47 -8.01
C LYS D 30 -25.87 -14.83 -7.79
N GLY D 31 -25.80 -13.65 -7.17
CA GLY D 31 -24.53 -13.01 -6.97
C GLY D 31 -24.71 -11.67 -6.30
N TYR D 32 -23.59 -10.98 -6.14
CA TYR D 32 -23.58 -9.66 -5.52
C TYR D 32 -22.31 -8.95 -5.95
N THR D 33 -22.23 -7.66 -5.63
CA THR D 33 -21.07 -6.83 -5.89
C THR D 33 -20.76 -6.04 -4.63
N VAL D 34 -19.48 -5.94 -4.26
CA VAL D 34 -19.09 -5.21 -3.05
C VAL D 34 -18.07 -4.14 -3.41
N MET D 35 -18.18 -2.99 -2.75
CA MET D 35 -17.23 -1.90 -2.85
C MET D 35 -16.80 -1.51 -1.44
N ASN D 36 -15.60 -0.97 -1.30
CA ASN D 36 -15.23 -0.29 -0.07
C ASN D 36 -15.52 1.19 -0.25
N THR D 37 -16.39 1.73 0.60
CA THR D 37 -16.82 3.12 0.51
C THR D 37 -16.58 3.81 1.84
N GLY D 38 -16.65 5.14 1.81
CA GLY D 38 -16.75 5.95 3.00
C GLY D 38 -18.15 6.51 3.18
N GLY D 39 -18.25 7.47 4.07
CA GLY D 39 -19.52 8.17 4.24
C GLY D 39 -19.77 8.52 5.69
N LYS D 40 -20.81 9.32 5.89
CA LYS D 40 -21.17 9.85 7.18
C LYS D 40 -22.65 9.61 7.44
N GLY D 41 -23.01 9.43 8.71
CA GLY D 41 -24.38 9.22 9.11
C GLY D 41 -24.59 9.54 10.57
N SER D 42 -25.33 8.68 11.28
CA SER D 42 -25.53 8.84 12.71
C SER D 42 -24.52 8.06 13.54
N ARG D 43 -24.39 6.76 13.27
CA ARG D 43 -23.41 5.91 13.94
C ARG D 43 -22.12 5.97 13.13
N ASN D 44 -21.26 6.93 13.45
CA ASN D 44 -20.05 7.14 12.65
C ASN D 44 -18.82 6.43 13.20
N VAL D 45 -18.90 5.85 14.39
CA VAL D 45 -17.73 5.21 14.98
C VAL D 45 -17.54 3.83 14.38
N ARG D 46 -16.29 3.51 14.00
CA ARG D 46 -15.96 2.26 13.34
C ARG D 46 -14.84 1.56 14.09
N SER D 47 -14.71 0.26 13.82
CA SER D 47 -13.60 -0.54 14.32
C SER D 47 -13.40 -1.67 13.32
N SER D 48 -12.42 -1.53 12.44
CA SER D 48 -12.23 -2.44 11.33
C SER D 48 -11.04 -3.37 11.49
N GLY D 49 -10.25 -3.22 12.55
CA GLY D 49 -9.03 -3.98 12.70
C GLY D 49 -7.80 -3.32 12.13
N GLN D 50 -7.93 -2.08 11.66
CA GLN D 50 -6.83 -1.27 11.15
C GLN D 50 -6.91 0.07 11.85
N PRO D 51 -5.85 0.88 11.79
CA PRO D 51 -5.90 2.23 12.36
C PRO D 51 -6.99 3.09 11.73
N ASN D 52 -7.75 3.76 12.60
CA ASN D 52 -8.88 4.58 12.19
C ASN D 52 -8.43 5.80 11.40
N THR D 53 -7.25 6.34 11.71
CA THR D 53 -6.76 7.52 11.01
C THR D 53 -6.42 7.25 9.55
N SER D 54 -6.07 6.02 9.20
CA SER D 54 -5.86 5.61 7.83
C SER D 54 -7.06 4.91 7.23
N ASP D 55 -8.17 4.83 7.96
CA ASP D 55 -9.36 4.13 7.50
C ASP D 55 -10.33 5.15 6.93
N ILE D 56 -10.06 5.57 5.69
CA ILE D 56 -10.89 6.59 5.07
C ILE D 56 -12.11 5.97 4.42
N GLU D 57 -12.05 4.70 4.03
CA GLU D 57 -13.18 3.99 3.44
C GLU D 57 -13.50 2.82 4.35
N ALA D 58 -14.43 3.03 5.27
CA ALA D 58 -14.73 2.07 6.32
C ALA D 58 -16.09 1.42 6.17
N ASN D 59 -16.74 1.53 5.02
CA ASN D 59 -18.03 0.93 4.76
C ASN D 59 -17.94 -0.06 3.60
N ILE D 60 -18.96 -0.90 3.48
CA ILE D 60 -19.19 -1.71 2.29
C ILE D 60 -20.49 -1.27 1.63
N LYS D 61 -20.53 -1.32 0.30
CA LYS D 61 -21.75 -1.17 -0.46
C LYS D 61 -22.00 -2.48 -1.18
N PHE D 62 -23.05 -3.17 -0.79
CA PHE D 62 -23.50 -4.36 -1.51
C PHE D 62 -24.43 -3.94 -2.64
N GLU D 63 -24.41 -4.69 -3.73
CA GLU D 63 -25.33 -4.49 -4.83
C GLU D 63 -25.81 -5.85 -5.33
N ILE D 64 -27.08 -6.14 -5.10
CA ILE D 64 -27.64 -7.44 -5.42
C ILE D 64 -28.76 -7.24 -6.43
N LEU D 65 -28.69 -7.95 -7.54
CA LEU D 65 -29.72 -7.93 -8.55
C LEU D 65 -30.57 -9.19 -8.45
N THR D 66 -31.86 -9.02 -8.20
CA THR D 66 -32.79 -10.13 -8.06
C THR D 66 -33.85 -10.02 -9.13
N GLU D 67 -34.38 -11.16 -9.56
CA GLU D 67 -35.47 -11.14 -10.53
C GLU D 67 -36.77 -10.66 -9.91
N THR D 68 -37.04 -11.02 -8.67
CA THR D 68 -38.30 -10.68 -8.03
C THR D 68 -38.08 -9.64 -6.94
N ARG D 69 -39.11 -8.81 -6.77
CA ARG D 69 -39.13 -7.83 -5.69
C ARG D 69 -39.22 -8.50 -4.33
N GLU D 70 -39.84 -9.68 -4.27
CA GLU D 70 -40.10 -10.31 -2.98
C GLU D 70 -38.85 -10.93 -2.41
N MET D 71 -37.90 -11.31 -3.28
CA MET D 71 -36.64 -11.84 -2.81
C MET D 71 -35.77 -10.74 -2.24
N ALA D 72 -35.75 -9.57 -2.88
CA ALA D 72 -34.90 -8.47 -2.44
C ALA D 72 -35.39 -7.90 -1.12
N GLU D 73 -36.69 -7.93 -0.87
CA GLU D 73 -37.20 -7.55 0.44
C GLU D 73 -36.96 -8.62 1.48
N GLU D 74 -36.67 -9.86 1.07
CA GLU D 74 -36.45 -10.92 2.04
C GLU D 74 -35.00 -10.94 2.50
N ILE D 75 -34.07 -10.48 1.66
CA ILE D 75 -32.70 -10.28 2.10
C ILE D 75 -32.61 -9.07 3.02
N ALA D 76 -33.36 -8.02 2.70
CA ALA D 76 -33.31 -6.80 3.49
C ALA D 76 -33.96 -6.97 4.85
N ASP D 77 -34.99 -7.80 4.93
CA ASP D 77 -35.61 -8.06 6.23
C ASP D 77 -34.71 -8.91 7.11
N ARG D 78 -33.90 -9.78 6.50
CA ARG D 78 -33.03 -10.63 7.30
C ARG D 78 -31.81 -9.89 7.80
N VAL D 79 -31.33 -8.92 7.03
CA VAL D 79 -30.14 -8.16 7.43
C VAL D 79 -30.51 -7.14 8.49
N ALA D 80 -31.62 -6.43 8.29
CA ALA D 80 -31.96 -5.32 9.17
C ALA D 80 -32.45 -5.78 10.53
N VAL D 81 -33.06 -6.97 10.60
CA VAL D 81 -33.44 -7.52 11.89
C VAL D 81 -32.22 -7.99 12.65
N LYS D 82 -31.26 -8.60 11.94
CA LYS D 82 -30.11 -9.20 12.60
C LYS D 82 -29.09 -8.17 13.06
N TYR D 83 -28.77 -7.18 12.23
CA TYR D 83 -27.63 -6.32 12.49
C TYR D 83 -27.95 -4.85 12.66
N PHE D 84 -29.10 -4.38 12.22
CA PHE D 84 -29.29 -2.93 12.17
C PHE D 84 -29.79 -2.34 13.48
N ASN D 85 -29.93 -3.15 14.53
CA ASN D 85 -30.15 -2.57 15.85
C ASN D 85 -28.84 -2.14 16.49
N ASP D 86 -27.74 -2.77 16.09
CA ASP D 86 -26.44 -2.53 16.71
C ASP D 86 -25.42 -1.92 15.76
N TYR D 87 -25.58 -2.10 14.46
CA TYR D 87 -24.63 -1.60 13.48
C TYR D 87 -25.24 -0.51 12.63
N ALA D 88 -24.38 0.30 12.05
CA ALA D 88 -24.80 1.38 11.15
C ALA D 88 -25.23 0.79 9.82
N GLY D 89 -26.22 1.43 9.20
CA GLY D 89 -26.68 0.89 7.93
C GLY D 89 -27.85 1.56 7.26
N ILE D 90 -27.89 1.45 5.93
CA ILE D 90 -29.04 1.88 5.13
C ILE D 90 -29.25 0.84 4.04
N ILE D 91 -30.51 0.60 3.69
CA ILE D 91 -30.89 -0.35 2.65
C ILE D 91 -31.91 0.32 1.75
N TYR D 92 -31.60 0.43 0.46
CA TYR D 92 -32.56 0.96 -0.49
C TYR D 92 -32.60 0.06 -1.71
N ILE D 93 -33.61 0.26 -2.56
CA ILE D 93 -33.84 -0.60 -3.70
C ILE D 93 -34.26 0.27 -4.88
N CYS D 94 -33.63 0.05 -6.03
CA CYS D 94 -33.96 0.71 -7.28
C CYS D 94 -34.35 -0.35 -8.31
N SER D 95 -34.87 0.09 -9.43
CA SER D 95 -35.33 -0.82 -10.47
C SER D 95 -34.42 -0.74 -11.68
N ALA D 96 -34.04 -1.89 -12.22
CA ALA D 96 -33.10 -1.96 -13.33
C ALA D 96 -33.60 -2.98 -14.34
N GLU D 97 -32.85 -3.11 -15.43
CA GLU D 97 -33.12 -4.09 -16.47
C GLU D 97 -31.81 -4.73 -16.87
N VAL D 98 -31.72 -6.05 -16.74
CA VAL D 98 -30.49 -6.77 -17.07
C VAL D 98 -30.49 -7.09 -18.55
N LEU D 99 -29.42 -6.70 -19.23
CA LEU D 99 -29.29 -6.95 -20.65
C LEU D 99 -28.50 -8.21 -20.95
N TYR D 100 -27.49 -8.52 -20.13
CA TYR D 100 -26.65 -9.67 -20.34
C TYR D 100 -26.22 -10.23 -19.00
N GLY D 101 -25.82 -11.49 -18.99
CA GLY D 101 -25.45 -12.17 -17.78
C GLY D 101 -25.87 -13.62 -17.85
N HIS D 102 -24.97 -14.54 -17.55
CA HIS D 102 -25.22 -15.94 -17.83
C HIS D 102 -26.04 -16.63 -16.75
N THR D 103 -25.80 -16.31 -15.48
CA THR D 103 -26.56 -16.98 -14.43
C THR D 103 -27.85 -16.25 -14.10
N PHE D 104 -27.98 -14.99 -14.50
CA PHE D 104 -29.22 -14.25 -14.28
C PHE D 104 -30.24 -14.60 -15.35
N CYS D 105 -29.90 -14.34 -16.61
CA CYS D 105 -30.85 -14.55 -17.70
C CYS D 105 -30.96 -16.02 -18.06
N GLY D 106 -29.96 -16.82 -17.71
CA GLY D 106 -29.95 -18.21 -18.07
C GLY D 106 -29.21 -18.42 -19.37
N PRO D 107 -29.11 -19.69 -19.81
CA PRO D 107 -28.48 -19.96 -21.11
C PRO D 107 -29.37 -19.60 -22.29
N GLU D 108 -30.66 -19.39 -22.05
CA GLU D 108 -31.59 -19.04 -23.12
C GLU D 108 -31.32 -17.63 -23.61
N GLY D 109 -31.03 -16.68 -22.71
CA GLY D 109 -30.68 -15.34 -23.10
C GLY D 109 -31.73 -14.32 -22.73
N CYS D 110 -31.34 -13.06 -22.80
CA CYS D 110 -32.23 -11.95 -22.48
C CYS D 110 -31.88 -10.71 -23.28
N ASP E 2 15.82 6.55 45.39
CA ASP E 2 14.68 5.88 45.99
C ASP E 2 13.75 5.32 44.91
N PHE E 3 12.44 5.51 45.10
CA PHE E 3 11.45 5.04 44.13
C PHE E 3 10.98 6.18 43.22
N LEU E 4 10.43 7.24 43.82
CA LEU E 4 9.99 8.38 43.03
C LEU E 4 11.14 9.29 42.61
N SER E 5 12.30 9.15 43.24
CA SER E 5 13.49 9.80 42.72
C SER E 5 13.99 9.09 41.47
N ASN E 6 13.76 7.78 41.40
CA ASN E 6 14.17 7.01 40.23
C ASN E 6 13.21 7.23 39.08
N PHE E 7 11.92 7.47 39.38
CA PHE E 7 10.89 7.46 38.34
C PHE E 7 10.94 8.73 37.48
N LEU E 8 11.13 9.90 38.12
CA LEU E 8 10.96 11.16 37.41
C LEU E 8 12.10 11.40 36.42
N THR E 9 13.32 11.00 36.78
CA THR E 9 14.42 11.09 35.82
C THR E 9 14.37 9.95 34.81
N ASP E 10 13.60 8.90 35.08
CA ASP E 10 13.31 7.93 34.04
C ASP E 10 12.17 8.37 33.15
N PHE E 11 11.36 9.32 33.61
CA PHE E 11 10.24 9.79 32.81
C PHE E 11 10.71 10.79 31.76
N VAL E 12 11.59 11.72 32.14
CA VAL E 12 12.12 12.68 31.19
C VAL E 12 13.24 12.01 30.39
N GLY E 13 13.78 10.91 30.92
CA GLY E 13 14.78 10.14 30.20
C GLY E 13 14.18 9.39 29.04
N GLN E 14 12.90 9.04 29.15
CA GLN E 14 12.24 8.38 28.03
C GLN E 14 11.58 9.35 27.08
N LEU E 15 11.23 10.55 27.53
CA LEU E 15 10.80 11.59 26.62
C LEU E 15 11.95 12.14 25.79
N GLN E 16 13.19 11.98 26.24
CA GLN E 16 14.38 12.41 25.51
C GLN E 16 14.95 11.25 24.71
N SER E 17 14.06 10.39 24.23
CA SER E 17 14.44 9.17 23.51
C SER E 17 13.36 8.91 22.48
N PRO E 18 13.63 8.04 21.48
CA PRO E 18 12.53 7.60 20.62
C PRO E 18 11.59 6.67 21.36
N THR E 19 10.56 6.18 20.65
CA THR E 19 9.51 5.25 21.06
C THR E 19 8.49 5.91 22.00
N LEU E 20 8.77 7.11 22.51
CA LEU E 20 7.77 7.88 23.24
C LEU E 20 7.65 9.23 22.57
N ALA E 21 8.75 9.71 21.99
CA ALA E 21 8.72 10.97 21.27
C ALA E 21 7.91 10.88 19.99
N PHE E 22 7.96 9.73 19.32
CA PHE E 22 7.13 9.55 18.14
C PHE E 22 5.67 9.35 18.52
N LEU E 23 5.41 8.87 19.73
CA LEU E 23 4.04 8.83 20.25
C LEU E 23 3.52 10.24 20.51
N ILE E 24 4.32 11.07 21.17
CA ILE E 24 3.95 12.46 21.40
C ILE E 24 3.95 13.24 20.10
N GLY E 25 4.90 12.97 19.22
CA GLY E 25 4.99 13.71 17.97
C GLY E 25 3.84 13.45 17.03
N GLY E 26 3.34 12.21 17.03
CA GLY E 26 2.13 11.91 16.29
C GLY E 26 0.89 12.51 16.90
N MET E 27 0.89 12.70 18.20
CA MET E 27 -0.27 13.26 18.89
C MET E 27 -0.32 14.76 18.72
N VAL E 28 0.82 15.41 18.56
CA VAL E 28 0.87 16.85 18.39
C VAL E 28 0.45 17.24 16.98
N ILE E 29 0.98 16.53 15.97
CA ILE E 29 0.66 16.91 14.59
C ILE E 29 -0.78 16.56 14.23
N ALA E 30 -1.36 15.58 14.92
CA ALA E 30 -2.77 15.30 14.72
C ALA E 30 -3.64 16.35 15.37
N ALA E 31 -3.17 16.93 16.48
CA ALA E 31 -3.90 18.02 17.13
C ALA E 31 -3.81 19.30 16.31
N LEU E 32 -2.68 19.50 15.62
CA LEU E 32 -2.53 20.65 14.74
C LEU E 32 -3.21 20.46 13.39
N GLY E 33 -3.76 19.29 13.13
CA GLY E 33 -4.61 19.07 11.98
C GLY E 33 -3.88 18.75 10.69
N THR E 34 -2.88 17.87 10.75
CA THR E 34 -2.10 17.57 9.57
C THR E 34 -2.89 16.70 8.60
N GLN E 35 -2.52 16.78 7.32
CA GLN E 35 -3.03 15.89 6.30
C GLN E 35 -2.08 14.73 6.03
N LEU E 36 -1.01 14.62 6.82
CA LEU E 36 -0.12 13.48 6.71
C LEU E 36 -0.83 12.24 7.23
N VAL E 37 -0.92 11.23 6.39
CA VAL E 37 -1.45 9.94 6.80
C VAL E 37 -0.41 8.88 6.45
N ILE E 38 -0.35 7.84 7.27
CA ILE E 38 0.45 6.66 6.95
C ILE E 38 -0.51 5.70 6.28
N PRO E 39 -0.19 5.13 5.13
CA PRO E 39 -1.16 4.29 4.43
C PRO E 39 -1.41 2.97 5.16
N GLU E 40 -2.57 2.40 4.88
CA GLU E 40 -3.03 1.22 5.60
C GLU E 40 -2.23 -0.01 5.20
N ALA E 41 -1.67 -0.01 3.99
CA ALA E 41 -0.78 -1.09 3.57
C ALA E 41 0.54 -1.05 4.32
N ILE E 42 1.01 0.13 4.67
CA ILE E 42 2.25 0.24 5.44
C ILE E 42 2.02 -0.14 6.90
N SER E 43 0.84 0.17 7.44
CA SER E 43 0.55 -0.17 8.82
C SER E 43 0.35 -1.66 9.01
N THR E 44 -0.11 -2.36 7.97
CA THR E 44 -0.29 -3.80 8.04
C THR E 44 1.04 -4.54 7.99
N ILE E 45 1.98 -4.09 7.15
CA ILE E 45 3.24 -4.79 7.04
C ILE E 45 4.17 -4.45 8.21
N ILE E 46 3.92 -3.36 8.93
CA ILE E 46 4.77 -3.02 10.08
C ILE E 46 4.43 -3.92 11.25
N VAL E 47 3.13 -4.14 11.49
CA VAL E 47 2.68 -5.04 12.55
C VAL E 47 3.11 -6.48 12.26
N PHE E 48 3.12 -6.85 10.99
CA PHE E 48 3.65 -8.16 10.59
C PHE E 48 5.14 -8.27 10.90
N MET E 49 5.90 -7.21 10.61
CA MET E 49 7.35 -7.27 10.76
C MET E 49 7.77 -7.27 12.22
N LEU E 50 7.03 -6.55 13.07
CA LEU E 50 7.38 -6.49 14.48
C LEU E 50 7.01 -7.77 15.20
N LEU E 51 5.85 -8.35 14.87
CA LEU E 51 5.38 -9.51 15.60
C LEU E 51 6.02 -10.80 15.09
N THR E 52 6.53 -10.80 13.87
CA THR E 52 7.31 -11.96 13.41
C THR E 52 8.67 -12.00 14.09
N LYS E 53 9.27 -10.84 14.30
CA LYS E 53 10.57 -10.78 14.97
C LYS E 53 10.47 -11.21 16.42
N ILE E 54 9.40 -10.78 17.11
CA ILE E 54 9.15 -11.20 18.48
C ILE E 54 8.89 -12.69 18.55
N GLY E 55 8.19 -13.22 17.56
CA GLY E 55 7.95 -14.66 17.51
C GLY E 55 9.19 -15.46 17.20
N LEU E 56 10.11 -14.92 16.39
CA LEU E 56 11.31 -15.65 16.02
C LEU E 56 12.26 -15.80 17.21
N THR E 57 12.37 -14.75 18.03
CA THR E 57 13.19 -14.85 19.24
C THR E 57 12.52 -15.75 20.27
N GLY E 58 11.22 -15.60 20.44
CA GLY E 58 10.46 -16.45 21.32
C GLY E 58 10.16 -17.77 20.66
N GLY E 59 11.12 -18.67 20.64
CA GLY E 59 11.00 -19.88 19.87
C GLY E 59 12.36 -20.33 19.36
N MET E 60 13.26 -19.38 19.17
CA MET E 60 14.67 -19.74 19.17
C MET E 60 15.19 -19.92 20.57
N ALA E 61 14.44 -19.48 21.58
CA ALA E 61 14.75 -19.68 22.98
C ALA E 61 13.92 -20.80 23.59
N ILE E 62 12.78 -21.13 22.99
CA ILE E 62 11.91 -22.18 23.52
C ILE E 62 12.54 -23.55 23.31
N ARG E 63 13.16 -23.78 22.15
CA ARG E 63 13.78 -25.06 21.88
C ARG E 63 15.03 -25.31 22.72
N ASN E 64 15.59 -24.26 23.34
CA ASN E 64 16.63 -24.42 24.34
C ASN E 64 16.06 -24.50 25.75
N SER E 65 14.80 -24.14 25.95
CA SER E 65 14.23 -24.00 27.28
C SER E 65 13.83 -25.34 27.86
N ASN E 66 13.38 -25.30 29.12
CA ASN E 66 13.03 -26.49 29.88
C ASN E 66 11.53 -26.78 29.86
N LEU E 67 10.72 -25.80 29.46
CA LEU E 67 9.25 -25.82 29.44
C LEU E 67 8.64 -26.04 30.82
N THR E 68 9.40 -25.79 31.89
CA THR E 68 8.84 -25.64 33.22
C THR E 68 9.13 -24.26 33.80
N GLU E 69 10.08 -23.53 33.22
CA GLU E 69 10.25 -22.13 33.56
C GLU E 69 9.12 -21.28 33.03
N MET E 70 8.51 -21.69 31.92
CA MET E 70 7.39 -20.99 31.31
C MET E 70 6.09 -21.69 31.64
N LEU E 71 5.97 -22.17 32.88
CA LEU E 71 4.72 -22.76 33.35
C LEU E 71 3.94 -21.81 34.24
N LEU E 72 4.59 -21.19 35.20
CA LEU E 72 3.95 -20.18 36.04
C LEU E 72 3.72 -18.83 35.37
N PRO E 73 4.59 -18.30 34.49
CA PRO E 73 4.19 -17.08 33.75
C PRO E 73 3.05 -17.31 32.77
N VAL E 74 2.91 -18.51 32.20
CA VAL E 74 1.76 -18.77 31.35
C VAL E 74 0.51 -18.94 32.19
N ALA E 75 0.62 -19.53 33.38
CA ALA E 75 -0.52 -19.65 34.27
C ALA E 75 -0.93 -18.29 34.84
N PHE E 76 0.04 -17.42 35.11
CA PHE E 76 -0.28 -16.13 35.71
C PHE E 76 -0.85 -15.15 34.70
N SER E 77 -0.47 -15.29 33.42
CA SER E 77 -0.98 -14.37 32.42
C SER E 77 -2.36 -14.78 31.93
N VAL E 78 -2.76 -16.03 32.17
CA VAL E 78 -4.15 -16.42 31.92
C VAL E 78 -5.05 -15.87 33.02
N ILE E 79 -4.58 -15.91 34.27
CA ILE E 79 -5.35 -15.43 35.41
C ILE E 79 -5.53 -13.92 35.32
N LEU E 80 -4.49 -13.21 34.88
CA LEU E 80 -4.57 -11.76 34.76
C LEU E 80 -5.55 -11.31 33.69
N GLY E 81 -5.69 -12.10 32.63
CA GLY E 81 -6.68 -11.79 31.62
C GLY E 81 -8.10 -11.92 32.13
N ILE E 82 -8.34 -12.86 33.03
CA ILE E 82 -9.67 -13.05 33.58
C ILE E 82 -9.94 -12.06 34.72
N LEU E 83 -8.92 -11.75 35.51
CA LEU E 83 -9.09 -10.90 36.68
C LEU E 83 -9.34 -9.45 36.31
N ILE E 84 -8.77 -8.98 35.20
CA ILE E 84 -8.92 -7.58 34.81
C ILE E 84 -10.34 -7.28 34.39
N VAL E 85 -10.99 -8.21 33.67
CA VAL E 85 -12.39 -8.05 33.32
C VAL E 85 -13.29 -8.10 34.55
N PHE E 86 -12.91 -8.90 35.56
CA PHE E 86 -13.69 -8.96 36.78
C PHE E 86 -13.45 -7.77 37.70
N ILE E 87 -12.35 -7.06 37.53
CA ILE E 87 -12.15 -5.82 38.29
C ILE E 87 -13.05 -4.73 37.75
N ALA E 88 -13.17 -4.64 36.42
CA ALA E 88 -14.03 -3.63 35.81
C ALA E 88 -15.51 -3.94 36.00
N ARG E 89 -15.87 -5.19 36.31
CA ARG E 89 -17.25 -5.53 36.61
C ARG E 89 -17.67 -4.97 37.97
N PHE E 90 -16.76 -4.92 38.93
CA PHE E 90 -17.12 -4.53 40.29
C PHE E 90 -16.70 -3.12 40.67
N THR E 91 -15.93 -2.43 39.85
CA THR E 91 -15.55 -1.05 40.12
C THR E 91 -16.15 -0.07 39.12
N LEU E 92 -15.90 -0.28 37.83
CA LEU E 92 -16.38 0.66 36.82
C LEU E 92 -17.88 0.57 36.62
N ALA E 93 -18.46 -0.63 36.71
CA ALA E 93 -19.89 -0.79 36.47
C ALA E 93 -20.76 -0.40 37.65
N LYS E 94 -20.17 -0.10 38.80
CA LYS E 94 -20.92 0.32 39.99
C LYS E 94 -20.95 1.84 40.11
N LEU E 95 -20.67 2.53 39.02
CA LEU E 95 -20.67 3.98 38.95
C LEU E 95 -21.98 4.47 38.34
N PRO E 96 -22.37 5.76 38.59
CA PRO E 96 -23.72 6.24 38.21
C PRO E 96 -24.17 6.11 36.77
N ASN E 97 -23.46 6.66 35.79
CA ASN E 97 -23.94 6.67 34.42
C ASN E 97 -23.10 5.75 33.55
N VAL E 98 -22.67 4.61 34.09
CA VAL E 98 -21.91 3.62 33.34
C VAL E 98 -22.82 2.42 33.16
N ARG E 99 -23.10 2.06 31.91
CA ARG E 99 -23.83 0.83 31.64
C ARG E 99 -22.94 -0.37 31.92
N THR E 100 -23.57 -1.44 32.40
CA THR E 100 -22.81 -2.63 32.79
C THR E 100 -22.23 -3.35 31.57
N VAL E 101 -22.93 -3.28 30.44
CA VAL E 101 -22.46 -3.96 29.25
C VAL E 101 -21.37 -3.15 28.56
N ASP E 102 -21.25 -1.87 28.91
CA ASP E 102 -20.15 -1.05 28.40
C ASP E 102 -18.91 -1.20 29.25
N ALA E 103 -19.07 -1.45 30.55
CA ALA E 103 -17.91 -1.63 31.42
C ALA E 103 -17.26 -2.99 31.20
N LEU E 104 -18.06 -4.00 30.87
CA LEU E 104 -17.50 -5.33 30.62
C LEU E 104 -16.77 -5.37 29.28
N ALA E 105 -17.18 -4.54 28.34
CA ALA E 105 -16.45 -4.43 27.08
C ALA E 105 -15.20 -3.61 27.23
N THR E 106 -15.22 -2.62 28.14
CA THR E 106 -14.01 -1.84 28.39
C THR E 106 -12.98 -2.66 29.15
N GLY E 107 -13.42 -3.44 30.14
CA GLY E 107 -12.50 -4.28 30.87
C GLY E 107 -11.94 -5.41 30.03
N GLY E 108 -12.67 -5.81 28.98
CA GLY E 108 -12.14 -6.80 28.06
C GLY E 108 -11.04 -6.26 27.17
N LEU E 109 -11.07 -4.96 26.86
CA LEU E 109 -10.00 -4.37 26.08
C LEU E 109 -8.78 -4.09 26.94
N PHE E 110 -8.98 -3.77 28.21
CA PHE E 110 -7.86 -3.52 29.10
C PHE E 110 -7.23 -4.81 29.61
N GLY E 111 -7.90 -5.94 29.44
CA GLY E 111 -7.26 -7.21 29.71
C GLY E 111 -6.50 -7.73 28.51
N ALA E 112 -6.96 -7.41 27.31
CA ALA E 112 -6.25 -7.77 26.10
C ALA E 112 -4.97 -6.95 25.97
N VAL E 113 -4.10 -7.39 25.07
CA VAL E 113 -2.76 -6.84 24.98
C VAL E 113 -2.62 -6.07 23.68
N SER E 114 -1.92 -4.94 23.76
CA SER E 114 -1.47 -4.21 22.59
C SER E 114 -0.10 -4.72 22.19
N GLY E 115 0.04 -5.19 20.95
CA GLY E 115 1.35 -5.58 20.47
C GLY E 115 2.25 -4.39 20.21
N SER E 116 1.64 -3.20 20.07
CA SER E 116 2.42 -1.96 19.86
C SER E 116 3.06 -1.56 21.20
N THR E 117 2.38 -1.81 22.32
CA THR E 117 2.93 -1.48 23.63
C THR E 117 3.92 -2.52 24.09
N MET E 118 3.72 -3.79 23.72
CA MET E 118 4.66 -4.84 24.09
C MET E 118 5.98 -4.69 23.35
N ALA E 119 5.92 -4.27 22.09
CA ALA E 119 7.15 -4.05 21.33
C ALA E 119 7.88 -2.81 21.83
N ALA E 120 7.15 -1.83 22.37
CA ALA E 120 7.77 -0.67 22.97
C ALA E 120 8.45 -0.98 24.30
N ALA E 121 8.01 -2.04 24.97
CA ALA E 121 8.62 -2.40 26.25
C ALA E 121 9.89 -3.22 26.07
N LEU E 122 9.96 -4.00 24.99
CA LEU E 122 11.15 -4.81 24.76
C LEU E 122 12.32 -3.94 24.30
N THR E 123 12.04 -2.88 23.54
CA THR E 123 13.10 -2.01 23.07
C THR E 123 13.63 -1.12 24.18
N THR E 124 12.76 -0.76 25.12
CA THR E 124 13.22 0.06 26.24
C THR E 124 14.04 -0.78 27.21
N LEU E 125 13.76 -2.07 27.30
CA LEU E 125 14.54 -2.96 28.15
C LEU E 125 15.92 -3.21 27.54
N GLU E 126 16.02 -3.19 26.22
CA GLU E 126 17.30 -3.41 25.56
C GLU E 126 18.24 -2.23 25.79
N GLU E 127 17.75 -1.00 25.61
CA GLU E 127 18.62 0.15 25.79
C GLU E 127 18.66 0.65 27.23
N SER E 128 17.97 0.00 28.16
CA SER E 128 18.26 0.15 29.57
C SER E 128 19.15 -0.97 30.08
N LYS E 129 19.52 -1.90 29.19
CA LYS E 129 20.43 -3.02 29.46
C LYS E 129 19.93 -3.89 30.61
N ILE E 130 18.69 -4.38 30.45
CA ILE E 130 18.09 -5.33 31.37
C ILE E 130 17.79 -6.58 30.58
N SER E 131 18.31 -7.72 31.04
CA SER E 131 18.07 -8.98 30.36
C SER E 131 16.69 -9.52 30.70
N TYR E 132 16.04 -10.10 29.70
CA TYR E 132 14.73 -10.70 29.91
C TYR E 132 14.70 -12.03 29.16
N GLU E 133 13.74 -12.88 29.53
CA GLU E 133 13.55 -14.13 28.83
C GLU E 133 13.02 -13.85 27.43
N ALA E 134 13.63 -14.47 26.43
CA ALA E 134 13.29 -14.16 25.05
C ALA E 134 11.94 -14.71 24.63
N TRP E 135 11.41 -15.68 25.36
CA TRP E 135 10.08 -16.21 25.10
C TRP E 135 8.97 -15.42 25.78
N ALA E 136 9.30 -14.29 26.43
CA ALA E 136 8.28 -13.54 27.16
C ALA E 136 7.31 -12.84 26.23
N GLY E 137 7.69 -12.65 24.97
CA GLY E 137 6.74 -12.18 23.98
C GLY E 137 5.67 -13.19 23.63
N ALA E 138 5.91 -14.48 23.88
CA ALA E 138 4.91 -15.51 23.65
C ALA E 138 3.87 -15.60 24.75
N LEU E 139 3.94 -14.75 25.76
CA LEU E 139 2.86 -14.59 26.73
C LEU E 139 1.73 -13.72 26.19
N TYR E 140 1.92 -13.11 25.03
CA TYR E 140 0.93 -12.22 24.43
C TYR E 140 -0.41 -12.89 24.10
N PRO E 141 -0.48 -14.09 23.50
CA PRO E 141 -1.82 -14.69 23.31
C PRO E 141 -2.42 -15.26 24.57
N PHE E 142 -1.62 -15.54 25.61
CA PHE E 142 -2.16 -16.15 26.81
C PHE E 142 -2.85 -15.16 27.73
N MET E 143 -2.73 -13.86 27.48
CA MET E 143 -3.52 -12.86 28.19
C MET E 143 -4.59 -12.23 27.30
N ASP E 144 -4.29 -12.07 26.01
CA ASP E 144 -5.20 -11.41 25.08
C ASP E 144 -6.48 -12.21 24.88
N ILE E 145 -6.35 -13.51 24.68
CA ILE E 145 -7.48 -14.39 24.38
C ILE E 145 -8.35 -14.72 25.60
N PRO E 146 -7.83 -15.06 26.80
CA PRO E 146 -8.76 -15.27 27.92
C PRO E 146 -9.44 -14.01 28.42
N ALA E 147 -8.96 -12.83 28.04
CA ALA E 147 -9.64 -11.61 28.44
C ALA E 147 -10.81 -11.31 27.52
N LEU E 148 -10.65 -11.54 26.21
CA LEU E 148 -11.73 -11.30 25.28
C LEU E 148 -12.81 -12.36 25.39
N VAL E 149 -12.44 -13.57 25.80
CA VAL E 149 -13.44 -14.62 25.99
C VAL E 149 -14.25 -14.35 27.25
N THR E 150 -13.59 -13.90 28.32
CA THR E 150 -14.28 -13.63 29.57
C THR E 150 -15.23 -12.44 29.47
N ALA E 151 -14.87 -11.43 28.67
CA ALA E 151 -15.75 -10.28 28.51
C ALA E 151 -17.01 -10.66 27.74
N ILE E 152 -16.88 -11.53 26.74
CA ILE E 152 -18.04 -11.92 25.95
C ILE E 152 -18.93 -12.88 26.72
N VAL E 153 -18.34 -13.77 27.52
CA VAL E 153 -19.11 -14.76 28.26
C VAL E 153 -19.87 -14.10 29.41
N VAL E 154 -19.21 -13.22 30.16
CA VAL E 154 -19.85 -12.60 31.32
C VAL E 154 -20.92 -11.60 30.89
N ALA E 155 -20.70 -10.89 29.78
CA ALA E 155 -21.72 -9.94 29.31
C ALA E 155 -22.94 -10.66 28.76
N ASN E 156 -22.76 -11.81 28.12
CA ASN E 156 -23.90 -12.54 27.60
C ASN E 156 -24.69 -13.22 28.71
N ILE E 157 -24.06 -13.49 29.86
CA ILE E 157 -24.81 -13.98 31.01
C ILE E 157 -25.65 -12.85 31.59
N TYR E 158 -25.10 -11.63 31.61
CA TYR E 158 -25.82 -10.49 32.17
C TYR E 158 -27.00 -10.08 31.31
N LEU E 159 -26.88 -10.25 29.99
CA LEU E 159 -28.00 -9.89 29.11
C LEU E 159 -29.13 -10.91 29.21
N ASN E 160 -28.81 -12.15 29.58
CA ASN E 160 -29.86 -13.15 29.76
C ASN E 160 -30.49 -13.03 31.14
N LYS E 161 -29.73 -12.53 32.12
CA LYS E 161 -30.31 -12.25 33.43
C LYS E 161 -31.32 -11.11 33.35
N ARG E 162 -31.00 -10.07 32.57
CA ARG E 162 -31.89 -8.92 32.46
C ARG E 162 -33.10 -9.23 31.61
N LYS E 163 -33.00 -10.21 30.71
CA LYS E 163 -34.17 -10.60 29.92
C LYS E 163 -35.16 -11.39 30.77
N ARG E 164 -34.66 -12.13 31.75
CA ARG E 164 -35.52 -12.93 32.61
C ARG E 164 -35.60 -12.33 34.01
N ARG E 208 -24.29 -20.48 27.43
CA ARG E 208 -25.03 -20.60 26.18
C ARG E 208 -24.16 -20.22 24.99
N VAL E 209 -23.25 -19.28 25.22
CA VAL E 209 -22.40 -18.74 24.18
C VAL E 209 -21.31 -19.76 23.83
N LYS E 210 -20.98 -19.86 22.54
CA LYS E 210 -19.99 -20.80 22.06
C LYS E 210 -18.60 -20.22 22.25
N ILE E 211 -17.80 -20.86 23.10
CA ILE E 211 -16.49 -20.31 23.47
C ILE E 211 -15.45 -20.53 22.39
N TRP E 212 -15.44 -21.72 21.77
CA TRP E 212 -14.37 -22.07 20.83
C TRP E 212 -14.34 -21.23 19.55
N PRO E 213 -15.46 -20.82 18.93
CA PRO E 213 -15.36 -19.86 17.82
C PRO E 213 -14.78 -18.50 18.21
N ILE E 214 -14.88 -18.08 19.47
CA ILE E 214 -14.21 -16.86 19.88
C ILE E 214 -12.69 -17.06 19.92
N ILE E 215 -12.23 -18.23 20.38
CA ILE E 215 -10.80 -18.54 20.38
C ILE E 215 -10.30 -18.75 18.96
N GLU E 216 -11.16 -19.24 18.07
CA GLU E 216 -10.76 -19.47 16.69
C GLU E 216 -10.59 -18.17 15.92
N GLU E 217 -11.43 -17.18 16.21
CA GLU E 217 -11.31 -15.88 15.56
C GLU E 217 -10.09 -15.12 16.07
N SER E 218 -9.73 -15.29 17.33
CA SER E 218 -8.60 -14.58 17.89
C SER E 218 -7.27 -15.17 17.42
N LEU E 219 -7.22 -16.48 17.25
CA LEU E 219 -6.01 -17.12 16.73
C LEU E 219 -5.78 -16.80 15.26
N GLN E 220 -6.84 -16.51 14.51
CA GLN E 220 -6.73 -16.26 13.09
C GLN E 220 -6.60 -14.79 12.75
N GLY E 221 -6.46 -13.92 13.75
CA GLY E 221 -6.28 -12.51 13.51
C GLY E 221 -4.91 -12.23 12.93
N PRO E 222 -4.77 -11.12 12.21
CA PRO E 222 -3.50 -10.88 11.49
C PRO E 222 -2.32 -10.60 12.39
N ALA E 223 -2.56 -10.07 13.58
CA ALA E 223 -1.48 -9.81 14.52
C ALA E 223 -0.99 -11.10 15.16
N LEU E 224 -1.92 -11.92 15.66
CA LEU E 224 -1.53 -13.07 16.44
C LEU E 224 -1.11 -14.24 15.56
N SER E 225 -1.52 -14.24 14.28
CA SER E 225 -1.05 -15.26 13.36
C SER E 225 0.38 -15.01 12.93
N ALA E 226 0.81 -13.75 12.94
CA ALA E 226 2.19 -13.44 12.58
C ALA E 226 3.16 -13.86 13.69
N MET E 227 2.73 -13.79 14.94
CA MET E 227 3.58 -14.23 16.03
C MET E 227 3.67 -15.74 16.09
N LEU E 228 2.54 -16.43 15.88
CA LEU E 228 2.53 -17.88 15.92
C LEU E 228 3.30 -18.47 14.75
N LEU E 229 3.31 -17.77 13.62
CA LEU E 229 4.18 -18.15 12.51
C LEU E 229 5.65 -18.03 12.90
N GLY E 230 5.99 -16.94 13.56
CA GLY E 230 7.34 -16.74 14.06
C GLY E 230 7.77 -17.69 15.14
N LEU E 231 6.86 -18.06 16.04
CA LEU E 231 7.11 -19.09 17.04
C LEU E 231 7.43 -20.44 16.41
N ALA E 232 6.66 -20.84 15.40
CA ALA E 232 6.87 -22.14 14.77
C ALA E 232 8.15 -22.17 13.95
N LEU E 233 8.51 -21.05 13.31
CA LEU E 233 9.74 -21.01 12.53
C LEU E 233 10.95 -20.90 13.44
N GLY E 234 10.77 -20.41 14.66
CA GLY E 234 11.88 -20.38 15.60
C GLY E 234 12.18 -21.75 16.17
N ILE E 235 11.14 -22.54 16.42
CA ILE E 235 11.33 -23.82 17.10
C ILE E 235 11.82 -24.88 16.12
N PHE E 236 11.08 -25.08 15.04
CA PHE E 236 11.31 -26.23 14.16
C PHE E 236 12.34 -25.97 13.07
N THR E 237 12.77 -24.73 12.88
CA THR E 237 13.60 -24.34 11.75
C THR E 237 14.82 -23.58 12.31
N LYS E 238 15.72 -23.15 11.42
CA LYS E 238 16.88 -22.34 11.78
C LYS E 238 16.82 -21.02 11.02
N PRO E 239 16.06 -20.05 11.52
CA PRO E 239 15.88 -18.79 10.78
C PRO E 239 16.89 -17.70 11.12
N GLU E 240 18.03 -18.07 11.70
CA GLU E 240 18.98 -17.09 12.24
C GLU E 240 19.58 -16.18 11.16
N SER E 241 19.63 -16.63 9.92
CA SER E 241 20.23 -15.82 8.87
C SER E 241 19.31 -14.69 8.44
N VAL E 242 18.01 -14.97 8.29
CA VAL E 242 17.08 -13.92 7.91
C VAL E 242 16.71 -13.06 9.12
N TYR E 243 16.92 -13.57 10.34
CA TYR E 243 16.61 -12.79 11.52
C TYR E 243 17.66 -11.72 11.77
N GLU E 244 18.94 -12.07 11.64
CA GLU E 244 20.01 -11.13 11.93
C GLU E 244 20.18 -10.11 10.82
N GLY E 245 19.65 -10.39 9.63
CA GLY E 245 19.84 -9.50 8.51
C GLY E 245 18.65 -8.60 8.23
N PHE E 246 17.45 -9.06 8.54
CA PHE E 246 16.23 -8.33 8.17
C PHE E 246 15.38 -7.94 9.36
N TYR E 247 14.97 -8.89 10.19
CA TYR E 247 13.91 -8.62 11.16
C TYR E 247 14.44 -7.91 12.39
N ASP E 248 15.67 -8.19 12.78
CA ASP E 248 16.30 -7.51 13.90
C ASP E 248 16.83 -6.11 13.59
N PRO E 249 17.54 -5.83 12.47
CA PRO E 249 18.00 -4.45 12.27
C PRO E 249 16.90 -3.48 11.87
N LEU E 250 15.74 -3.96 11.46
CA LEU E 250 14.64 -3.10 11.08
C LEU E 250 13.61 -2.93 12.19
N PHE E 251 13.89 -3.41 13.41
CA PHE E 251 12.86 -3.44 14.45
C PHE E 251 12.62 -2.05 15.03
N ARG E 252 13.68 -1.38 15.48
CA ARG E 252 13.51 -0.13 16.20
C ARG E 252 13.08 1.01 15.30
N GLY E 253 13.38 0.92 14.01
CA GLY E 253 12.96 1.95 13.09
C GLY E 253 11.53 1.81 12.65
N LEU E 254 11.08 0.57 12.43
CA LEU E 254 9.68 0.35 12.09
C LEU E 254 8.78 0.58 13.28
N LEU E 255 9.31 0.46 14.49
CA LEU E 255 8.51 0.73 15.68
C LEU E 255 8.28 2.22 15.86
N SER E 256 9.23 3.05 15.43
CA SER E 256 9.06 4.49 15.53
C SER E 256 7.99 5.00 14.58
N ILE E 257 7.76 4.32 13.47
CA ILE E 257 6.64 4.69 12.60
C ILE E 257 5.33 4.23 13.22
N LEU E 258 5.32 3.05 13.83
CA LEU E 258 4.12 2.57 14.50
C LEU E 258 3.80 3.41 15.74
N MET E 259 4.83 3.92 16.42
CA MET E 259 4.60 4.87 17.50
C MET E 259 4.01 6.17 16.98
N LEU E 260 4.31 6.54 15.74
CA LEU E 260 3.69 7.72 15.16
C LEU E 260 2.23 7.46 14.84
N ILE E 261 1.91 6.25 14.36
CA ILE E 261 0.54 5.90 14.02
C ILE E 261 -0.33 5.83 15.28
N MET E 262 0.12 5.07 16.27
CA MET E 262 -0.55 5.05 17.56
C MET E 262 -0.23 6.34 18.29
N GLY E 263 -1.13 7.30 18.23
CA GLY E 263 -0.84 8.64 18.70
C GLY E 263 -1.48 9.64 17.76
N MET E 264 -1.46 9.34 16.47
CA MET E 264 -2.46 9.92 15.59
C MET E 264 -3.79 9.19 15.78
N GLU E 265 -3.72 7.93 16.18
CA GLU E 265 -4.90 7.18 16.58
C GLU E 265 -5.49 7.75 17.86
N ALA E 266 -4.63 8.19 18.77
CA ALA E 266 -5.09 8.63 20.09
C ALA E 266 -5.85 9.94 19.99
N TRP E 267 -5.39 10.85 19.14
CA TRP E 267 -6.08 12.13 19.00
C TRP E 267 -7.40 11.97 18.26
N SER E 268 -7.51 11.01 17.34
CA SER E 268 -8.74 10.84 16.59
C SER E 268 -9.84 10.17 17.39
N ARG E 269 -9.52 9.61 18.56
CA ARG E 269 -10.49 8.94 19.40
C ARG E 269 -10.87 9.76 20.63
N ILE E 270 -10.36 10.98 20.77
CA ILE E 270 -10.71 11.81 21.91
C ILE E 270 -12.14 12.34 21.79
N GLY E 271 -12.59 12.62 20.56
CA GLY E 271 -13.96 13.06 20.36
C GLY E 271 -15.00 11.99 20.66
N GLU E 272 -14.62 10.72 20.58
CA GLU E 272 -15.53 9.66 20.98
C GLU E 272 -15.68 9.59 22.49
N LEU E 273 -14.74 10.17 23.22
CA LEU E 273 -14.74 10.07 24.67
C LEU E 273 -15.55 11.17 25.33
N ARG E 274 -16.02 12.16 24.57
CA ARG E 274 -16.89 13.19 25.13
C ARG E 274 -18.34 12.76 25.18
N LYS E 275 -18.68 11.59 24.67
CA LYS E 275 -20.06 11.18 24.50
C LYS E 275 -20.47 10.03 25.41
N VAL E 276 -19.68 9.70 26.43
CA VAL E 276 -20.00 8.54 27.24
C VAL E 276 -20.21 8.89 28.72
N ALA E 277 -19.15 9.33 29.40
CA ALA E 277 -19.16 9.67 30.82
C ALA E 277 -17.82 10.29 31.18
N GLN E 278 -17.72 10.88 32.37
CA GLN E 278 -16.41 11.35 32.81
C GLN E 278 -15.69 10.29 33.62
N TRP E 279 -16.37 9.17 33.92
CA TRP E 279 -15.74 8.09 34.66
C TRP E 279 -14.92 7.17 33.77
N TYR E 280 -15.07 7.24 32.45
CA TYR E 280 -14.16 6.49 31.59
C TYR E 280 -12.82 7.17 31.48
N VAL E 281 -12.77 8.47 31.74
CA VAL E 281 -11.48 9.18 31.78
C VAL E 281 -10.73 8.82 33.05
N VAL E 282 -11.44 8.73 34.17
CA VAL E 282 -10.80 8.38 35.44
C VAL E 282 -10.38 6.91 35.43
N TYR E 283 -11.17 6.05 34.77
CA TYR E 283 -10.79 4.64 34.68
C TYR E 283 -9.57 4.46 33.81
N SER E 284 -9.53 5.12 32.66
CA SER E 284 -8.43 4.89 31.72
C SER E 284 -7.12 5.49 32.18
N LEU E 285 -7.13 6.36 33.19
CA LEU E 285 -5.88 6.94 33.66
C LEU E 285 -5.24 6.08 34.73
N ILE E 286 -6.02 5.41 35.57
CA ILE E 286 -5.46 4.74 36.74
C ILE E 286 -5.54 3.22 36.63
N ALA E 287 -6.39 2.69 35.76
CA ALA E 287 -6.43 1.24 35.62
C ALA E 287 -5.23 0.63 34.89
N PRO E 288 -4.55 1.28 33.92
CA PRO E 288 -3.27 0.73 33.48
C PRO E 288 -2.21 0.64 34.56
N ILE E 289 -2.23 1.55 35.53
CA ILE E 289 -1.25 1.48 36.61
C ILE E 289 -1.60 0.39 37.60
N VAL E 290 -2.90 0.20 37.89
CA VAL E 290 -3.32 -0.80 38.85
C VAL E 290 -3.13 -2.21 38.30
N HIS E 291 -3.46 -2.41 37.01
CA HIS E 291 -3.28 -3.72 36.40
C HIS E 291 -1.81 -4.09 36.25
N GLY E 292 -0.94 -3.10 36.15
CA GLY E 292 0.48 -3.37 36.10
C GLY E 292 1.04 -3.72 37.46
N PHE E 293 0.46 -3.16 38.52
CA PHE E 293 0.96 -3.45 39.87
C PHE E 293 0.51 -4.81 40.35
N ILE E 294 -0.66 -5.28 39.91
CA ILE E 294 -1.08 -6.64 40.23
C ILE E 294 -0.23 -7.65 39.47
N ALA E 295 0.13 -7.32 38.23
CA ALA E 295 0.97 -8.21 37.43
C ALA E 295 2.41 -8.22 37.94
N PHE E 296 2.88 -7.11 38.50
CA PHE E 296 4.23 -7.10 39.03
C PHE E 296 4.32 -7.93 40.30
N GLY E 297 3.26 -7.92 41.10
CA GLY E 297 3.23 -8.77 42.27
C GLY E 297 3.12 -10.24 41.92
N LEU E 298 2.40 -10.56 40.85
CA LEU E 298 2.32 -11.94 40.41
C LEU E 298 3.61 -12.39 39.76
N GLY E 299 4.34 -11.46 39.14
CA GLY E 299 5.62 -11.80 38.55
C GLY E 299 6.70 -12.04 39.58
N MET E 300 6.61 -11.39 40.73
CA MET E 300 7.58 -11.62 41.80
C MET E 300 7.37 -12.95 42.49
N ILE E 301 6.19 -13.54 42.38
CA ILE E 301 5.99 -14.91 42.85
C ILE E 301 6.74 -15.90 41.97
N ALA E 302 6.68 -15.72 40.65
CA ALA E 302 7.42 -16.57 39.73
C ALA E 302 8.92 -16.33 39.79
N HIS E 303 9.34 -15.13 40.20
CA HIS E 303 10.77 -14.86 40.33
C HIS E 303 11.38 -15.59 41.51
N TYR E 304 10.61 -15.78 42.58
CA TYR E 304 11.10 -16.44 43.77
C TYR E 304 10.90 -17.94 43.73
N ALA E 305 10.30 -18.47 42.67
CA ALA E 305 9.95 -19.88 42.62
C ALA E 305 10.62 -20.61 41.47
N THR E 306 10.69 -20.00 40.29
CA THR E 306 11.29 -20.64 39.12
C THR E 306 12.42 -19.83 38.54
N GLY E 307 12.84 -18.74 39.18
CA GLY E 307 13.92 -17.94 38.65
C GLY E 307 13.56 -17.11 37.44
N PHE E 308 12.27 -16.81 37.24
CA PHE E 308 11.81 -15.91 36.20
C PHE E 308 12.39 -14.52 36.42
N SER E 309 13.19 -14.06 35.45
CA SER E 309 14.07 -12.91 35.63
C SER E 309 13.28 -11.62 35.81
N LEU E 310 13.95 -10.61 36.37
CA LEU E 310 13.30 -9.34 36.68
C LEU E 310 12.98 -8.55 35.42
N GLY E 311 13.71 -8.79 34.33
CA GLY E 311 13.31 -8.22 33.07
C GLY E 311 12.07 -8.85 32.49
N GLY E 312 11.75 -10.08 32.89
CA GLY E 312 10.54 -10.72 32.43
C GLY E 312 9.30 -10.32 33.19
N VAL E 313 9.46 -9.88 34.44
CA VAL E 313 8.29 -9.43 35.19
C VAL E 313 7.93 -8.00 34.79
N VAL E 314 8.85 -7.29 34.15
CA VAL E 314 8.52 -6.00 33.55
C VAL E 314 7.71 -6.22 32.28
N VAL E 315 8.06 -7.25 31.51
CA VAL E 315 7.27 -7.62 30.33
C VAL E 315 5.88 -8.07 30.76
N LEU E 316 5.77 -8.78 31.88
CA LEU E 316 4.47 -9.21 32.36
C LEU E 316 3.64 -8.04 32.87
N ALA E 317 4.29 -7.01 33.41
CA ALA E 317 3.55 -5.87 33.94
C ALA E 317 3.06 -4.94 32.84
N VAL E 318 3.87 -4.74 31.81
CA VAL E 318 3.48 -3.84 30.72
C VAL E 318 2.42 -4.48 29.84
N ILE E 319 2.51 -5.80 29.63
CA ILE E 319 1.48 -6.53 28.91
C ILE E 319 0.13 -6.45 29.62
N ALA E 320 0.12 -6.49 30.95
CA ALA E 320 -1.12 -6.31 31.68
C ALA E 320 -1.55 -4.85 31.77
N ALA E 321 -0.66 -3.92 31.51
CA ALA E 321 -1.03 -2.51 31.51
C ALA E 321 -1.58 -2.04 30.17
N SER E 322 -1.21 -2.75 29.10
CA SER E 322 -1.63 -2.33 27.74
C SER E 322 -3.09 -2.69 27.44
N SER E 323 -3.68 -1.99 26.49
CA SER E 323 -5.03 -2.22 26.00
C SER E 323 -5.00 -2.27 24.48
N SER E 324 -5.62 -3.34 23.98
CA SER E 324 -5.64 -3.74 22.55
C SER E 324 -5.51 -2.57 21.58
N ASP E 325 -6.66 -2.03 21.13
CA ASP E 325 -6.65 -0.88 20.19
C ASP E 325 -7.05 -1.31 18.78
N ILE E 326 -6.39 -2.36 18.24
CA ILE E 326 -6.66 -2.79 16.83
C ILE E 326 -7.41 -4.12 16.74
N SER E 327 -6.76 -5.22 17.10
CA SER E 327 -7.34 -6.59 16.97
C SER E 327 -8.46 -6.86 17.98
N GLY E 328 -8.54 -6.09 19.05
CA GLY E 328 -9.58 -6.33 20.08
C GLY E 328 -10.97 -5.87 19.69
N PRO E 329 -11.20 -4.57 19.47
CA PRO E 329 -12.54 -4.01 19.17
C PRO E 329 -13.31 -4.69 18.05
N PRO E 330 -12.68 -5.28 17.01
CA PRO E 330 -13.49 -6.13 16.11
C PRO E 330 -14.00 -7.40 16.76
N THR E 331 -13.27 -7.98 17.71
CA THR E 331 -13.74 -9.18 18.38
C THR E 331 -14.87 -8.87 19.35
N LEU E 332 -14.77 -7.75 20.05
CA LEU E 332 -15.80 -7.39 21.02
C LEU E 332 -17.04 -6.81 20.37
N ARG E 333 -16.92 -6.33 19.13
CA ARG E 333 -18.09 -5.84 18.42
C ARG E 333 -19.00 -7.00 18.02
N ALA E 334 -18.40 -8.08 17.52
CA ALA E 334 -19.18 -9.25 17.15
C ALA E 334 -19.67 -10.00 18.38
N GLY E 335 -18.86 -10.03 19.43
CA GLY E 335 -19.24 -10.78 20.62
C GLY E 335 -20.27 -10.05 21.46
N ILE E 336 -20.02 -8.77 21.72
CA ILE E 336 -20.95 -7.93 22.48
C ILE E 336 -21.45 -6.81 21.56
N PRO E 337 -22.48 -7.04 20.75
CA PRO E 337 -22.94 -5.98 19.84
C PRO E 337 -23.73 -4.89 20.51
N SER E 338 -24.25 -5.13 21.71
CA SER E 338 -25.06 -4.15 22.42
C SER E 338 -24.22 -3.10 23.14
N ALA E 339 -22.90 -3.21 23.12
CA ALA E 339 -22.05 -2.25 23.80
C ALA E 339 -21.82 -1.02 22.93
N ASN E 340 -21.72 0.13 23.58
CA ASN E 340 -21.46 1.39 22.90
C ASN E 340 -20.00 1.42 22.48
N PRO E 341 -19.69 1.47 21.18
CA PRO E 341 -18.28 1.41 20.76
C PRO E 341 -17.51 2.68 21.04
N SER E 342 -18.20 3.78 21.34
CA SER E 342 -17.49 4.98 21.78
C SER E 342 -16.94 4.83 23.18
N ALA E 343 -17.47 3.90 23.97
CA ALA E 343 -17.04 3.74 25.35
C ALA E 343 -15.71 3.02 25.43
N TYR E 344 -15.59 1.85 24.81
CA TYR E 344 -14.38 1.06 24.99
C TYR E 344 -13.29 1.37 23.99
N ILE E 345 -13.62 1.84 22.79
CA ILE E 345 -12.56 2.28 21.88
C ILE E 345 -12.01 3.63 22.33
N GLY E 346 -12.87 4.53 22.80
CA GLY E 346 -12.40 5.82 23.25
C GLY E 346 -11.59 5.74 24.53
N SER E 347 -11.89 4.76 25.38
CA SER E 347 -11.14 4.60 26.62
C SER E 347 -9.76 4.00 26.36
N SER E 348 -9.71 2.96 25.53
CA SER E 348 -8.49 2.18 25.41
C SER E 348 -7.49 2.84 24.47
N THR E 349 -7.97 3.54 23.45
CA THR E 349 -7.08 4.10 22.45
C THR E 349 -6.65 5.53 22.76
N ALA E 350 -7.57 6.37 23.25
CA ALA E 350 -7.23 7.77 23.43
C ALA E 350 -6.40 8.01 24.68
N ILE E 351 -6.61 7.23 25.74
CA ILE E 351 -5.93 7.43 27.01
C ILE E 351 -5.10 6.22 27.40
N GLY E 352 -5.65 5.01 27.24
CA GLY E 352 -5.06 3.85 27.86
C GLY E 352 -3.73 3.41 27.25
N THR E 353 -3.57 3.62 25.96
CA THR E 353 -2.31 3.32 25.29
C THR E 353 -1.25 4.41 25.50
N PRO E 354 -1.55 5.73 25.47
CA PRO E 354 -0.51 6.69 25.89
C PRO E 354 -0.10 6.60 27.35
N ILE E 355 -1.00 6.16 28.23
CA ILE E 355 -0.62 6.00 29.64
C ILE E 355 0.28 4.78 29.80
N ALA E 356 0.01 3.70 29.07
CA ALA E 356 0.82 2.49 29.19
C ALA E 356 2.21 2.66 28.59
N ILE E 357 2.32 3.47 27.53
CA ILE E 357 3.64 3.72 26.95
C ILE E 357 4.34 4.86 27.68
N GLY E 358 3.61 5.93 27.96
CA GLY E 358 4.21 7.10 28.56
C GLY E 358 4.52 6.98 30.04
N VAL E 359 3.62 6.40 30.82
CA VAL E 359 3.77 6.38 32.26
C VAL E 359 4.19 5.00 32.76
N CYS E 360 3.51 3.96 32.29
CA CYS E 360 3.71 2.63 32.86
C CYS E 360 5.02 1.97 32.45
N ILE E 361 5.55 2.25 31.27
CA ILE E 361 6.83 1.67 30.87
C ILE E 361 7.98 2.25 31.69
N PRO E 362 8.16 3.58 31.87
CA PRO E 362 9.25 4.01 32.75
C PRO E 362 8.97 3.83 34.23
N LEU E 363 7.75 3.48 34.62
CA LEU E 363 7.48 3.22 36.03
C LEU E 363 7.96 1.83 36.43
N PHE E 364 7.60 0.81 35.65
CA PHE E 364 7.93 -0.57 36.02
C PHE E 364 9.35 -0.94 35.64
N ILE E 365 9.95 -0.24 34.69
CA ILE E 365 11.38 -0.41 34.44
C ILE E 365 12.18 0.20 35.58
N GLY E 366 11.79 1.39 36.02
CA GLY E 366 12.45 2.03 37.14
C GLY E 366 12.18 1.33 38.47
N LEU E 367 11.10 0.55 38.53
CA LEU E 367 10.85 -0.25 39.73
C LEU E 367 11.80 -1.44 39.79
N ALA E 368 12.17 -1.99 38.63
CA ALA E 368 13.09 -3.10 38.58
C ALA E 368 14.55 -2.67 38.63
N GLN E 369 14.83 -1.38 38.78
CA GLN E 369 16.17 -0.97 39.16
C GLN E 369 16.33 -0.97 40.67
N THR E 370 15.23 -0.75 41.39
CA THR E 370 15.25 -0.79 42.84
C THR E 370 15.46 -2.22 43.34
N LEU E 371 14.59 -3.12 42.94
CA LEU E 371 14.77 -4.55 43.21
C LEU E 371 15.74 -5.09 42.16
N GLY E 372 16.86 -5.62 42.61
CA GLY E 372 17.88 -6.08 41.70
C GLY E 372 19.15 -5.28 41.84
N ALA E 373 19.29 -4.60 42.99
CA ALA E 373 20.51 -3.88 43.35
C ALA E 373 21.29 -4.66 44.40
N GLY E 374 21.18 -5.99 44.37
CA GLY E 374 21.87 -6.84 45.31
C GLY E 374 21.14 -8.15 45.57
N ALA F 2 -40.31 1.10 2.61
CA ALA F 2 -40.96 1.60 1.40
C ALA F 2 -41.26 3.09 1.54
N LYS F 3 -40.20 3.88 1.60
CA LYS F 3 -40.30 5.33 1.62
C LYS F 3 -39.59 5.88 0.40
N PRO F 4 -40.25 6.64 -0.46
CA PRO F 4 -39.60 7.05 -1.70
C PRO F 4 -38.53 8.12 -1.48
N ALA F 5 -37.49 8.06 -2.30
CA ALA F 5 -36.34 8.93 -2.13
C ALA F 5 -35.79 9.29 -3.50
N ASN F 6 -34.84 10.21 -3.50
CA ASN F 6 -34.10 10.60 -4.69
C ASN F 6 -32.63 10.36 -4.44
N LYS F 7 -31.96 9.71 -5.37
CA LYS F 7 -30.55 9.38 -5.24
C LYS F 7 -29.75 10.35 -6.11
N LEU F 8 -29.13 11.34 -5.47
CA LEU F 8 -28.26 12.28 -6.17
C LEU F 8 -26.84 11.76 -6.22
N VAL F 9 -26.23 11.81 -7.40
CA VAL F 9 -24.86 11.34 -7.59
C VAL F 9 -24.02 12.47 -8.14
N ILE F 10 -22.91 12.76 -7.46
CA ILE F 10 -21.94 13.75 -7.91
C ILE F 10 -20.63 13.04 -8.17
N VAL F 11 -20.13 13.12 -9.39
CA VAL F 11 -18.82 12.59 -9.75
C VAL F 11 -17.93 13.76 -10.11
N THR F 12 -16.83 13.93 -9.39
CA THR F 12 -15.97 15.10 -9.58
C THR F 12 -14.55 14.73 -9.20
N GLU F 13 -13.66 15.71 -9.17
CA GLU F 13 -12.25 15.49 -8.87
C GLU F 13 -12.05 15.20 -7.39
N LYS F 14 -10.97 14.47 -7.10
CA LYS F 14 -10.68 14.00 -5.75
C LYS F 14 -10.37 15.13 -4.77
N ILE F 15 -9.85 16.25 -5.27
CA ILE F 15 -9.46 17.38 -4.42
C ILE F 15 -10.64 18.05 -3.74
N LEU F 16 -11.86 17.87 -4.26
CA LEU F 16 -13.04 18.54 -3.73
C LEU F 16 -13.77 17.70 -2.70
N LEU F 17 -13.08 16.77 -2.05
CA LEU F 17 -13.73 15.90 -1.07
C LEU F 17 -14.11 16.68 0.19
N LYS F 18 -13.28 17.63 0.59
CA LYS F 18 -13.54 18.38 1.80
C LYS F 18 -14.62 19.42 1.61
N LYS F 19 -14.70 20.00 0.41
CA LYS F 19 -15.58 21.14 0.19
C LYS F 19 -17.00 20.72 -0.13
N ILE F 20 -17.15 19.57 -0.79
CA ILE F 20 -18.49 19.12 -1.18
C ILE F 20 -19.19 18.45 0.00
N ALA F 21 -18.44 17.77 0.87
CA ALA F 21 -19.03 17.22 2.08
C ALA F 21 -19.49 18.31 3.04
N LYS F 22 -18.90 19.51 2.93
CA LYS F 22 -19.41 20.64 3.70
C LYS F 22 -20.76 21.12 3.17
N ILE F 23 -20.93 21.12 1.85
CA ILE F 23 -22.17 21.62 1.25
C ILE F 23 -23.33 20.69 1.55
N ILE F 24 -23.07 19.38 1.57
CA ILE F 24 -24.12 18.40 1.86
C ILE F 24 -24.59 18.52 3.30
N ASP F 25 -23.66 18.83 4.22
CA ASP F 25 -24.03 18.92 5.63
C ASP F 25 -24.69 20.25 5.96
N GLU F 26 -24.63 21.22 5.05
CA GLU F 26 -25.31 22.50 5.22
C GLU F 26 -26.74 22.47 4.70
N SER F 27 -27.09 21.51 3.87
CA SER F 27 -28.39 21.50 3.22
C SER F 27 -29.45 20.71 3.98
N GLY F 28 -29.08 19.99 5.03
CA GLY F 28 -30.04 19.21 5.77
C GLY F 28 -30.14 17.77 5.34
N ALA F 29 -29.23 17.30 4.49
CA ALA F 29 -29.19 15.90 4.12
C ALA F 29 -28.65 15.08 5.29
N LYS F 30 -29.22 13.89 5.48
CA LYS F 30 -28.89 13.07 6.62
C LYS F 30 -27.57 12.34 6.49
N GLY F 31 -27.04 12.22 5.28
CA GLY F 31 -25.79 11.52 5.11
C GLY F 31 -25.41 11.45 3.65
N TYR F 32 -24.31 10.77 3.39
CA TYR F 32 -23.80 10.58 2.03
C TYR F 32 -22.89 9.37 2.03
N THR F 33 -22.49 8.97 0.83
CA THR F 33 -21.58 7.86 0.61
C THR F 33 -20.54 8.30 -0.42
N VAL F 34 -19.27 8.00 -0.17
CA VAL F 34 -18.19 8.40 -1.08
C VAL F 34 -17.41 7.16 -1.52
N MET F 35 -17.01 7.16 -2.78
CA MET F 35 -16.13 6.15 -3.35
C MET F 35 -14.97 6.85 -4.03
N ASN F 36 -13.83 6.17 -4.12
CA ASN F 36 -12.77 6.62 -5.01
C ASN F 36 -12.93 5.89 -6.34
N THR F 37 -13.12 6.65 -7.41
CA THR F 37 -13.37 6.10 -8.73
C THR F 37 -12.35 6.67 -9.72
N GLY F 38 -12.27 6.03 -10.88
CA GLY F 38 -11.60 6.59 -12.03
C GLY F 38 -12.59 7.04 -13.08
N GLY F 39 -12.08 7.30 -14.27
CA GLY F 39 -12.95 7.63 -15.37
C GLY F 39 -12.34 8.67 -16.28
N LYS F 40 -12.99 8.89 -17.41
CA LYS F 40 -12.53 9.79 -18.46
C LYS F 40 -13.65 10.72 -18.87
N GLY F 41 -13.27 11.93 -19.27
CA GLY F 41 -14.22 12.92 -19.73
C GLY F 41 -13.56 13.98 -20.59
N SER F 42 -13.89 15.25 -20.37
CA SER F 42 -13.26 16.35 -21.08
C SER F 42 -12.07 16.92 -20.32
N ARG F 43 -12.27 17.30 -19.06
CA ARG F 43 -11.19 17.79 -18.22
C ARG F 43 -10.55 16.60 -17.52
N ASN F 44 -9.55 16.00 -18.16
CA ASN F 44 -8.95 14.78 -17.63
C ASN F 44 -7.72 15.01 -16.77
N VAL F 45 -7.21 16.24 -16.71
CA VAL F 45 -5.99 16.50 -15.94
C VAL F 45 -6.32 16.63 -14.46
N ARG F 46 -5.53 15.96 -13.62
CA ARG F 46 -5.78 15.93 -12.19
C ARG F 46 -4.52 16.35 -11.44
N SER F 47 -4.72 16.73 -10.18
CA SER F 47 -3.62 17.02 -9.26
C SER F 47 -4.13 16.73 -7.86
N SER F 48 -3.78 15.56 -7.33
CA SER F 48 -4.34 15.07 -6.08
C SER F 48 -3.37 15.14 -4.91
N GLY F 49 -2.13 15.54 -5.14
CA GLY F 49 -1.13 15.50 -4.10
C GLY F 49 -0.34 14.22 -4.04
N GLN F 50 -0.55 13.31 -4.98
CA GLN F 50 0.19 12.05 -5.11
C GLN F 50 0.67 11.98 -6.55
N PRO F 51 1.62 11.08 -6.84
CA PRO F 51 2.04 10.89 -8.24
C PRO F 51 0.91 10.46 -9.15
N ASN F 52 0.83 11.12 -10.30
CA ASN F 52 -0.24 10.89 -11.27
C ASN F 52 -0.15 9.51 -11.90
N THR F 53 1.07 8.97 -12.04
CA THR F 53 1.24 7.66 -12.65
C THR F 53 0.70 6.53 -11.78
N SER F 54 0.65 6.71 -10.47
CA SER F 54 0.03 5.77 -9.56
C SER F 54 -1.38 6.17 -9.16
N ASP F 55 -1.92 7.23 -9.75
CA ASP F 55 -3.24 7.74 -9.40
C ASP F 55 -4.22 7.23 -10.44
N ILE F 56 -4.62 5.97 -10.27
CA ILE F 56 -5.53 5.35 -11.23
C ILE F 56 -6.98 5.67 -10.90
N GLU F 57 -7.29 5.96 -9.64
CA GLU F 57 -8.64 6.34 -9.23
C GLU F 57 -8.55 7.75 -8.64
N ALA F 58 -8.79 8.75 -9.48
CA ALA F 58 -8.58 10.14 -9.12
C ALA F 58 -9.88 10.93 -8.99
N ASN F 59 -11.03 10.26 -8.91
CA ASN F 59 -12.31 10.92 -8.76
C ASN F 59 -12.99 10.47 -7.47
N ILE F 60 -14.02 11.23 -7.06
CA ILE F 60 -14.95 10.81 -6.02
C ILE F 60 -16.33 10.65 -6.63
N LYS F 61 -17.08 9.68 -6.14
CA LYS F 61 -18.49 9.54 -6.45
C LYS F 61 -19.26 9.73 -5.14
N PHE F 62 -20.01 10.82 -5.05
CA PHE F 62 -20.91 11.04 -3.94
C PHE F 62 -22.25 10.38 -4.23
N GLU F 63 -22.91 9.90 -3.18
CA GLU F 63 -24.25 9.35 -3.31
C GLU F 63 -25.08 9.84 -2.13
N ILE F 64 -26.05 10.70 -2.40
CA ILE F 64 -26.85 11.33 -1.37
C ILE F 64 -28.31 10.95 -1.59
N LEU F 65 -28.93 10.40 -0.56
CA LEU F 65 -30.35 10.06 -0.60
C LEU F 65 -31.14 11.12 0.16
N THR F 66 -32.06 11.77 -0.53
CA THR F 66 -32.89 12.82 0.06
C THR F 66 -34.34 12.41 -0.05
N GLU F 67 -35.16 12.86 0.90
CA GLU F 67 -36.59 12.56 0.84
C GLU F 67 -37.27 13.37 -0.26
N THR F 68 -36.86 14.61 -0.48
CA THR F 68 -37.51 15.47 -1.44
C THR F 68 -36.62 15.70 -2.65
N ARG F 69 -37.28 15.87 -3.79
CA ARG F 69 -36.59 16.23 -5.03
C ARG F 69 -36.00 17.63 -4.96
N GLU F 70 -36.64 18.52 -4.19
CA GLU F 70 -36.23 19.91 -4.18
C GLU F 70 -34.94 20.11 -3.40
N MET F 71 -34.68 19.23 -2.42
CA MET F 71 -33.44 19.31 -1.68
C MET F 71 -32.26 18.83 -2.53
N ALA F 72 -32.48 17.77 -3.31
CA ALA F 72 -31.39 17.21 -4.11
C ALA F 72 -31.00 18.14 -5.25
N GLU F 73 -31.95 18.90 -5.77
CA GLU F 73 -31.62 19.93 -6.74
C GLU F 73 -30.98 21.14 -6.09
N GLU F 74 -31.11 21.31 -4.78
CA GLU F 74 -30.53 22.47 -4.11
C GLU F 74 -29.08 22.22 -3.75
N ILE F 75 -28.72 20.96 -3.51
CA ILE F 75 -27.30 20.60 -3.35
C ILE F 75 -26.59 20.68 -4.69
N ALA F 76 -27.26 20.26 -5.75
CA ALA F 76 -26.64 20.22 -7.07
C ALA F 76 -26.46 21.63 -7.63
N ASP F 77 -27.38 22.54 -7.32
CA ASP F 77 -27.21 23.92 -7.76
C ASP F 77 -26.08 24.62 -7.02
N ARG F 78 -25.85 24.23 -5.77
CA ARG F 78 -24.80 24.89 -4.99
C ARG F 78 -23.43 24.37 -5.37
N VAL F 79 -23.32 23.11 -5.77
CA VAL F 79 -22.03 22.54 -6.15
C VAL F 79 -21.63 23.01 -7.54
N ALA F 80 -22.58 23.00 -8.48
CA ALA F 80 -22.25 23.27 -9.87
C ALA F 80 -21.98 24.74 -10.12
N VAL F 81 -22.59 25.63 -9.33
CA VAL F 81 -22.27 27.05 -9.44
C VAL F 81 -20.90 27.33 -8.86
N LYS F 82 -20.56 26.68 -7.76
CA LYS F 82 -19.32 26.98 -7.05
C LYS F 82 -18.10 26.40 -7.74
N TYR F 83 -18.17 25.14 -8.20
CA TYR F 83 -16.96 24.43 -8.62
C TYR F 83 -16.96 23.99 -10.06
N PHE F 84 -18.10 23.91 -10.73
CA PHE F 84 -18.11 23.26 -12.03
C PHE F 84 -17.74 24.19 -13.18
N ASN F 85 -17.39 25.44 -12.91
CA ASN F 85 -16.79 26.25 -13.95
C ASN F 85 -15.29 25.97 -14.08
N ASP F 86 -14.67 25.50 -13.00
CA ASP F 86 -13.23 25.30 -12.96
C ASP F 86 -12.82 23.84 -12.80
N TYR F 87 -13.69 23.00 -12.25
CA TYR F 87 -13.36 21.62 -11.98
C TYR F 87 -14.21 20.70 -12.85
N ALA F 88 -13.71 19.49 -13.05
CA ALA F 88 -14.41 18.47 -13.80
C ALA F 88 -15.57 17.92 -12.99
N GLY F 89 -16.65 17.56 -13.67
CA GLY F 89 -17.78 17.05 -12.93
C GLY F 89 -19.04 16.70 -13.69
N ILE F 90 -19.81 15.77 -13.14
CA ILE F 90 -21.15 15.45 -13.63
C ILE F 90 -22.04 15.21 -12.42
N ILE F 91 -23.31 15.59 -12.55
CA ILE F 91 -24.30 15.42 -11.50
C ILE F 91 -25.55 14.85 -12.12
N TYR F 92 -25.98 13.68 -11.66
CA TYR F 92 -27.24 13.12 -12.12
C TYR F 92 -28.05 12.64 -10.93
N ILE F 93 -29.32 12.32 -11.18
CA ILE F 93 -30.23 11.97 -10.11
C ILE F 93 -31.13 10.83 -10.59
N CYS F 94 -31.25 9.80 -9.78
CA CYS F 94 -32.12 8.66 -10.03
C CYS F 94 -33.12 8.55 -8.89
N SER F 95 -34.12 7.70 -9.06
CA SER F 95 -35.17 7.55 -8.07
C SER F 95 -35.07 6.20 -7.39
N ALA F 96 -35.18 6.19 -6.07
CA ALA F 96 -35.02 4.98 -5.29
C ALA F 96 -36.11 4.91 -4.23
N GLU F 97 -36.10 3.82 -3.46
CA GLU F 97 -37.00 3.62 -2.33
C GLU F 97 -36.21 3.06 -1.18
N VAL F 98 -36.22 3.76 -0.05
CA VAL F 98 -35.48 3.34 1.13
C VAL F 98 -36.31 2.37 1.93
N LEU F 99 -35.75 1.19 2.20
CA LEU F 99 -36.44 0.17 2.97
C LEU F 99 -36.10 0.22 4.45
N TYR F 100 -34.86 0.57 4.78
CA TYR F 100 -34.40 0.61 6.16
C TYR F 100 -33.39 1.72 6.32
N GLY F 101 -33.22 2.16 7.55
CA GLY F 101 -32.32 3.27 7.84
C GLY F 101 -32.89 4.10 8.97
N HIS F 102 -32.09 4.38 9.99
CA HIS F 102 -32.62 4.95 11.21
C HIS F 102 -32.80 6.46 11.13
N THR F 103 -31.88 7.18 10.49
CA THR F 103 -32.01 8.62 10.44
C THR F 103 -32.81 9.07 9.22
N PHE F 104 -32.99 8.21 8.24
CA PHE F 104 -33.81 8.55 7.09
C PHE F 104 -35.28 8.34 7.38
N CYS F 105 -35.65 7.11 7.73
CA CYS F 105 -37.05 6.78 7.94
C CYS F 105 -37.53 7.27 9.31
N GLY F 106 -36.60 7.50 10.23
CA GLY F 106 -36.96 7.89 11.57
C GLY F 106 -37.08 6.69 12.48
N PRO F 107 -37.38 6.92 13.75
CA PRO F 107 -37.60 5.80 14.68
C PRO F 107 -38.94 5.11 14.47
N GLU F 108 -39.86 5.75 13.74
CA GLU F 108 -41.16 5.16 13.47
C GLU F 108 -41.03 3.98 12.53
N GLY F 109 -40.19 4.07 11.50
CA GLY F 109 -39.94 2.98 10.59
C GLY F 109 -40.50 3.21 9.21
N CYS F 110 -40.05 2.38 8.28
CA CYS F 110 -40.49 2.47 6.89
C CYS F 110 -40.48 1.11 6.22
NA NA G . 12.14 26.86 -6.49
P AMP H . -20.66 -14.17 -13.29
O1P AMP H . -19.35 -14.63 -12.73
O2P AMP H . -21.87 -14.82 -12.68
O3P AMP H . -20.72 -14.06 -14.79
O5' AMP H . -20.74 -12.67 -12.80
C5' AMP H . -19.59 -11.83 -12.83
C4' AMP H . -19.69 -10.73 -11.82
O4' AMP H . -20.94 -10.03 -12.01
C3' AMP H . -19.75 -11.18 -10.37
O3' AMP H . -18.47 -11.43 -9.81
C2' AMP H . -20.49 -10.04 -9.70
O2' AMP H . -19.62 -8.96 -9.44
C1' AMP H . -21.47 -9.61 -10.78
N9 AMP H . -22.79 -10.23 -10.62
C8 AMP H . -23.18 -11.40 -11.15
N7 AMP H . -24.46 -11.68 -10.83
C5 AMP H . -24.92 -10.68 -10.09
C6 AMP H . -26.18 -10.34 -9.42
N6 AMP H . -27.24 -11.16 -9.49
N1 AMP H . -26.24 -9.18 -8.74
C2 AMP H . -25.20 -8.36 -8.66
N3 AMP H . -24.02 -8.59 -9.24
C4 AMP H . -23.82 -9.72 -9.96
NA NA I . 9.74 -23.10 -16.78
P AMP J . -26.06 5.55 9.69
O1P AMP J . -24.71 5.64 10.36
O2P AMP J . -26.79 6.86 9.61
O3P AMP J . -26.90 4.39 10.10
O5' AMP J . -25.66 5.23 8.19
C5' AMP J . -24.63 4.32 7.89
C4' AMP J . -24.03 4.60 6.54
O4' AMP J . -25.09 4.64 5.55
C3' AMP J . -23.35 5.94 6.39
O3' AMP J . -22.02 5.93 6.87
C2' AMP J . -23.46 6.23 4.90
O2' AMP J . -22.46 5.53 4.19
C1' AMP J . -24.81 5.61 4.57
N9 AMP J . -25.90 6.60 4.58
C8 AMP J . -26.65 6.93 5.64
N7 AMP J . -27.57 7.87 5.32
C5 AMP J . -27.41 8.14 4.02
C6 AMP J . -28.07 9.03 3.05
N6 AMP J . -29.09 9.83 3.42
N1 AMP J . -27.61 9.01 1.79
C2 AMP J . -26.60 8.22 1.41
N3 AMP J . -25.97 7.39 2.25
C4 AMP J . -26.32 7.30 3.54
NA NA K . -3.72 -5.89 29.36
P AMP L . -15.73 15.86 -17.36
O1P AMP L . -14.25 15.75 -17.19
O2P AMP L . -16.23 15.48 -18.72
O3P AMP L . -16.36 17.10 -16.80
O5' AMP L . -16.27 14.71 -16.41
C5' AMP L . -15.69 14.48 -15.14
C4' AMP L . -15.89 13.06 -14.70
O4' AMP L . -17.30 12.74 -14.77
C3' AMP L . -15.23 12.01 -15.58
O3' AMP L . -13.88 11.80 -15.26
C2' AMP L . -16.10 10.78 -15.34
O2' AMP L . -15.75 10.15 -14.12
C1' AMP L . -17.48 11.41 -15.16
N9 AMP L . -18.26 11.39 -16.42
C8 AMP L . -18.27 12.36 -17.34
N7 AMP L . -19.09 12.06 -18.37
C5 AMP L . -19.63 10.87 -18.10
C6 AMP L . -20.60 9.98 -18.75
N6 AMP L . -21.15 10.29 -19.94
N1 AMP L . -20.91 8.82 -18.14
C2 AMP L . -20.37 8.50 -16.95
N3 AMP L . -19.49 9.26 -16.30
C4 AMP L . -19.09 10.44 -16.80
#